data_8I3Y
#
_entry.id   8I3Y
#
_cell.length_a   59.801
_cell.length_b   163.654
_cell.length_c   186.943
_cell.angle_alpha   90.00
_cell.angle_beta   90.00
_cell.angle_gamma   90.00
#
_symmetry.space_group_name_H-M   'P 21 21 21'
#
loop_
_entity.id
_entity.type
_entity.pdbx_description
1 polymer 'Succinyl-CoA:3-ketoacid-coenzyme A transferase'
2 non-polymer 'SUCCINYL-COENZYME A'
3 non-polymer 'CALCIUM ION'
4 non-polymer 'SUCCINIC ACID'
5 water water
#
_entity_poly.entity_id   1
_entity_poly.type   'polypeptide(L)'
_entity_poly.pdbx_seq_one_letter_code
;IGLDKVMSLSSAVQDIKNGATLAVGGFGTGGMPHAIMQEIKKMGVRDLIIYSDGAGVDGYGIGVLFENKQINKMIVSYVG
NNKIFARQYLEGDVELEFCPQGSLAERMRAGGAGIPAFYTPTAVGTVLQTGGQITKYDKNGGVLKESTPRETRFFGGRLY
CLENAIKTDFSIVKAWKGDRCGNLVFRGTARNFNVPVGQCGQTVIAEVENLVENGDIDPDEVHLPGVYVDRVVVPERYQT
LIEHRTVTRHDGAGNKPTKASTRGEEVRQRIARRAALEFANGMYVNLGIGIPTESSNYIPAGVNVVLQSENGLIGMGPFP
TEDKVDADWINAGKQTISHLAGSALFDSATSFAMIRGGHMDLTMLGALEVAANGDLANFMIPGKLVKGPGGAMDLVSCGT
RVVVTTTHCNKNGDPKIVERCRLPVTGKHCVCRIITEYAVFDVVDGRLVLKEIAEDTTVDQVKKLTGVGFDADNVITMPL
APL
;
_entity_poly.pdbx_strand_id   A,B,C,D
#
# COMPACT_ATOMS: atom_id res chain seq x y z
N GLY A 2 -5.77 -25.89 38.13
CA GLY A 2 -6.08 -24.41 37.96
C GLY A 2 -7.51 -24.10 37.47
N LEU A 3 -7.63 -23.58 36.26
CA LEU A 3 -8.92 -23.13 35.70
C LEU A 3 -9.78 -24.27 35.14
N ASP A 4 -11.09 -24.11 35.26
CA ASP A 4 -12.09 -25.08 34.83
C ASP A 4 -13.14 -24.43 33.92
N LYS A 5 -13.11 -24.77 32.63
CA LYS A 5 -13.92 -24.12 31.59
C LYS A 5 -14.96 -25.09 31.04
N VAL A 6 -15.09 -26.26 31.67
CA VAL A 6 -16.02 -27.25 31.20
C VAL A 6 -17.44 -26.72 31.40
N MET A 7 -18.31 -26.91 30.40
CA MET A 7 -19.71 -26.53 30.46
C MET A 7 -20.52 -27.67 29.89
N SER A 8 -21.80 -27.69 30.20
CA SER A 8 -22.71 -28.54 29.47
C SER A 8 -22.80 -27.99 28.03
N LEU A 9 -23.21 -28.88 27.13
CA LEU A 9 -23.38 -28.57 25.72
C LEU A 9 -24.37 -27.42 25.48
N SER A 10 -25.56 -27.50 26.06
CA SER A 10 -26.61 -26.49 25.83
C SER A 10 -26.27 -25.14 26.46
N SER A 11 -25.68 -25.13 27.66
CA SER A 11 -25.17 -23.86 28.22
C SER A 11 -24.06 -23.20 27.40
N ALA A 12 -23.23 -24.01 26.74
CA ALA A 12 -22.06 -23.49 26.07
C ALA A 12 -22.42 -22.65 24.87
N VAL A 13 -23.52 -22.99 24.21
CA VAL A 13 -23.97 -22.32 22.99
C VAL A 13 -25.21 -21.44 23.13
N GLN A 14 -25.86 -21.45 24.29
CA GLN A 14 -27.11 -20.68 24.47
C GLN A 14 -27.04 -19.17 24.26
N ASP A 15 -25.84 -18.58 24.28
CA ASP A 15 -25.67 -17.13 24.11
C ASP A 15 -25.24 -16.76 22.67
N ILE A 16 -25.33 -17.70 21.74
CA ILE A 16 -25.09 -17.36 20.35
C ILE A 16 -26.36 -16.70 19.86
N LYS A 17 -26.23 -15.47 19.39
CA LYS A 17 -27.38 -14.63 18.97
C LYS A 17 -27.54 -14.58 17.46
N ASN A 18 -28.73 -14.26 17.01
CA ASN A 18 -29.04 -14.16 15.58
C ASN A 18 -28.06 -13.27 14.83
N GLY A 19 -27.60 -13.72 13.64
CA GLY A 19 -26.56 -12.97 12.90
C GLY A 19 -25.11 -13.06 13.41
N ALA A 20 -24.84 -14.01 14.29
CA ALA A 20 -23.51 -14.18 14.84
C ALA A 20 -22.58 -14.79 13.80
N THR A 21 -21.33 -14.33 13.81
CA THR A 21 -20.31 -14.89 12.92
C THR A 21 -19.63 -16.04 13.65
N LEU A 22 -19.49 -17.16 12.95
CA LEU A 22 -18.78 -18.31 13.47
C LEU A 22 -17.62 -18.71 12.59
N ALA A 23 -16.52 -19.07 13.21
CA ALA A 23 -15.49 -19.87 12.58
C ALA A 23 -15.57 -21.30 13.13
N VAL A 24 -15.57 -22.26 12.23
CA VAL A 24 -15.83 -23.66 12.57
C VAL A 24 -14.68 -24.51 12.01
N GLY A 25 -14.02 -25.28 12.84
CA GLY A 25 -12.95 -26.15 12.39
C GLY A 25 -13.48 -27.36 11.61
N GLY A 26 -12.56 -28.13 11.04
CA GLY A 26 -12.92 -29.33 10.30
C GLY A 26 -12.57 -29.28 8.83
N PHE A 27 -12.25 -30.45 8.29
CA PHE A 27 -11.91 -30.64 6.89
C PHE A 27 -12.72 -31.83 6.40
N GLY A 28 -13.72 -31.55 5.55
CA GLY A 28 -14.84 -32.47 5.36
C GLY A 28 -15.52 -32.70 6.71
N THR A 29 -15.50 -33.96 7.15
CA THR A 29 -16.05 -34.41 8.44
C THR A 29 -14.97 -34.55 9.52
N GLY A 30 -13.71 -34.69 9.10
CA GLY A 30 -12.61 -34.88 10.04
C GLY A 30 -12.32 -33.63 10.84
N GLY A 31 -12.49 -33.73 12.16
CA GLY A 31 -12.35 -32.60 13.07
C GLY A 31 -13.50 -31.63 13.05
N MET A 32 -14.62 -32.04 12.43
CA MET A 32 -15.84 -31.21 12.33
C MET A 32 -16.67 -31.32 13.61
N PRO A 33 -16.93 -30.19 14.33
CA PRO A 33 -17.61 -30.35 15.63
C PRO A 33 -19.11 -30.53 15.45
N HIS A 34 -19.52 -31.75 15.15
CA HIS A 34 -20.91 -32.06 14.77
C HIS A 34 -21.93 -31.97 15.95
N ALA A 35 -21.59 -32.50 17.12
CA ALA A 35 -22.41 -32.37 18.35
C ALA A 35 -22.73 -30.94 18.73
N ILE A 36 -21.74 -30.06 18.57
CA ILE A 36 -21.97 -28.65 18.75
C ILE A 36 -22.88 -28.12 17.65
N MET A 37 -22.63 -28.51 16.40
CA MET A 37 -23.55 -28.08 15.32
C MET A 37 -25.00 -28.57 15.55
N GLN A 38 -25.16 -29.76 16.09
CA GLN A 38 -26.49 -30.26 16.45
C GLN A 38 -27.24 -29.39 17.49
N GLU A 39 -26.49 -28.89 18.47
CA GLU A 39 -27.05 -28.10 19.55
C GLU A 39 -27.44 -26.72 19.05
N ILE A 40 -26.68 -26.20 18.11
CA ILE A 40 -27.00 -24.94 17.48
C ILE A 40 -28.27 -25.04 16.63
N LYS A 41 -28.50 -26.20 15.99
CA LYS A 41 -29.76 -26.47 15.28
C LYS A 41 -30.90 -26.52 16.26
N LYS A 42 -30.73 -27.29 17.33
CA LYS A 42 -31.73 -27.39 18.37
C LYS A 42 -32.13 -26.02 18.84
N MET A 43 -31.17 -25.13 19.10
CA MET A 43 -31.53 -23.82 19.71
C MET A 43 -32.04 -22.75 18.72
N GLY A 44 -32.13 -23.10 17.43
CA GLY A 44 -32.89 -22.34 16.45
C GLY A 44 -32.36 -21.00 15.95
N VAL A 45 -31.10 -20.68 16.22
CA VAL A 45 -30.48 -19.40 15.82
C VAL A 45 -30.46 -19.19 14.30
N ARG A 46 -30.55 -17.93 13.88
CA ARG A 46 -30.77 -17.58 12.48
C ARG A 46 -29.77 -16.57 11.97
N ASP A 47 -29.74 -16.43 10.64
CA ASP A 47 -28.90 -15.48 9.91
C ASP A 47 -27.39 -15.59 10.19
N LEU A 48 -26.92 -16.81 10.43
CA LEU A 48 -25.51 -17.10 10.75
C LEU A 48 -24.55 -16.88 9.56
N ILE A 49 -23.38 -16.33 9.86
CA ILE A 49 -22.31 -16.13 8.89
C ILE A 49 -21.21 -17.06 9.33
N ILE A 50 -20.85 -18.01 8.47
CA ILE A 50 -19.95 -19.11 8.84
C ILE A 50 -18.67 -19.20 7.98
N TYR A 51 -17.51 -19.01 8.63
CA TYR A 51 -16.20 -19.21 8.05
C TYR A 51 -15.78 -20.62 8.35
N SER A 52 -15.54 -21.43 7.33
CA SER A 52 -15.05 -22.78 7.54
C SER A 52 -14.42 -23.30 6.27
N ASP A 53 -13.61 -24.35 6.36
CA ASP A 53 -12.93 -24.87 5.16
C ASP A 53 -13.95 -25.34 4.12
N GLY A 54 -14.88 -26.15 4.59
CA GLY A 54 -16.09 -26.49 3.86
C GLY A 54 -17.31 -26.31 4.73
N ALA A 55 -18.39 -26.94 4.32
CA ALA A 55 -19.68 -26.79 4.99
C ALA A 55 -20.21 -28.15 5.47
N GLY A 56 -19.31 -29.04 5.90
CA GLY A 56 -19.67 -30.42 6.19
C GLY A 56 -20.22 -31.14 4.96
N VAL A 57 -21.24 -31.96 5.21
CA VAL A 57 -21.86 -32.84 4.21
C VAL A 57 -23.32 -32.92 4.62
N ASP A 58 -24.21 -33.43 3.76
CA ASP A 58 -25.64 -33.51 4.12
C ASP A 58 -25.81 -34.32 5.40
N GLY A 59 -26.57 -33.78 6.35
CA GLY A 59 -26.87 -34.44 7.61
C GLY A 59 -25.75 -34.42 8.63
N TYR A 60 -24.65 -33.68 8.38
CA TYR A 60 -23.48 -33.73 9.30
C TYR A 60 -22.74 -32.40 9.42
N GLY A 61 -22.14 -32.19 10.59
CA GLY A 61 -21.52 -30.94 10.96
C GLY A 61 -22.33 -29.75 10.58
N ILE A 62 -21.74 -28.87 9.78
CA ILE A 62 -22.39 -27.62 9.37
C ILE A 62 -23.59 -27.91 8.48
N GLY A 63 -23.56 -29.02 7.73
CA GLY A 63 -24.66 -29.45 6.86
C GLY A 63 -26.04 -29.45 7.51
N VAL A 64 -26.03 -29.85 8.76
CA VAL A 64 -27.20 -29.85 9.63
C VAL A 64 -27.94 -28.48 9.68
N LEU A 65 -27.18 -27.38 9.73
CA LEU A 65 -27.72 -26.01 9.79
C LEU A 65 -28.43 -25.51 8.54
N PHE A 66 -28.24 -26.17 7.42
CA PHE A 66 -28.97 -25.80 6.22
C PHE A 66 -30.46 -26.23 6.31
N GLU A 67 -30.76 -27.23 7.13
CA GLU A 67 -32.08 -27.86 7.10
C GLU A 67 -33.24 -26.88 7.44
N ASN A 68 -33.14 -26.12 8.52
CA ASN A 68 -34.08 -25.01 8.80
C ASN A 68 -33.61 -23.65 8.32
N LYS A 69 -32.76 -23.62 7.29
CA LYS A 69 -32.20 -22.37 6.72
C LYS A 69 -31.67 -21.37 7.77
N GLN A 70 -30.86 -21.89 8.69
CA GLN A 70 -30.25 -21.10 9.74
C GLN A 70 -29.03 -20.25 9.28
N ILE A 71 -28.50 -20.50 8.07
CA ILE A 71 -27.31 -19.83 7.56
C ILE A 71 -27.61 -18.81 6.48
N ASN A 72 -27.02 -17.63 6.65
CA ASN A 72 -27.14 -16.52 5.69
C ASN A 72 -25.94 -16.52 4.75
N LYS A 73 -24.73 -16.64 5.29
CA LYS A 73 -23.53 -16.56 4.47
C LYS A 73 -22.49 -17.60 4.86
N MET A 74 -21.95 -18.30 3.85
CA MET A 74 -20.84 -19.23 3.98
C MET A 74 -19.61 -18.63 3.31
N ILE A 75 -18.52 -18.50 4.07
CA ILE A 75 -17.20 -18.21 3.50
C ILE A 75 -16.36 -19.45 3.60
N VAL A 76 -16.00 -20.00 2.45
CA VAL A 76 -15.57 -21.37 2.38
C VAL A 76 -14.57 -21.58 1.23
N SER A 77 -13.79 -22.65 1.27
CA SER A 77 -12.92 -23.01 0.14
C SER A 77 -13.45 -24.17 -0.73
N TYR A 78 -14.28 -25.04 -0.16
CA TYR A 78 -14.81 -26.17 -0.89
C TYR A 78 -16.22 -26.43 -0.42
N VAL A 79 -17.09 -26.85 -1.34
CA VAL A 79 -18.45 -27.28 -0.98
C VAL A 79 -18.44 -28.75 -0.53
N GLY A 80 -17.67 -29.57 -1.25
CA GLY A 80 -17.63 -31.01 -1.01
C GLY A 80 -18.88 -31.73 -1.49
N ASN A 81 -19.14 -32.89 -0.89
CA ASN A 81 -20.30 -33.73 -1.25
C ASN A 81 -21.49 -33.31 -0.42
N ASN A 82 -21.94 -32.09 -0.66
CA ASN A 82 -23.01 -31.42 0.10
C ASN A 82 -24.03 -30.81 -0.87
N LYS A 83 -25.16 -31.50 -1.03
CA LYS A 83 -26.17 -31.18 -2.02
C LYS A 83 -26.99 -29.98 -1.60
N ILE A 84 -27.42 -29.97 -0.34
CA ILE A 84 -28.25 -28.91 0.20
C ILE A 84 -27.54 -27.54 0.22
N PHE A 85 -26.23 -27.52 0.44
CA PHE A 85 -25.46 -26.27 0.33
C PHE A 85 -25.44 -25.77 -1.13
N ALA A 86 -25.14 -26.66 -2.07
CA ALA A 86 -25.13 -26.30 -3.49
C ALA A 86 -26.51 -25.85 -3.96
N ARG A 87 -27.53 -26.58 -3.54
CA ARG A 87 -28.93 -26.26 -3.84
C ARG A 87 -29.30 -24.85 -3.35
N GLN A 88 -29.17 -24.61 -2.04
CA GLN A 88 -29.56 -23.33 -1.42
C GLN A 88 -28.77 -22.14 -2.00
N TYR A 89 -27.53 -22.42 -2.43
CA TYR A 89 -26.72 -21.43 -3.14
C TYR A 89 -27.34 -21.07 -4.46
N LEU A 90 -27.65 -22.08 -5.29
CA LEU A 90 -28.23 -21.86 -6.63
C LEU A 90 -29.65 -21.29 -6.60
N GLU A 91 -30.38 -21.55 -5.52
CA GLU A 91 -31.78 -21.11 -5.36
C GLU A 91 -31.93 -19.77 -4.63
N GLY A 92 -30.80 -19.09 -4.39
CA GLY A 92 -30.84 -17.77 -3.75
C GLY A 92 -31.15 -17.78 -2.25
N ASP A 93 -30.88 -18.91 -1.59
CA ASP A 93 -31.11 -19.06 -0.16
C ASP A 93 -29.88 -18.76 0.70
N VAL A 94 -28.70 -18.96 0.16
CA VAL A 94 -27.47 -18.77 0.91
C VAL A 94 -26.47 -18.00 0.08
N GLU A 95 -25.76 -17.08 0.71
CA GLU A 95 -24.62 -16.43 0.11
C GLU A 95 -23.39 -17.36 0.28
N LEU A 96 -22.58 -17.52 -0.76
CA LEU A 96 -21.37 -18.37 -0.73
C LEU A 96 -20.18 -17.56 -1.30
N GLU A 97 -19.23 -17.20 -0.42
CA GLU A 97 -18.04 -16.49 -0.82
C GLU A 97 -16.89 -17.44 -0.74
N PHE A 98 -16.29 -17.77 -1.89
CA PHE A 98 -15.14 -18.67 -1.93
C PHE A 98 -13.89 -17.94 -1.48
N CYS A 99 -13.07 -18.62 -0.67
CA CYS A 99 -11.78 -18.11 -0.27
C CYS A 99 -10.72 -19.22 -0.38
N PRO A 100 -9.61 -18.98 -1.09
CA PRO A 100 -8.58 -20.01 -1.15
C PRO A 100 -8.23 -20.55 0.23
N GLN A 101 -8.04 -21.87 0.32
CA GLN A 101 -7.92 -22.59 1.58
C GLN A 101 -6.81 -22.08 2.48
N GLY A 102 -5.63 -21.86 1.91
CA GLY A 102 -4.50 -21.37 2.66
C GLY A 102 -4.66 -19.94 3.09
N SER A 103 -5.35 -19.13 2.28
CA SER A 103 -5.66 -17.76 2.66
C SER A 103 -6.64 -17.78 3.82
N LEU A 104 -7.66 -18.62 3.69
CA LEU A 104 -8.67 -18.75 4.73
C LEU A 104 -8.01 -19.10 6.06
N ALA A 105 -7.09 -20.07 6.03
CA ALA A 105 -6.41 -20.51 7.24
C ALA A 105 -5.47 -19.42 7.80
N GLU A 106 -4.64 -18.84 6.95
CA GLU A 106 -3.80 -17.68 7.35
C GLU A 106 -4.56 -16.42 7.81
N ARG A 107 -5.73 -16.14 7.24
CA ARG A 107 -6.56 -15.00 7.70
C ARG A 107 -7.11 -15.21 9.08
N MET A 108 -7.48 -16.45 9.39
CA MET A 108 -7.92 -16.76 10.77
C MET A 108 -6.76 -16.68 11.76
N ARG A 109 -5.59 -17.18 11.39
CA ARG A 109 -4.43 -17.03 12.24
C ARG A 109 -4.12 -15.52 12.44
N ALA A 110 -4.20 -14.72 11.37
CA ALA A 110 -3.93 -13.27 11.45
C ALA A 110 -4.86 -12.56 12.44
N GLY A 111 -6.13 -12.91 12.39
CA GLY A 111 -7.11 -12.29 13.26
C GLY A 111 -6.94 -12.65 14.71
N GLY A 112 -6.31 -13.79 14.98
CA GLY A 112 -5.96 -14.18 16.34
C GLY A 112 -4.62 -13.66 16.79
N ALA A 113 -3.77 -13.34 15.81
CA ALA A 113 -2.40 -12.95 16.02
C ALA A 113 -2.17 -11.43 15.91
N GLY A 114 -3.22 -10.63 15.82
CA GLY A 114 -3.10 -9.15 15.79
C GLY A 114 -2.51 -8.57 14.51
N ILE A 115 -2.54 -9.36 13.46
CA ILE A 115 -2.02 -8.98 12.15
C ILE A 115 -3.25 -8.60 11.33
N PRO A 116 -3.46 -7.31 11.05
CA PRO A 116 -4.66 -6.96 10.26
C PRO A 116 -4.68 -7.45 8.82
N ALA A 117 -3.50 -7.58 8.22
CA ALA A 117 -3.39 -8.03 6.85
C ALA A 117 -2.00 -8.53 6.50
N PHE A 118 -1.95 -9.30 5.44
CA PHE A 118 -0.70 -9.87 4.96
C PHE A 118 -0.88 -10.21 3.47
N TYR A 119 0.21 -10.64 2.85
CA TYR A 119 0.29 -10.76 1.40
C TYR A 119 0.52 -12.20 1.04
N THR A 120 -0.13 -12.61 -0.07
CA THR A 120 0.08 -13.96 -0.62
C THR A 120 -0.10 -13.98 -2.13
N PRO A 121 0.73 -14.78 -2.84
CA PRO A 121 0.53 -14.90 -4.29
C PRO A 121 -0.76 -15.61 -4.72
N THR A 122 -1.37 -16.37 -3.82
CA THR A 122 -2.55 -17.15 -4.09
C THR A 122 -3.71 -16.31 -4.65
N ALA A 123 -4.27 -16.79 -5.76
CA ALA A 123 -5.44 -16.20 -6.42
C ALA A 123 -5.18 -14.95 -7.25
N VAL A 124 -3.93 -14.50 -7.33
CA VAL A 124 -3.59 -13.35 -8.16
C VAL A 124 -4.06 -13.67 -9.60
N GLY A 125 -4.65 -12.66 -10.25
CA GLY A 125 -5.16 -12.80 -11.60
C GLY A 125 -6.29 -13.80 -11.83
N THR A 126 -7.00 -14.20 -10.77
CA THR A 126 -8.11 -15.09 -10.93
C THR A 126 -9.29 -14.28 -10.59
N VAL A 127 -10.43 -14.90 -10.82
CA VAL A 127 -11.69 -14.26 -10.61
C VAL A 127 -11.96 -13.94 -9.11
N LEU A 128 -11.28 -14.64 -8.21
CA LEU A 128 -11.31 -14.30 -6.77
C LEU A 128 -10.54 -13.04 -6.37
N GLN A 129 -9.62 -12.58 -7.20
CA GLN A 129 -8.96 -11.28 -7.03
C GLN A 129 -9.74 -10.13 -7.66
N THR A 130 -10.36 -10.38 -8.80
CA THR A 130 -11.07 -9.35 -9.50
C THR A 130 -12.52 -9.17 -9.23
N GLY A 131 -13.10 -9.91 -8.30
CA GLY A 131 -14.50 -9.80 -8.04
C GLY A 131 -15.08 -10.57 -9.16
N GLY A 132 -16.37 -10.79 -9.17
CA GLY A 132 -16.97 -11.56 -10.24
C GLY A 132 -16.98 -13.05 -10.09
N GLN A 133 -17.29 -13.53 -8.90
CA GLN A 133 -17.50 -14.92 -8.67
C GLN A 133 -18.86 -14.65 -8.14
N ILE A 134 -19.84 -15.41 -8.56
CA ILE A 134 -21.18 -15.19 -8.08
C ILE A 134 -21.21 -15.66 -6.66
N THR A 135 -21.54 -14.76 -5.76
CA THR A 135 -21.65 -15.08 -4.33
C THR A 135 -23.09 -15.24 -3.89
N LYS A 136 -24.04 -14.62 -4.62
CA LYS A 136 -25.46 -14.76 -4.28
C LYS A 136 -26.35 -14.66 -5.51
N TYR A 137 -27.26 -15.60 -5.61
CA TYR A 137 -28.21 -15.67 -6.67
C TYR A 137 -29.53 -15.20 -6.16
N ASP A 138 -30.38 -14.84 -7.09
CA ASP A 138 -31.74 -14.47 -6.85
C ASP A 138 -32.47 -15.80 -6.86
N LYS A 139 -33.74 -15.80 -6.53
CA LYS A 139 -34.51 -17.01 -6.53
C LYS A 139 -34.72 -17.60 -7.91
N ASN A 140 -34.57 -16.79 -8.93
CA ASN A 140 -34.80 -17.25 -10.28
C ASN A 140 -33.61 -17.55 -11.20
N GLY A 141 -32.44 -17.79 -10.62
CA GLY A 141 -31.27 -18.10 -11.41
C GLY A 141 -30.44 -16.96 -11.92
N GLY A 142 -30.69 -15.76 -11.41
CA GLY A 142 -29.97 -14.57 -11.79
C GLY A 142 -29.04 -13.99 -10.73
N VAL A 143 -27.98 -13.35 -11.17
CA VAL A 143 -27.00 -12.78 -10.28
C VAL A 143 -27.54 -11.68 -9.42
N LEU A 144 -27.09 -11.64 -8.19
CA LEU A 144 -27.52 -10.64 -7.20
C LEU A 144 -26.36 -9.97 -6.47
N LYS A 145 -25.41 -10.78 -6.00
CA LYS A 145 -24.16 -10.28 -5.43
C LYS A 145 -22.97 -10.91 -6.13
N GLU A 146 -21.91 -10.13 -6.28
CA GLU A 146 -20.64 -10.65 -6.72
C GLU A 146 -19.60 -10.42 -5.62
N SER A 147 -18.53 -11.25 -5.63
CA SER A 147 -17.43 -11.14 -4.66
C SER A 147 -16.75 -9.83 -4.88
N THR A 148 -16.34 -9.19 -3.80
CA THR A 148 -15.68 -7.91 -3.92
C THR A 148 -14.21 -8.23 -4.09
N PRO A 149 -13.53 -7.42 -4.90
CA PRO A 149 -12.18 -7.78 -5.30
C PRO A 149 -11.17 -7.65 -4.17
N ARG A 150 -9.97 -8.17 -4.41
CA ARG A 150 -8.83 -8.02 -3.50
C ARG A 150 -7.84 -6.94 -3.99
N GLU A 151 -7.34 -6.10 -3.10
CA GLU A 151 -6.09 -5.37 -3.34
C GLU A 151 -4.89 -6.27 -3.64
N THR A 152 -3.98 -5.74 -4.45
CA THR A 152 -2.73 -6.38 -4.80
C THR A 152 -1.54 -5.43 -4.63
N ARG A 153 -0.35 -6.00 -4.44
CA ARG A 153 0.90 -5.24 -4.38
C ARG A 153 2.14 -6.05 -4.87
N PHE A 154 3.04 -5.38 -5.59
CA PHE A 154 4.38 -5.93 -5.93
C PHE A 154 5.38 -5.97 -4.77
N PHE A 155 6.00 -7.11 -4.57
CA PHE A 155 7.20 -7.24 -3.78
C PHE A 155 8.19 -8.05 -4.59
N GLY A 156 9.43 -7.55 -4.67
CA GLY A 156 10.48 -8.18 -5.47
C GLY A 156 10.12 -8.50 -6.91
N GLY A 157 9.37 -7.62 -7.60
CA GLY A 157 8.95 -7.88 -8.99
C GLY A 157 7.69 -8.74 -9.19
N ARG A 158 7.23 -9.44 -8.15
CA ARG A 158 6.05 -10.30 -8.19
C ARG A 158 4.84 -9.67 -7.48
N LEU A 159 3.66 -10.03 -7.96
CA LEU A 159 2.42 -9.43 -7.50
C LEU A 159 1.80 -10.33 -6.46
N TYR A 160 1.32 -9.79 -5.35
CA TYR A 160 0.60 -10.57 -4.34
C TYR A 160 -0.72 -9.93 -4.00
N CYS A 161 -1.71 -10.73 -3.59
CA CYS A 161 -2.95 -10.25 -3.01
C CYS A 161 -2.82 -9.86 -1.52
N LEU A 162 -3.58 -8.86 -1.10
CA LEU A 162 -3.71 -8.54 0.31
C LEU A 162 -4.91 -9.31 0.92
N GLU A 163 -4.67 -9.98 2.04
CA GLU A 163 -5.69 -10.75 2.73
C GLU A 163 -5.93 -10.09 4.10
N ASN A 164 -7.21 -9.96 4.48
CA ASN A 164 -7.59 -9.29 5.73
C ASN A 164 -7.90 -10.33 6.79
N ALA A 165 -7.51 -9.98 8.00
CA ALA A 165 -7.72 -10.83 9.16
C ALA A 165 -9.22 -11.05 9.35
N ILE A 166 -9.55 -12.29 9.72
CA ILE A 166 -10.87 -12.76 10.06
C ILE A 166 -10.92 -12.91 11.56
N LYS A 167 -11.86 -12.19 12.17
CA LYS A 167 -12.18 -12.26 13.57
C LYS A 167 -13.70 -12.50 13.65
N THR A 168 -14.11 -13.57 14.33
CA THR A 168 -15.52 -13.95 14.47
C THR A 168 -15.98 -13.82 15.94
N ASP A 169 -17.30 -13.80 16.14
CA ASP A 169 -17.89 -13.76 17.50
C ASP A 169 -17.64 -15.10 18.19
N PHE A 170 -17.78 -16.18 17.43
CA PHE A 170 -17.55 -17.53 17.98
C PHE A 170 -16.60 -18.37 17.09
N SER A 171 -15.79 -19.19 17.75
CA SER A 171 -15.06 -20.24 17.08
C SER A 171 -15.52 -21.55 17.67
N ILE A 172 -15.80 -22.53 16.81
CA ILE A 172 -16.20 -23.87 17.22
C ILE A 172 -15.19 -24.88 16.72
N VAL A 173 -14.61 -25.66 17.64
CA VAL A 173 -13.60 -26.64 17.33
C VAL A 173 -13.89 -28.00 17.95
N LYS A 174 -13.19 -29.01 17.46
CA LYS A 174 -13.27 -30.34 18.00
C LYS A 174 -11.89 -30.88 18.17
N ALA A 175 -11.69 -31.64 19.24
CA ALA A 175 -10.39 -32.22 19.53
C ALA A 175 -10.57 -33.62 20.12
N TRP A 176 -9.60 -34.48 19.88
CA TRP A 176 -9.49 -35.74 20.58
C TRP A 176 -9.43 -35.53 22.09
N LYS A 177 -8.69 -34.56 22.58
CA LYS A 177 -8.47 -34.49 24.03
C LYS A 177 -8.34 -33.05 24.49
N GLY A 178 -8.97 -32.74 25.62
CA GLY A 178 -8.78 -31.45 26.28
C GLY A 178 -8.60 -31.66 27.76
N ASP A 179 -7.95 -30.72 28.41
CA ASP A 179 -8.05 -30.62 29.87
C ASP A 179 -9.09 -29.55 30.29
N ARG A 180 -9.18 -29.29 31.58
CA ARG A 180 -10.21 -28.38 32.07
C ARG A 180 -9.88 -26.94 31.76
N CYS A 181 -8.58 -26.62 31.68
CA CYS A 181 -8.19 -25.23 31.40
C CYS A 181 -8.18 -24.94 29.92
N GLY A 182 -8.53 -25.94 29.09
CA GLY A 182 -8.79 -25.75 27.67
C GLY A 182 -7.66 -26.13 26.70
N ASN A 183 -6.58 -26.73 27.19
CA ASN A 183 -5.49 -27.20 26.31
C ASN A 183 -6.00 -28.38 25.45
N LEU A 184 -5.88 -28.26 24.14
CA LEU A 184 -6.37 -29.28 23.24
C LEU A 184 -5.24 -30.03 22.54
N VAL A 185 -5.50 -31.31 22.27
CA VAL A 185 -4.62 -32.19 21.56
C VAL A 185 -5.52 -32.82 20.49
N PHE A 186 -5.07 -32.81 19.25
CA PHE A 186 -5.82 -33.36 18.11
C PHE A 186 -5.22 -34.70 17.74
N ARG A 187 -5.83 -35.38 16.77
CA ARG A 187 -5.47 -36.75 16.42
C ARG A 187 -5.60 -36.87 14.92
N GLY A 188 -4.58 -37.46 14.26
CA GLY A 188 -4.56 -37.55 12.79
C GLY A 188 -4.71 -36.21 12.05
N THR A 189 -5.29 -36.27 10.85
CA THR A 189 -5.58 -35.07 10.05
C THR A 189 -6.88 -34.35 10.49
N ALA A 190 -7.48 -34.80 11.59
CA ALA A 190 -8.57 -34.09 12.23
C ALA A 190 -8.18 -32.76 12.91
N ARG A 191 -6.90 -32.37 12.88
CA ARG A 191 -6.42 -31.11 13.44
C ARG A 191 -6.78 -29.97 12.49
N ASN A 192 -6.24 -30.04 11.28
CA ASN A 192 -6.58 -29.12 10.21
C ASN A 192 -6.91 -27.70 10.69
N PHE A 193 -8.08 -27.14 10.41
CA PHE A 193 -8.36 -25.73 10.77
C PHE A 193 -8.61 -25.45 12.28
N ASN A 194 -8.68 -26.50 13.10
CA ASN A 194 -9.06 -26.28 14.49
C ASN A 194 -8.10 -25.43 15.24
N VAL A 195 -6.84 -25.44 14.85
CA VAL A 195 -5.90 -24.58 15.49
C VAL A 195 -6.17 -23.11 15.11
N PRO A 196 -6.13 -22.74 13.81
CA PRO A 196 -6.39 -21.33 13.53
C PRO A 196 -7.80 -20.90 13.89
N VAL A 197 -8.78 -21.78 13.73
CA VAL A 197 -10.15 -21.46 14.14
C VAL A 197 -10.19 -21.15 15.62
N GLY A 198 -9.52 -21.94 16.45
CA GLY A 198 -9.46 -21.71 17.88
C GLY A 198 -8.80 -20.43 18.37
N GLN A 199 -8.09 -19.76 17.48
CA GLN A 199 -7.34 -18.53 17.81
C GLN A 199 -8.11 -17.26 17.42
N CYS A 200 -9.09 -17.37 16.51
CA CYS A 200 -9.66 -16.19 15.89
C CYS A 200 -11.02 -15.78 16.42
N GLY A 201 -11.58 -16.54 17.38
CA GLY A 201 -12.87 -16.25 17.97
C GLY A 201 -12.80 -15.43 19.26
N GLN A 202 -13.81 -14.62 19.46
CA GLN A 202 -13.99 -13.89 20.72
C GLN A 202 -14.26 -14.91 21.84
N THR A 203 -15.14 -15.85 21.55
CA THR A 203 -15.58 -16.87 22.50
C THR A 203 -15.36 -18.20 21.83
N VAL A 204 -14.44 -19.02 22.31
CA VAL A 204 -14.15 -20.24 21.57
C VAL A 204 -14.53 -21.45 22.39
N ILE A 205 -15.22 -22.36 21.71
CA ILE A 205 -15.86 -23.52 22.30
C ILE A 205 -15.34 -24.77 21.59
N ALA A 206 -14.81 -25.70 22.38
CA ALA A 206 -14.21 -26.94 21.91
C ALA A 206 -14.98 -28.17 22.44
N GLU A 207 -15.45 -29.01 21.52
CA GLU A 207 -15.97 -30.33 21.90
C GLU A 207 -14.82 -31.29 21.92
N VAL A 208 -14.66 -31.96 23.05
CA VAL A 208 -13.61 -32.92 23.20
C VAL A 208 -14.22 -34.31 23.30
N GLU A 209 -13.57 -35.26 22.65
CA GLU A 209 -13.87 -36.67 22.74
C GLU A 209 -13.37 -37.25 24.07
N ASN A 210 -12.40 -36.61 24.69
CA ASN A 210 -11.87 -37.03 25.99
C ASN A 210 -11.51 -35.83 26.85
N LEU A 211 -11.99 -35.82 28.07
CA LEU A 211 -11.67 -34.79 29.03
C LEU A 211 -10.75 -35.43 30.06
N VAL A 212 -9.65 -34.75 30.34
CA VAL A 212 -8.70 -35.20 31.35
C VAL A 212 -8.46 -34.04 32.31
N GLU A 213 -7.85 -34.31 33.46
CA GLU A 213 -7.56 -33.23 34.42
C GLU A 213 -6.38 -32.40 33.93
N ASN A 214 -6.30 -31.18 34.48
CA ASN A 214 -5.15 -30.33 34.30
C ASN A 214 -3.98 -31.06 34.95
N GLY A 215 -2.88 -31.14 34.21
CA GLY A 215 -1.70 -31.90 34.60
C GLY A 215 -1.59 -33.20 33.83
N ASP A 216 -2.67 -33.74 33.29
CA ASP A 216 -2.59 -35.02 32.57
C ASP A 216 -2.05 -34.89 31.15
N ILE A 217 -2.14 -33.70 30.53
CA ILE A 217 -1.55 -33.47 29.20
C ILE A 217 -0.14 -32.97 29.36
N ASP A 218 0.81 -33.66 28.73
CA ASP A 218 2.19 -33.19 28.71
C ASP A 218 2.20 -31.76 28.08
N PRO A 219 2.74 -30.75 28.81
CA PRO A 219 2.87 -29.40 28.28
C PRO A 219 3.48 -29.35 26.89
N ASP A 220 4.39 -30.28 26.60
CA ASP A 220 5.12 -30.34 25.33
C ASP A 220 4.29 -30.97 24.21
N GLU A 221 3.10 -31.46 24.54
CA GLU A 221 2.23 -32.11 23.56
C GLU A 221 0.93 -31.38 23.27
N VAL A 222 0.75 -30.17 23.79
CA VAL A 222 -0.44 -29.38 23.50
C VAL A 222 -0.38 -28.79 22.12
N HIS A 223 -1.46 -28.90 21.39
CA HIS A 223 -1.55 -28.31 20.06
C HIS A 223 -2.20 -26.93 20.05
N LEU A 224 -3.17 -26.71 20.92
CA LEU A 224 -3.87 -25.43 21.04
C LEU A 224 -3.80 -25.06 22.51
N PRO A 225 -2.91 -24.15 22.88
CA PRO A 225 -2.82 -23.76 24.27
C PRO A 225 -4.15 -23.27 24.80
N GLY A 226 -4.39 -23.57 26.06
CA GLY A 226 -5.68 -23.34 26.69
C GLY A 226 -6.17 -21.91 26.75
N VAL A 227 -5.24 -20.94 26.71
CA VAL A 227 -5.57 -19.51 26.68
C VAL A 227 -6.58 -19.16 25.58
N TYR A 228 -6.48 -19.86 24.46
CA TYR A 228 -7.38 -19.66 23.34
C TYR A 228 -8.77 -20.21 23.57
N VAL A 229 -8.97 -21.10 24.55
CA VAL A 229 -10.26 -21.77 24.72
C VAL A 229 -11.06 -21.19 25.91
N ASP A 230 -12.31 -20.82 25.64
CA ASP A 230 -13.18 -20.25 26.67
C ASP A 230 -14.07 -21.30 27.36
N ARG A 231 -14.53 -22.30 26.60
CA ARG A 231 -15.52 -23.28 27.04
C ARG A 231 -15.22 -24.65 26.45
N VAL A 232 -15.15 -25.68 27.29
CA VAL A 232 -14.96 -27.04 26.81
C VAL A 232 -16.19 -27.90 27.13
N VAL A 233 -16.75 -28.50 26.07
CA VAL A 233 -17.99 -29.29 26.11
C VAL A 233 -17.57 -30.73 25.84
N VAL A 234 -18.17 -31.71 26.49
CA VAL A 234 -17.81 -33.10 26.26
C VAL A 234 -19.09 -33.86 25.95
N PRO A 235 -19.42 -33.96 24.65
CA PRO A 235 -20.63 -34.69 24.27
C PRO A 235 -20.58 -36.17 24.58
N GLU A 236 -21.77 -36.78 24.49
CA GLU A 236 -21.89 -38.22 24.46
C GLU A 236 -21.14 -38.68 23.20
N ARG A 237 -20.29 -39.69 23.34
CA ARG A 237 -19.42 -40.16 22.25
C ARG A 237 -20.18 -40.64 21.02
N TYR A 238 -19.72 -40.19 19.84
CA TYR A 238 -20.31 -40.56 18.56
C TYR A 238 -19.20 -40.96 17.55
N GLN A 239 -19.60 -41.68 16.50
CA GLN A 239 -18.71 -42.02 15.40
C GLN A 239 -18.58 -40.80 14.48
N THR A 240 -17.34 -40.40 14.18
CA THR A 240 -17.13 -39.36 13.16
C THR A 240 -17.40 -40.01 11.79
N LEU A 241 -18.06 -39.27 10.89
CA LEU A 241 -18.52 -39.84 9.61
C LEU A 241 -17.35 -39.94 8.65
N ILE A 242 -17.32 -41.08 7.97
CA ILE A 242 -16.34 -41.41 6.97
C ILE A 242 -17.10 -41.32 5.67
N GLU A 243 -16.72 -40.37 4.82
CA GLU A 243 -17.37 -40.17 3.52
C GLU A 243 -17.00 -41.27 2.51
N HIS A 244 -15.71 -41.58 2.43
CA HIS A 244 -15.22 -42.64 1.56
C HIS A 244 -14.31 -43.55 2.35
N ARG A 245 -14.88 -44.65 2.82
CA ARG A 245 -14.16 -45.70 3.48
C ARG A 245 -13.40 -46.44 2.39
N THR A 246 -12.15 -46.02 2.16
CA THR A 246 -11.26 -46.61 1.18
C THR A 246 -10.26 -47.51 1.86
N VAL A 247 -10.09 -48.73 1.33
CA VAL A 247 -9.09 -49.70 1.83
C VAL A 247 -8.36 -50.39 0.67
N THR A 248 -7.14 -50.85 0.93
CA THR A 248 -6.50 -51.78 0.00
C THR A 248 -6.98 -53.17 0.36
N ARG A 249 -7.46 -53.89 -0.65
CA ARG A 249 -8.13 -55.19 -0.49
C ARG A 249 -9.48 -55.09 0.26
N ARG A 270 -2.96 -42.43 -10.13
CA ARG A 270 -2.05 -43.36 -10.71
C ARG A 270 -0.58 -43.04 -10.54
N ILE A 271 -0.24 -41.92 -9.92
CA ILE A 271 1.17 -41.50 -9.83
C ILE A 271 1.66 -41.12 -11.23
N ALA A 272 0.89 -41.52 -12.23
CA ALA A 272 1.11 -41.27 -13.63
C ALA A 272 2.06 -42.24 -14.23
N ARG A 273 1.63 -43.05 -15.19
CA ARG A 273 2.59 -43.97 -15.80
C ARG A 273 3.76 -43.15 -16.32
N ARG A 274 3.46 -42.00 -16.93
CA ARG A 274 4.48 -41.13 -17.47
C ARG A 274 5.01 -40.10 -16.53
N ALA A 275 4.40 -39.94 -15.36
CA ALA A 275 4.88 -38.97 -14.38
C ALA A 275 5.61 -39.64 -13.25
N ALA A 276 5.76 -40.94 -13.39
CA ALA A 276 6.48 -41.72 -12.44
C ALA A 276 7.90 -41.21 -12.50
N LEU A 277 8.34 -40.90 -13.71
CA LEU A 277 9.66 -40.38 -14.05
C LEU A 277 9.93 -39.03 -13.45
N GLU A 278 8.88 -38.29 -13.19
CA GLU A 278 8.96 -36.99 -12.58
C GLU A 278 9.54 -37.16 -11.19
N PHE A 279 9.15 -38.22 -10.54
CA PHE A 279 9.63 -38.54 -9.21
C PHE A 279 11.07 -38.91 -9.08
N ALA A 280 11.76 -38.20 -8.24
CA ALA A 280 13.13 -38.52 -7.86
C ALA A 280 13.06 -39.14 -6.47
N ASN A 281 14.25 -39.41 -5.93
CA ASN A 281 14.40 -39.75 -4.53
C ASN A 281 14.45 -38.46 -3.74
N GLY A 282 13.94 -38.47 -2.51
CA GLY A 282 13.98 -37.28 -1.66
C GLY A 282 12.98 -36.18 -1.96
N MET A 283 12.02 -36.42 -2.84
CA MET A 283 11.01 -35.41 -3.16
C MET A 283 9.89 -35.40 -2.11
N TYR A 284 9.41 -34.20 -1.78
CA TYR A 284 8.15 -34.01 -1.10
C TYR A 284 7.12 -33.68 -2.16
N VAL A 285 6.06 -34.45 -2.28
CA VAL A 285 5.06 -34.28 -3.36
C VAL A 285 3.61 -34.05 -2.81
N ASN A 286 2.89 -33.13 -3.41
CA ASN A 286 1.49 -32.93 -3.07
C ASN A 286 0.56 -33.60 -4.11
N LEU A 287 -0.53 -34.16 -3.60
CA LEU A 287 -1.62 -34.76 -4.38
C LEU A 287 -2.94 -34.06 -4.04
N GLY A 288 -3.53 -33.42 -5.04
CA GLY A 288 -4.81 -32.73 -4.84
C GLY A 288 -5.97 -33.68 -4.92
N ILE A 289 -7.14 -33.19 -4.57
CA ILE A 289 -8.39 -33.95 -4.61
C ILE A 289 -8.60 -34.37 -6.05
N GLY A 290 -9.04 -35.59 -6.29
CA GLY A 290 -9.22 -36.05 -7.64
C GLY A 290 -8.31 -37.22 -7.98
N ILE A 291 -7.98 -37.35 -9.25
CA ILE A 291 -7.19 -38.46 -9.74
C ILE A 291 -5.87 -38.56 -9.03
N PRO A 292 -5.39 -37.37 -8.52
CA PRO A 292 -4.11 -37.47 -7.82
C PRO A 292 -4.07 -38.42 -6.64
N THR A 293 -5.15 -38.48 -5.88
CA THR A 293 -5.23 -39.30 -4.68
C THR A 293 -5.07 -40.81 -4.88
N GLU A 294 -5.59 -41.32 -5.99
CA GLU A 294 -5.47 -42.73 -6.28
C GLU A 294 -4.02 -43.05 -6.47
N SER A 295 -3.24 -42.08 -6.88
CA SER A 295 -1.81 -42.26 -7.14
C SER A 295 -1.01 -42.71 -5.89
N SER A 296 -1.49 -42.39 -4.71
CA SER A 296 -0.79 -42.80 -3.51
C SER A 296 -0.78 -44.31 -3.44
N ASN A 297 -1.67 -44.98 -4.14
CA ASN A 297 -1.70 -46.42 -4.12
C ASN A 297 -0.81 -47.09 -5.18
N TYR A 298 -0.08 -46.30 -5.94
CA TYR A 298 0.80 -46.79 -6.97
C TYR A 298 2.26 -46.37 -6.90
N ILE A 299 2.72 -46.08 -5.71
CA ILE A 299 4.10 -45.65 -5.55
C ILE A 299 5.09 -46.75 -5.85
N PRO A 300 6.09 -46.40 -6.74
CA PRO A 300 7.06 -47.47 -7.03
C PRO A 300 7.85 -47.91 -5.78
N ALA A 301 8.26 -49.16 -5.79
CA ALA A 301 8.91 -49.80 -4.66
C ALA A 301 10.20 -49.21 -4.11
N GLY A 302 11.13 -48.82 -4.96
CA GLY A 302 12.37 -48.28 -4.45
C GLY A 302 12.57 -46.96 -5.10
N VAL A 303 11.66 -46.05 -4.77
CA VAL A 303 11.68 -44.71 -5.30
C VAL A 303 11.88 -43.71 -4.19
N ASN A 304 11.23 -43.92 -3.07
CA ASN A 304 11.40 -43.04 -1.92
C ASN A 304 11.02 -41.55 -1.90
N VAL A 305 9.74 -41.26 -2.02
CA VAL A 305 9.23 -39.91 -1.92
C VAL A 305 8.29 -39.81 -0.73
N VAL A 306 8.03 -38.59 -0.31
CA VAL A 306 7.14 -38.29 0.80
C VAL A 306 5.93 -37.59 0.19
N LEU A 307 4.73 -38.10 0.47
CA LEU A 307 3.48 -37.52 -0.06
C LEU A 307 2.97 -36.58 1.01
N GLN A 308 2.45 -35.44 0.58
CA GLN A 308 1.89 -34.45 1.46
C GLN A 308 0.42 -34.39 1.17
N SER A 309 -0.41 -34.39 2.21
CA SER A 309 -1.84 -34.03 2.10
C SER A 309 -2.07 -32.67 2.77
N GLU A 310 -2.70 -31.76 2.05
CA GLU A 310 -2.90 -30.38 2.56
C GLU A 310 -3.75 -30.25 3.85
N ASN A 311 -4.62 -31.22 4.13
CA ASN A 311 -5.36 -31.24 5.45
C ASN A 311 -4.45 -31.45 6.65
N GLY A 312 -3.16 -31.74 6.42
CA GLY A 312 -2.09 -31.57 7.40
C GLY A 312 -1.15 -32.75 7.65
N LEU A 313 -0.71 -33.45 6.61
CA LEU A 313 0.16 -34.64 6.74
C LEU A 313 1.36 -34.66 5.78
N ILE A 314 2.50 -35.14 6.26
CA ILE A 314 3.50 -35.68 5.34
C ILE A 314 3.72 -37.14 5.71
N GLY A 315 4.14 -37.94 4.74
CA GLY A 315 4.29 -39.37 4.95
C GLY A 315 2.98 -40.09 4.64
N MET A 316 2.12 -39.50 3.82
CA MET A 316 0.92 -40.20 3.42
C MET A 316 1.25 -41.45 2.61
N GLY A 317 0.46 -42.50 2.86
CA GLY A 317 0.61 -43.80 2.18
C GLY A 317 -0.64 -44.25 1.45
N PRO A 318 -0.66 -45.51 1.04
CA PRO A 318 -1.83 -46.02 0.36
C PRO A 318 -3.03 -46.18 1.32
N PHE A 319 -4.17 -46.57 0.75
CA PHE A 319 -5.38 -46.79 1.55
C PHE A 319 -5.03 -47.85 2.61
N PRO A 320 -5.61 -47.76 3.81
CA PRO A 320 -5.16 -48.66 4.88
C PRO A 320 -5.77 -50.07 4.72
N THR A 321 -5.27 -51.05 5.47
CA THR A 321 -5.96 -52.34 5.49
C THR A 321 -7.23 -52.13 6.31
N GLU A 322 -8.18 -53.05 6.23
CA GLU A 322 -9.48 -52.87 6.84
C GLU A 322 -9.39 -52.57 8.35
N ASP A 323 -8.59 -53.35 9.07
CA ASP A 323 -8.49 -53.19 10.53
C ASP A 323 -7.85 -51.85 10.99
N LYS A 324 -7.21 -51.12 10.07
CA LYS A 324 -6.57 -49.86 10.39
C LYS A 324 -7.25 -48.61 9.83
N VAL A 325 -8.46 -48.70 9.26
CA VAL A 325 -9.12 -47.48 8.78
C VAL A 325 -9.52 -46.66 9.97
N ASP A 326 -9.57 -45.35 9.74
CA ASP A 326 -9.75 -44.40 10.81
C ASP A 326 -10.22 -43.03 10.26
N ALA A 327 -11.31 -42.54 10.84
CA ALA A 327 -11.93 -41.31 10.35
C ALA A 327 -11.07 -40.06 10.58
N ASP A 328 -10.11 -40.14 11.49
CA ASP A 328 -9.14 -39.07 11.72
C ASP A 328 -7.95 -39.02 10.78
N TRP A 329 -7.70 -40.11 10.04
CA TRP A 329 -6.66 -40.17 8.99
C TRP A 329 -7.35 -40.26 7.62
N ILE A 330 -7.57 -39.09 7.02
CA ILE A 330 -8.14 -38.99 5.70
C ILE A 330 -7.28 -38.10 4.80
N ASN A 331 -7.51 -38.17 3.49
CA ASN A 331 -6.75 -37.35 2.55
C ASN A 331 -7.60 -36.17 2.02
N ALA A 332 -7.09 -35.42 1.05
CA ALA A 332 -7.79 -34.21 0.58
C ALA A 332 -9.16 -34.51 0.04
N GLY A 333 -9.26 -35.64 -0.66
CA GLY A 333 -10.56 -36.15 -1.13
C GLY A 333 -11.42 -36.93 -0.15
N LYS A 334 -11.14 -36.85 1.16
CA LYS A 334 -11.93 -37.54 2.24
C LYS A 334 -11.93 -39.07 2.18
N GLN A 335 -10.87 -39.61 1.60
CA GLN A 335 -10.63 -41.01 1.60
C GLN A 335 -9.78 -41.33 2.80
N THR A 336 -10.04 -42.47 3.42
CA THR A 336 -9.21 -42.96 4.51
C THR A 336 -7.87 -43.48 3.99
N ILE A 337 -6.84 -43.23 4.79
CA ILE A 337 -5.46 -43.22 4.36
C ILE A 337 -4.56 -43.91 5.41
N SER A 338 -3.39 -44.39 5.00
CA SER A 338 -2.43 -44.89 5.98
C SER A 338 -1.30 -43.90 6.00
N HIS A 339 -0.37 -44.10 6.90
CA HIS A 339 0.81 -43.24 6.94
C HIS A 339 2.06 -44.10 7.14
N LEU A 340 3.18 -43.64 6.59
CA LEU A 340 4.44 -44.35 6.64
C LEU A 340 5.30 -43.85 7.79
N ALA A 341 6.43 -44.52 7.96
CA ALA A 341 7.43 -44.16 8.92
C ALA A 341 7.99 -42.77 8.55
N GLY A 342 8.15 -41.92 9.55
CA GLY A 342 8.62 -40.57 9.33
C GLY A 342 7.52 -39.60 8.97
N SER A 343 6.30 -39.96 9.34
CA SER A 343 5.14 -39.11 9.14
C SER A 343 5.04 -37.98 10.17
N ALA A 344 4.50 -36.84 9.76
CA ALA A 344 4.34 -35.73 10.66
C ALA A 344 3.01 -35.05 10.35
N LEU A 345 2.28 -34.75 11.43
CA LEU A 345 0.99 -34.11 11.35
C LEU A 345 1.19 -32.67 11.74
N PHE A 346 0.49 -31.76 11.09
CA PHE A 346 0.59 -30.32 11.37
C PHE A 346 -0.79 -29.71 11.02
N ASP A 347 -1.07 -28.48 11.45
CA ASP A 347 -2.36 -27.82 11.20
C ASP A 347 -2.42 -27.14 9.82
N SER A 348 -3.61 -26.69 9.42
CA SER A 348 -3.82 -26.09 8.08
C SER A 348 -3.05 -24.80 7.83
N ALA A 349 -2.74 -24.06 8.89
CA ALA A 349 -1.95 -22.83 8.74
C ALA A 349 -0.50 -23.21 8.38
N THR A 350 0.06 -24.15 9.12
CA THR A 350 1.36 -24.68 8.80
C THR A 350 1.37 -25.42 7.45
N SER A 351 0.32 -26.16 7.16
CA SER A 351 0.23 -26.87 5.88
C SER A 351 0.36 -25.93 4.68
N PHE A 352 -0.35 -24.82 4.70
CA PHE A 352 -0.27 -23.93 3.57
C PHE A 352 0.90 -22.98 3.56
N ALA A 353 1.53 -22.77 4.72
CA ALA A 353 2.82 -22.08 4.80
C ALA A 353 3.92 -22.94 4.10
N MET A 354 3.97 -24.21 4.48
CA MET A 354 4.73 -25.23 3.80
C MET A 354 4.54 -25.13 2.26
N ILE A 355 3.30 -25.10 1.79
CA ILE A 355 3.04 -25.13 0.34
C ILE A 355 3.37 -23.76 -0.27
N ARG A 356 2.75 -22.71 0.24
CA ARG A 356 2.98 -21.33 -0.23
C ARG A 356 4.45 -20.90 -0.19
N GLY A 357 5.14 -21.34 0.86
CA GLY A 357 6.58 -21.12 0.93
C GLY A 357 7.44 -21.97 0.01
N GLY A 358 6.84 -22.89 -0.73
CA GLY A 358 7.55 -23.64 -1.74
C GLY A 358 8.38 -24.80 -1.24
N HIS A 359 7.96 -25.46 -0.17
CA HIS A 359 8.72 -26.60 0.38
C HIS A 359 8.35 -27.96 -0.23
N MET A 360 7.37 -27.98 -1.15
CA MET A 360 7.08 -29.12 -2.02
C MET A 360 8.00 -29.07 -3.23
N ASP A 361 8.47 -30.25 -3.63
CA ASP A 361 9.30 -30.39 -4.80
C ASP A 361 8.43 -30.68 -6.02
N LEU A 362 7.20 -31.12 -5.82
CA LEU A 362 6.29 -31.37 -6.96
C LEU A 362 4.84 -31.30 -6.49
N THR A 363 3.94 -30.77 -7.32
CA THR A 363 2.52 -30.88 -7.09
C THR A 363 1.86 -31.43 -8.35
N MET A 364 0.76 -32.16 -8.17
CA MET A 364 -0.01 -32.77 -9.25
C MET A 364 -1.52 -32.56 -9.00
N LEU A 365 -2.25 -32.07 -10.01
CA LEU A 365 -3.68 -31.68 -9.85
C LEU A 365 -4.67 -32.23 -10.89
N GLY A 366 -5.91 -32.45 -10.45
CA GLY A 366 -7.03 -32.77 -11.35
C GLY A 366 -7.48 -31.51 -12.06
N ALA A 367 -8.27 -31.66 -13.12
CA ALA A 367 -8.65 -30.50 -13.95
C ALA A 367 -10.07 -30.55 -14.54
N LEU A 368 -10.58 -29.36 -14.82
CA LEU A 368 -11.83 -29.10 -15.48
C LEU A 368 -11.42 -28.87 -16.92
N GLU A 369 -10.31 -28.17 -17.11
CA GLU A 369 -9.71 -27.94 -18.42
C GLU A 369 -8.30 -27.39 -18.23
N VAL A 370 -7.44 -27.54 -19.21
CA VAL A 370 -6.10 -26.98 -19.12
C VAL A 370 -5.76 -26.39 -20.47
N ALA A 371 -4.96 -25.35 -20.44
CA ALA A 371 -4.63 -24.66 -21.66
C ALA A 371 -3.22 -24.80 -22.00
N ALA A 372 -2.94 -24.66 -23.30
CA ALA A 372 -1.61 -24.76 -23.89
C ALA A 372 -0.61 -23.72 -23.40
N ASN A 373 -1.05 -22.55 -22.98
CA ASN A 373 -0.12 -21.56 -22.46
C ASN A 373 0.34 -21.97 -21.07
N GLY A 374 -0.30 -22.99 -20.55
CA GLY A 374 -0.01 -23.53 -19.24
C GLY A 374 -0.87 -23.06 -18.11
N ASP A 375 -1.65 -22.02 -18.30
CA ASP A 375 -2.50 -21.54 -17.26
C ASP A 375 -3.49 -22.67 -17.10
N LEU A 376 -4.05 -22.84 -15.92
CA LEU A 376 -4.92 -23.96 -15.69
C LEU A 376 -6.17 -23.62 -14.98
N ALA A 377 -7.21 -24.35 -15.28
CA ALA A 377 -8.47 -24.16 -14.62
C ALA A 377 -8.96 -25.50 -14.12
N ASN A 378 -9.26 -25.61 -12.84
CA ASN A 378 -9.75 -26.84 -12.29
C ASN A 378 -10.63 -26.63 -11.08
N PHE A 379 -11.31 -25.51 -10.97
CA PHE A 379 -11.99 -25.16 -9.73
C PHE A 379 -13.49 -24.92 -9.80
N MET A 380 -14.03 -24.46 -10.93
CA MET A 380 -15.49 -24.32 -11.07
C MET A 380 -15.89 -24.00 -12.51
N ILE A 381 -17.13 -24.34 -12.89
CA ILE A 381 -17.77 -23.85 -14.14
C ILE A 381 -19.03 -23.05 -13.72
N PRO A 382 -19.12 -21.75 -14.11
CA PRO A 382 -20.15 -20.84 -13.50
C PRO A 382 -21.62 -21.29 -13.59
N GLY A 383 -22.27 -21.41 -12.44
CA GLY A 383 -23.68 -21.80 -12.37
C GLY A 383 -24.01 -23.28 -12.46
N LYS A 384 -23.02 -24.15 -12.72
CA LYS A 384 -23.24 -25.60 -12.97
C LYS A 384 -22.42 -26.51 -12.05
N LEU A 385 -21.12 -26.65 -12.27
CA LEU A 385 -20.28 -27.35 -11.32
C LEU A 385 -19.81 -26.35 -10.23
N VAL A 386 -20.35 -26.51 -9.02
CA VAL A 386 -20.02 -25.65 -7.89
C VAL A 386 -19.08 -26.43 -6.99
N LYS A 387 -17.82 -26.02 -6.93
CA LYS A 387 -16.77 -26.83 -6.28
C LYS A 387 -15.95 -26.03 -5.28
N GLY A 388 -15.30 -24.97 -5.75
CA GLY A 388 -14.42 -24.13 -4.95
C GLY A 388 -12.98 -24.26 -5.40
N PRO A 389 -12.12 -23.30 -5.03
CA PRO A 389 -10.70 -23.44 -5.30
C PRO A 389 -10.00 -24.43 -4.38
N GLY A 390 -10.48 -24.61 -3.16
CA GLY A 390 -9.77 -25.47 -2.19
C GLY A 390 -8.35 -24.97 -1.99
N GLY A 391 -7.39 -25.88 -2.02
CA GLY A 391 -5.96 -25.54 -1.93
C GLY A 391 -5.30 -25.39 -3.28
N ALA A 392 -6.06 -25.63 -4.34
CA ALA A 392 -5.57 -25.58 -5.71
C ALA A 392 -4.90 -24.24 -6.04
N MET A 393 -5.55 -23.15 -5.71
CA MET A 393 -4.99 -21.84 -6.01
C MET A 393 -3.68 -21.64 -5.26
N ASP A 394 -3.53 -22.19 -4.05
CA ASP A 394 -2.25 -22.07 -3.28
C ASP A 394 -1.16 -22.94 -3.90
N LEU A 395 -1.58 -24.12 -4.38
CA LEU A 395 -0.64 -25.06 -4.95
C LEU A 395 -0.05 -24.60 -6.28
N VAL A 396 -0.86 -23.94 -7.11
CA VAL A 396 -0.35 -23.47 -8.40
C VAL A 396 0.50 -22.21 -8.33
N SER A 397 0.48 -21.45 -7.23
CA SER A 397 1.12 -20.12 -7.24
C SER A 397 2.33 -19.96 -6.30
N CYS A 398 2.75 -21.05 -5.66
CA CYS A 398 4.01 -21.11 -4.93
C CYS A 398 5.17 -21.36 -5.91
N GLY A 399 6.37 -21.61 -5.42
CA GLY A 399 7.50 -21.86 -6.36
C GLY A 399 7.46 -23.14 -7.18
N THR A 400 6.53 -24.03 -6.88
CA THR A 400 6.71 -25.46 -7.12
C THR A 400 6.25 -25.95 -8.50
N ARG A 401 7.08 -26.80 -9.09
CA ARG A 401 6.76 -27.51 -10.33
C ARG A 401 5.37 -28.15 -10.30
N VAL A 402 4.60 -27.96 -11.38
CA VAL A 402 3.21 -28.43 -11.45
C VAL A 402 2.99 -29.42 -12.63
N VAL A 403 2.06 -30.36 -12.44
CA VAL A 403 1.79 -31.46 -13.36
C VAL A 403 0.29 -31.81 -13.27
N VAL A 404 -0.41 -31.85 -14.40
CA VAL A 404 -1.86 -32.10 -14.38
C VAL A 404 -2.15 -33.54 -14.80
N THR A 405 -3.19 -34.10 -14.19
CA THR A 405 -3.65 -35.46 -14.45
C THR A 405 -5.20 -35.39 -14.68
N THR A 406 -5.64 -35.79 -15.87
CA THR A 406 -7.07 -35.70 -16.29
C THR A 406 -7.45 -36.77 -17.33
N THR A 407 -8.75 -37.01 -17.52
CA THR A 407 -9.20 -37.74 -18.73
C THR A 407 -8.98 -36.79 -19.92
N HIS A 408 -8.79 -37.31 -21.14
CA HIS A 408 -8.53 -36.42 -22.31
C HIS A 408 -9.73 -35.59 -22.72
N CYS A 409 -10.90 -36.10 -22.36
CA CYS A 409 -12.11 -35.42 -22.65
C CYS A 409 -13.06 -35.55 -21.52
N ASN A 410 -14.01 -34.65 -21.51
CA ASN A 410 -15.04 -34.68 -20.54
C ASN A 410 -16.03 -35.71 -21.03
N LYS A 411 -17.02 -35.97 -20.22
CA LYS A 411 -18.02 -36.97 -20.46
C LYS A 411 -18.88 -36.67 -21.66
N ASN A 412 -18.76 -35.46 -22.18
CA ASN A 412 -19.49 -35.05 -23.36
C ASN A 412 -18.59 -35.22 -24.58
N GLY A 413 -17.47 -35.90 -24.39
CA GLY A 413 -16.51 -36.13 -25.45
C GLY A 413 -15.83 -34.93 -26.01
N ASP A 414 -15.46 -33.99 -25.16
CA ASP A 414 -14.77 -32.80 -25.64
C ASP A 414 -13.40 -32.54 -25.04
N PRO A 415 -12.57 -31.73 -25.80
CA PRO A 415 -11.21 -31.58 -25.28
C PRO A 415 -11.09 -31.00 -23.92
N LYS A 416 -10.22 -31.58 -23.12
CA LYS A 416 -9.92 -31.05 -21.80
C LYS A 416 -8.68 -30.18 -21.97
N ILE A 417 -7.98 -30.29 -23.09
CA ILE A 417 -6.83 -29.46 -23.34
C ILE A 417 -7.22 -28.57 -24.51
N VAL A 418 -6.93 -27.30 -24.35
CA VAL A 418 -7.30 -26.26 -25.31
C VAL A 418 -6.30 -25.10 -25.34
N GLU A 419 -6.45 -24.20 -26.31
CA GLU A 419 -5.56 -23.06 -26.43
C GLU A 419 -5.59 -22.06 -25.28
N ARG A 420 -6.77 -21.68 -24.84
CA ARG A 420 -6.90 -20.73 -23.75
C ARG A 420 -8.13 -21.14 -22.97
N CYS A 421 -8.13 -20.87 -21.67
CA CYS A 421 -9.21 -21.34 -20.84
C CYS A 421 -10.48 -20.58 -20.87
N ARG A 422 -11.51 -21.29 -21.28
CA ARG A 422 -12.87 -20.83 -21.32
C ARG A 422 -13.36 -20.63 -19.92
N LEU A 423 -12.95 -21.51 -19.03
CA LEU A 423 -13.35 -21.45 -17.65
C LEU A 423 -12.44 -20.61 -16.81
N PRO A 424 -12.97 -20.16 -15.59
CA PRO A 424 -12.05 -19.34 -14.78
C PRO A 424 -10.76 -20.05 -14.38
N VAL A 425 -9.71 -19.27 -14.30
CA VAL A 425 -8.40 -19.81 -14.11
C VAL A 425 -8.20 -20.10 -12.62
N THR A 426 -7.45 -21.14 -12.32
CA THR A 426 -6.97 -21.43 -10.96
C THR A 426 -5.69 -20.66 -10.71
N GLY A 427 -4.84 -20.57 -11.73
CA GLY A 427 -3.67 -19.66 -11.74
C GLY A 427 -3.07 -19.56 -13.14
N LYS A 428 -2.28 -18.53 -13.40
CA LYS A 428 -1.77 -18.34 -14.77
C LYS A 428 -0.33 -18.84 -14.89
N HIS A 429 0.02 -19.30 -16.11
CA HIS A 429 1.38 -19.76 -16.49
C HIS A 429 2.04 -20.58 -15.37
N CYS A 430 1.40 -21.68 -15.03
CA CYS A 430 1.82 -22.45 -13.87
C CYS A 430 2.01 -23.93 -14.15
N VAL A 431 1.24 -24.51 -15.05
CA VAL A 431 1.31 -25.94 -15.38
C VAL A 431 2.45 -26.30 -16.28
N CYS A 432 3.22 -27.31 -15.90
CA CYS A 432 4.37 -27.78 -16.65
C CYS A 432 4.10 -29.14 -17.26
N ARG A 433 3.30 -29.96 -16.59
CA ARG A 433 3.02 -31.28 -17.10
C ARG A 433 1.60 -31.80 -17.37
N ILE A 434 1.68 -32.51 -18.47
CA ILE A 434 0.78 -33.12 -19.39
C ILE A 434 0.24 -34.57 -19.26
N ILE A 435 0.00 -35.14 -18.11
CA ILE A 435 -0.47 -36.54 -18.17
C ILE A 435 -2.00 -36.59 -18.30
N THR A 436 -2.44 -37.47 -19.22
CA THR A 436 -3.84 -37.65 -19.61
C THR A 436 -3.93 -39.10 -20.18
N GLU A 437 -4.22 -39.29 -21.49
CA GLU A 437 -3.89 -40.55 -22.24
C GLU A 437 -2.80 -40.27 -23.31
N TYR A 438 -1.86 -39.43 -22.94
CA TYR A 438 -0.70 -39.15 -23.73
C TYR A 438 0.00 -38.13 -22.87
N ALA A 439 1.10 -37.56 -23.32
CA ALA A 439 1.82 -36.62 -22.51
C ALA A 439 2.89 -35.83 -23.22
N VAL A 440 3.53 -35.05 -22.36
CA VAL A 440 4.65 -34.11 -22.62
C VAL A 440 4.56 -32.84 -23.44
N PHE A 441 4.77 -31.77 -22.68
CA PHE A 441 4.86 -30.41 -23.14
C PHE A 441 5.57 -29.70 -22.06
N ASP A 442 6.05 -28.50 -22.33
CA ASP A 442 6.70 -27.76 -21.28
C ASP A 442 6.78 -26.31 -21.62
N VAL A 443 6.90 -25.47 -20.61
CA VAL A 443 6.97 -24.05 -20.81
C VAL A 443 8.30 -23.47 -20.42
N VAL A 444 8.92 -22.80 -21.36
CA VAL A 444 10.17 -22.15 -21.09
C VAL A 444 10.04 -20.73 -21.55
N ASP A 445 10.47 -19.79 -20.73
CA ASP A 445 10.40 -18.41 -21.15
C ASP A 445 9.04 -18.05 -21.71
N GLY A 446 8.01 -18.48 -21.01
CA GLY A 446 6.65 -18.15 -21.40
C GLY A 446 5.99 -18.82 -22.56
N ARG A 447 6.56 -19.89 -23.10
CA ARG A 447 5.94 -20.61 -24.21
C ARG A 447 6.22 -22.09 -24.13
N LEU A 448 5.28 -22.87 -24.62
CA LEU A 448 5.50 -24.29 -24.58
C LEU A 448 6.55 -24.84 -25.53
N VAL A 449 7.39 -25.73 -25.04
CA VAL A 449 8.37 -26.37 -25.89
C VAL A 449 7.96 -27.83 -25.78
N LEU A 450 7.68 -28.50 -26.89
CA LEU A 450 7.28 -29.90 -26.85
C LEU A 450 8.50 -30.74 -26.60
N LYS A 451 8.41 -31.65 -25.64
CA LYS A 451 9.56 -32.47 -25.31
C LYS A 451 9.59 -33.96 -25.70
N GLU A 452 8.47 -34.67 -25.62
CA GLU A 452 8.49 -36.07 -26.00
C GLU A 452 7.32 -36.51 -26.86
N ILE A 453 7.59 -37.49 -27.74
CA ILE A 453 6.66 -38.10 -28.70
C ILE A 453 6.39 -39.55 -28.38
N ALA A 454 5.13 -39.97 -28.41
CA ALA A 454 4.81 -41.35 -28.10
C ALA A 454 5.23 -42.38 -29.16
N GLU A 455 5.95 -43.40 -28.73
CA GLU A 455 6.41 -44.47 -29.61
C GLU A 455 7.16 -43.82 -30.77
N ASP A 456 6.91 -44.32 -31.98
CA ASP A 456 7.53 -43.74 -33.16
C ASP A 456 6.44 -43.05 -33.95
N THR A 457 5.34 -42.71 -33.28
CA THR A 457 4.22 -42.04 -33.91
C THR A 457 4.52 -40.55 -34.06
N THR A 458 3.73 -39.85 -34.89
CA THR A 458 3.91 -38.44 -35.26
C THR A 458 3.46 -37.18 -34.50
N VAL A 459 4.20 -36.11 -34.80
CA VAL A 459 4.05 -34.74 -34.35
C VAL A 459 2.74 -34.17 -34.85
N ASP A 460 2.36 -34.58 -36.05
CA ASP A 460 1.15 -34.12 -36.69
C ASP A 460 -0.10 -34.47 -35.92
N GLN A 461 -0.17 -35.65 -35.31
CA GLN A 461 -1.36 -35.98 -34.54
C GLN A 461 -1.41 -34.90 -33.44
N VAL A 462 -0.26 -34.71 -32.79
CA VAL A 462 -0.02 -33.71 -31.76
C VAL A 462 -0.11 -32.30 -32.29
N LYS A 463 0.38 -32.10 -33.51
CA LYS A 463 0.36 -30.77 -34.08
C LYS A 463 -1.09 -30.35 -34.19
N LYS A 464 -2.01 -31.30 -34.25
CA LYS A 464 -3.41 -30.93 -34.31
C LYS A 464 -3.68 -30.65 -32.83
N LEU A 465 -2.92 -29.68 -32.32
CA LEU A 465 -2.99 -29.27 -30.94
C LEU A 465 -4.13 -28.36 -30.82
N THR A 466 -5.01 -28.62 -29.87
CA THR A 466 -6.16 -27.77 -29.70
C THR A 466 -5.62 -26.40 -29.36
N GLY A 467 -4.38 -26.31 -28.91
CA GLY A 467 -3.86 -25.02 -28.55
C GLY A 467 -2.82 -24.17 -29.23
N VAL A 468 -1.64 -24.70 -29.50
CA VAL A 468 -0.58 -23.86 -30.04
C VAL A 468 0.60 -24.47 -30.77
N GLY A 469 1.46 -23.58 -31.24
CA GLY A 469 2.70 -23.89 -31.91
C GLY A 469 3.69 -24.21 -30.81
N PHE A 470 4.83 -24.81 -31.17
CA PHE A 470 5.84 -25.20 -30.17
C PHE A 470 7.21 -25.52 -30.77
N ASP A 471 8.20 -25.83 -29.95
CA ASP A 471 9.51 -26.17 -30.46
C ASP A 471 9.59 -27.64 -30.75
N ALA A 472 9.91 -28.00 -31.99
CA ALA A 472 10.04 -29.40 -32.35
C ALA A 472 11.45 -29.79 -32.76
N ASP A 473 12.40 -28.93 -32.50
CA ASP A 473 13.79 -29.17 -32.82
C ASP A 473 14.43 -30.34 -32.10
N ASN A 474 14.05 -30.52 -30.84
CA ASN A 474 14.58 -31.59 -30.03
C ASN A 474 13.46 -32.38 -29.40
N VAL A 475 12.74 -33.14 -30.20
CA VAL A 475 11.68 -33.98 -29.68
C VAL A 475 12.29 -35.34 -29.54
N ILE A 476 11.71 -36.16 -28.69
CA ILE A 476 12.23 -37.48 -28.46
C ILE A 476 11.19 -38.44 -27.95
N THR A 477 11.55 -39.71 -27.97
CA THR A 477 10.68 -40.79 -27.54
C THR A 477 10.51 -40.86 -26.02
N MET A 478 9.36 -41.38 -25.63
CA MET A 478 8.89 -41.51 -24.26
C MET A 478 9.44 -42.54 -23.32
N PRO A 479 9.63 -42.21 -22.05
CA PRO A 479 9.95 -43.25 -21.08
C PRO A 479 8.67 -43.39 -20.25
N LEU A 480 7.97 -44.50 -20.40
CA LEU A 480 6.70 -44.72 -19.74
C LEU A 480 6.68 -45.97 -18.91
N GLY B 2 12.55 -44.52 5.67
CA GLY B 2 12.28 -43.24 4.94
C GLY B 2 13.56 -42.54 4.46
N LEU B 3 13.51 -41.23 4.26
CA LEU B 3 14.71 -40.47 3.89
C LEU B 3 15.73 -40.40 5.02
N ASP B 4 16.98 -40.15 4.65
CA ASP B 4 18.06 -40.10 5.61
C ASP B 4 18.89 -38.90 5.31
N LYS B 5 18.85 -37.96 6.25
CA LYS B 5 19.52 -36.68 6.12
C LYS B 5 20.61 -36.55 7.15
N VAL B 6 20.93 -37.63 7.85
CA VAL B 6 22.00 -37.60 8.84
C VAL B 6 23.39 -37.36 8.19
N MET B 7 24.21 -36.48 8.80
CA MET B 7 25.59 -36.25 8.40
C MET B 7 26.44 -35.93 9.61
N SER B 8 27.75 -36.00 9.41
CA SER B 8 28.66 -35.46 10.39
C SER B 8 28.54 -33.94 10.48
N LEU B 9 28.93 -33.45 11.63
CA LEU B 9 28.91 -32.05 11.94
C LEU B 9 29.71 -31.27 10.88
N SER B 10 30.95 -31.72 10.61
CA SER B 10 31.86 -30.90 9.83
C SER B 10 31.40 -30.81 8.38
N SER B 11 30.90 -31.90 7.80
CA SER B 11 30.39 -31.86 6.42
C SER B 11 29.08 -31.06 6.26
N ALA B 12 28.27 -30.96 7.32
CA ALA B 12 27.04 -30.17 7.26
C ALA B 12 27.28 -28.66 7.21
N VAL B 13 28.29 -28.18 7.94
CA VAL B 13 28.57 -26.76 7.98
C VAL B 13 29.55 -26.33 6.89
N GLN B 14 30.26 -27.27 6.28
CA GLN B 14 31.28 -26.95 5.24
C GLN B 14 30.77 -26.14 4.05
N ASP B 15 29.47 -26.27 3.72
CA ASP B 15 28.86 -25.50 2.61
C ASP B 15 28.65 -23.98 2.90
N ILE B 16 28.86 -23.53 4.15
CA ILE B 16 28.59 -22.15 4.53
C ILE B 16 29.74 -21.29 4.05
N LYS B 17 29.47 -20.36 3.16
CA LYS B 17 30.51 -19.51 2.57
C LYS B 17 30.55 -18.17 3.29
N ASN B 18 31.71 -17.49 3.18
CA ASN B 18 31.87 -16.13 3.68
C ASN B 18 30.71 -15.25 3.22
N GLY B 19 30.22 -14.40 4.10
CA GLY B 19 29.14 -13.47 3.74
C GLY B 19 27.74 -14.06 3.83
N ALA B 20 27.62 -15.31 4.29
CA ALA B 20 26.35 -16.04 4.32
C ALA B 20 25.40 -15.44 5.36
N THR B 21 24.10 -15.41 5.03
CA THR B 21 23.04 -15.14 6.04
C THR B 21 22.64 -16.43 6.75
N LEU B 22 22.57 -16.34 8.08
CA LEU B 22 22.15 -17.43 8.95
C LEU B 22 20.99 -16.99 9.84
N ALA B 23 19.97 -17.83 9.95
CA ALA B 23 18.95 -17.68 11.02
C ALA B 23 19.34 -18.68 12.08
N VAL B 24 19.43 -18.25 13.34
CA VAL B 24 19.86 -19.11 14.44
C VAL B 24 18.85 -19.13 15.63
N GLY B 25 18.29 -20.30 15.89
CA GLY B 25 17.35 -20.49 16.98
C GLY B 25 17.99 -20.44 18.34
N GLY B 26 17.14 -20.47 19.36
CA GLY B 26 17.59 -20.34 20.73
C GLY B 26 17.21 -19.03 21.35
N PHE B 27 16.93 -19.09 22.65
CA PHE B 27 16.49 -17.96 23.44
C PHE B 27 17.40 -18.04 24.63
N GLY B 28 18.31 -17.09 24.76
CA GLY B 28 19.29 -17.14 25.81
C GLY B 28 20.23 -18.26 25.40
N THR B 29 20.42 -19.24 26.27
CA THR B 29 21.14 -20.46 25.93
C THR B 29 20.20 -21.64 25.64
N GLY B 30 18.92 -21.48 25.98
CA GLY B 30 17.93 -22.54 25.82
C GLY B 30 17.59 -22.68 24.36
N GLY B 31 17.90 -23.85 23.80
CA GLY B 31 17.68 -24.15 22.39
C GLY B 31 18.66 -23.53 21.42
N MET B 32 19.81 -23.12 21.93
CA MET B 32 20.89 -22.49 21.13
C MET B 32 21.78 -23.60 20.60
N PRO B 33 21.97 -23.65 19.28
CA PRO B 33 22.84 -24.70 18.70
C PRO B 33 24.34 -24.45 18.90
N HIS B 34 24.81 -24.53 20.12
CA HIS B 34 26.20 -24.22 20.45
C HIS B 34 27.23 -25.11 19.73
N ALA B 35 26.95 -26.38 19.53
CA ALA B 35 27.96 -27.28 18.93
C ALA B 35 28.19 -26.98 17.46
N ILE B 36 27.12 -26.61 16.76
CA ILE B 36 27.25 -26.13 15.41
C ILE B 36 27.99 -24.76 15.39
N MET B 37 27.67 -23.88 16.33
CA MET B 37 28.38 -22.62 16.41
C MET B 37 29.88 -22.88 16.58
N GLN B 38 30.21 -23.80 17.48
CA GLN B 38 31.60 -24.27 17.69
C GLN B 38 32.25 -24.67 16.37
N GLU B 39 31.51 -25.45 15.58
CA GLU B 39 31.96 -25.94 14.29
C GLU B 39 32.07 -24.82 13.24
N ILE B 40 31.15 -23.86 13.22
CA ILE B 40 31.31 -22.67 12.34
C ILE B 40 32.58 -21.87 12.71
N LYS B 41 32.96 -21.88 13.99
CA LYS B 41 34.23 -21.26 14.42
C LYS B 41 35.48 -22.04 13.97
N LYS B 42 35.48 -23.36 14.11
CA LYS B 42 36.59 -24.22 13.59
C LYS B 42 36.80 -24.05 12.10
N MET B 43 35.73 -24.03 11.31
CA MET B 43 35.87 -23.91 9.85
C MET B 43 36.23 -22.45 9.35
N GLY B 44 36.07 -21.45 10.22
CA GLY B 44 36.66 -20.13 10.01
C GLY B 44 35.97 -19.16 9.07
N VAL B 45 34.71 -19.41 8.71
CA VAL B 45 33.99 -18.55 7.79
C VAL B 45 33.75 -17.18 8.41
N ARG B 46 33.84 -16.16 7.57
CA ARG B 46 33.84 -14.75 7.97
C ARG B 46 32.66 -14.00 7.31
N ASP B 47 32.50 -12.74 7.68
CA ASP B 47 31.46 -11.82 7.15
C ASP B 47 30.01 -12.30 7.31
N LEU B 48 29.71 -13.02 8.41
CA LEU B 48 28.38 -13.58 8.59
C LEU B 48 27.40 -12.48 8.95
N ILE B 49 26.18 -12.69 8.49
CA ILE B 49 25.03 -11.88 8.85
C ILE B 49 24.10 -12.82 9.60
N ILE B 50 23.86 -12.56 10.88
CA ILE B 50 23.06 -13.46 11.72
C ILE B 50 21.75 -12.89 12.24
N TYR B 51 20.64 -13.54 11.89
CA TYR B 51 19.34 -13.26 12.52
C TYR B 51 19.11 -14.24 13.67
N SER B 52 18.88 -13.72 14.87
CA SER B 52 18.60 -14.56 16.05
C SER B 52 17.89 -13.74 17.11
N ASP B 53 17.11 -14.38 17.96
CA ASP B 53 16.46 -13.70 19.08
C ASP B 53 17.44 -12.79 19.86
N GLY B 54 18.57 -13.37 20.27
CA GLY B 54 19.60 -12.70 20.98
C GLY B 54 20.95 -12.95 20.31
N ALA B 55 21.97 -12.32 20.90
CA ALA B 55 23.35 -12.35 20.39
C ALA B 55 24.22 -13.38 21.10
N GLY B 56 23.60 -14.28 21.86
CA GLY B 56 24.32 -15.30 22.60
C GLY B 56 24.99 -14.64 23.78
N VAL B 57 25.83 -15.41 24.43
CA VAL B 57 26.55 -15.01 25.62
C VAL B 57 28.04 -15.19 25.32
N ASP B 58 28.91 -14.64 26.15
CA ASP B 58 30.37 -14.83 26.01
C ASP B 58 30.74 -16.31 26.04
N GLY B 59 31.48 -16.75 25.03
CA GLY B 59 31.96 -18.12 25.00
C GLY B 59 30.91 -19.21 24.83
N TYR B 60 29.71 -18.87 24.35
CA TYR B 60 28.69 -19.88 24.08
C TYR B 60 27.73 -19.46 22.96
N GLY B 61 27.24 -20.45 22.23
CA GLY B 61 26.52 -20.28 20.98
C GLY B 61 27.11 -19.28 20.05
N ILE B 62 26.31 -18.29 19.68
CA ILE B 62 26.71 -17.26 18.79
C ILE B 62 27.86 -16.43 19.40
N GLY B 63 27.93 -16.31 20.73
CA GLY B 63 29.06 -15.59 21.33
C GLY B 63 30.46 -16.03 20.90
N VAL B 64 30.61 -17.32 20.69
CA VAL B 64 31.85 -17.93 20.16
C VAL B 64 32.39 -17.35 18.82
N LEU B 65 31.50 -16.85 17.97
CA LEU B 65 31.86 -16.37 16.67
C LEU B 65 32.50 -14.99 16.71
N PHE B 66 32.35 -14.28 17.82
CA PHE B 66 32.92 -12.95 17.93
C PHE B 66 34.43 -13.01 18.16
N GLU B 67 34.87 -14.11 18.75
CA GLU B 67 36.26 -14.30 19.16
C GLU B 67 37.24 -14.06 18.00
N ASN B 68 36.94 -14.59 16.81
CA ASN B 68 37.78 -14.34 15.62
C ASN B 68 37.11 -13.41 14.61
N LYS B 69 36.24 -12.52 15.09
CA LYS B 69 35.56 -11.53 14.25
C LYS B 69 34.91 -12.13 13.01
N GLN B 70 34.19 -13.22 13.20
CA GLN B 70 33.52 -13.92 12.13
C GLN B 70 32.18 -13.29 11.75
N ILE B 71 31.75 -12.25 12.47
CA ILE B 71 30.41 -11.68 12.27
C ILE B 71 30.52 -10.23 11.80
N ASN B 72 29.83 -9.96 10.71
CA ASN B 72 29.62 -8.61 10.18
C ASN B 72 28.37 -7.93 10.79
N LYS B 73 27.26 -8.65 10.87
CA LYS B 73 25.96 -8.05 11.20
C LYS B 73 25.10 -8.97 12.04
N MET B 74 24.46 -8.38 13.05
CA MET B 74 23.47 -9.03 13.90
C MET B 74 22.12 -8.30 13.72
N ILE B 75 21.07 -9.08 13.55
CA ILE B 75 19.71 -8.62 13.57
C ILE B 75 19.12 -9.41 14.71
N VAL B 76 18.85 -8.73 15.84
CA VAL B 76 18.34 -9.40 17.00
C VAL B 76 17.33 -8.55 17.72
N SER B 77 16.71 -9.16 18.70
CA SER B 77 15.80 -8.46 19.56
C SER B 77 16.44 -8.08 20.89
N TYR B 78 17.59 -8.67 21.24
CA TYR B 78 18.18 -8.49 22.56
C TYR B 78 19.69 -8.73 22.55
N VAL B 79 20.47 -7.97 23.30
CA VAL B 79 21.93 -8.19 23.38
C VAL B 79 22.32 -8.84 24.71
N GLY B 80 21.98 -8.27 25.86
CA GLY B 80 22.21 -8.98 27.13
C GLY B 80 23.68 -9.27 27.46
N ASN B 81 23.97 -10.41 28.11
CA ASN B 81 25.32 -10.60 28.69
C ASN B 81 26.36 -11.11 27.68
N ASN B 82 26.64 -10.25 26.71
CA ASN B 82 27.66 -10.51 25.70
C ASN B 82 28.55 -9.28 25.59
N LYS B 83 29.71 -9.38 26.23
CA LYS B 83 30.69 -8.31 26.34
C LYS B 83 31.52 -8.16 25.07
N ILE B 84 31.97 -9.28 24.50
CA ILE B 84 32.74 -9.27 23.22
C ILE B 84 31.93 -8.46 22.19
N PHE B 85 30.64 -8.72 22.10
CA PHE B 85 29.80 -8.10 21.12
C PHE B 85 29.54 -6.64 21.43
N ALA B 86 29.40 -6.33 22.72
CA ALA B 86 29.18 -4.95 23.11
C ALA B 86 30.36 -4.14 22.63
N ARG B 87 31.57 -4.62 22.88
CA ARG B 87 32.78 -3.88 22.51
C ARG B 87 32.92 -3.72 21.02
N GLN B 88 32.70 -4.82 20.31
CA GLN B 88 32.82 -4.83 18.85
C GLN B 88 31.85 -3.89 18.16
N TYR B 89 30.61 -3.89 18.61
CA TYR B 89 29.62 -2.96 18.12
C TYR B 89 30.14 -1.55 18.32
N LEU B 90 30.61 -1.26 19.54
CA LEU B 90 31.08 0.08 19.89
C LEU B 90 32.33 0.50 19.15
N GLU B 91 33.24 -0.43 18.89
CA GLU B 91 34.48 -0.07 18.19
C GLU B 91 34.38 -0.21 16.66
N GLY B 92 33.15 -0.29 16.14
CA GLY B 92 32.89 -0.30 14.71
C GLY B 92 33.13 -1.60 13.96
N ASP B 93 33.31 -2.71 14.66
CA ASP B 93 33.56 -4.01 14.01
C ASP B 93 32.32 -4.72 13.50
N VAL B 94 31.15 -4.41 14.07
CA VAL B 94 29.90 -5.15 13.82
C VAL B 94 28.71 -4.22 13.73
N GLU B 95 27.84 -4.47 12.75
CA GLU B 95 26.59 -3.76 12.59
C GLU B 95 25.53 -4.42 13.47
N LEU B 96 24.65 -3.63 14.06
CA LEU B 96 23.59 -4.16 14.91
C LEU B 96 22.23 -3.54 14.62
N GLU B 97 21.32 -4.36 14.07
CA GLU B 97 19.96 -3.94 13.79
C GLU B 97 19.01 -4.63 14.76
N PHE B 98 18.31 -3.85 15.55
CA PHE B 98 17.28 -4.40 16.42
C PHE B 98 16.01 -4.58 15.67
N CYS B 99 15.27 -5.63 16.05
CA CYS B 99 13.94 -5.92 15.59
C CYS B 99 13.14 -6.35 16.81
N PRO B 100 11.89 -5.88 16.96
CA PRO B 100 11.10 -6.41 18.04
C PRO B 100 10.99 -7.91 17.92
N GLN B 101 11.03 -8.64 19.03
CA GLN B 101 11.11 -10.10 19.01
C GLN B 101 9.96 -10.76 18.26
N GLY B 102 8.75 -10.25 18.47
CA GLY B 102 7.56 -10.80 17.84
C GLY B 102 7.62 -10.59 16.35
N SER B 103 8.00 -9.40 15.94
CA SER B 103 8.19 -9.10 14.50
C SER B 103 9.29 -9.95 13.90
N LEU B 104 10.37 -10.17 14.63
CA LEU B 104 11.44 -11.05 14.14
C LEU B 104 10.92 -12.48 13.90
N ALA B 105 10.21 -13.04 14.89
CA ALA B 105 9.70 -14.42 14.77
C ALA B 105 8.77 -14.55 13.58
N GLU B 106 7.82 -13.61 13.49
CA GLU B 106 6.84 -13.64 12.43
C GLU B 106 7.48 -13.36 11.02
N ARG B 107 8.53 -12.55 10.97
CA ARG B 107 9.24 -12.36 9.71
C ARG B 107 9.88 -13.66 9.22
N MET B 108 10.46 -14.41 10.14
CA MET B 108 11.06 -15.70 9.80
C MET B 108 10.01 -16.67 9.35
N ARG B 109 8.90 -16.71 10.08
CA ARG B 109 7.79 -17.56 9.66
C ARG B 109 7.28 -17.10 8.28
N ALA B 110 7.17 -15.80 8.07
CA ALA B 110 6.64 -15.32 6.80
C ALA B 110 7.61 -15.69 5.66
N GLY B 111 8.90 -15.60 5.95
CA GLY B 111 9.93 -16.10 5.05
C GLY B 111 9.73 -17.54 4.63
N GLY B 112 9.57 -18.42 5.62
CA GLY B 112 9.28 -19.83 5.36
C GLY B 112 7.89 -20.15 4.81
N ALA B 113 6.94 -19.23 4.98
CA ALA B 113 5.54 -19.44 4.65
C ALA B 113 5.08 -18.79 3.34
N GLY B 114 6.02 -18.25 2.57
CA GLY B 114 5.70 -17.56 1.30
C GLY B 114 5.01 -16.20 1.40
N ILE B 115 5.12 -15.54 2.54
CA ILE B 115 4.42 -14.26 2.77
C ILE B 115 5.51 -13.20 2.74
N PRO B 116 5.54 -12.38 1.69
CA PRO B 116 6.61 -11.40 1.56
C PRO B 116 6.53 -10.32 2.60
N ALA B 117 5.32 -9.98 3.03
CA ALA B 117 5.12 -8.99 4.08
C ALA B 117 3.75 -9.07 4.77
N PHE B 118 3.68 -8.44 5.93
CA PHE B 118 2.50 -8.44 6.80
C PHE B 118 2.57 -7.23 7.71
N TYR B 119 1.45 -6.93 8.39
CA TYR B 119 1.35 -5.75 9.21
C TYR B 119 1.25 -6.06 10.70
N THR B 120 1.71 -5.14 11.51
CA THR B 120 1.72 -5.32 12.95
C THR B 120 1.71 -3.94 13.64
N PRO B 121 1.00 -3.83 14.77
CA PRO B 121 1.01 -2.57 15.53
C PRO B 121 2.32 -2.36 16.32
N THR B 122 3.13 -3.40 16.42
CA THR B 122 4.41 -3.34 17.11
C THR B 122 5.40 -2.37 16.42
N ALA B 123 6.03 -1.54 17.28
CA ALA B 123 7.03 -0.54 16.92
C ALA B 123 6.52 0.73 16.26
N VAL B 124 5.21 0.87 16.11
CA VAL B 124 4.64 2.08 15.49
C VAL B 124 4.95 3.29 16.40
N GLY B 125 5.46 4.36 15.78
CA GLY B 125 5.78 5.62 16.45
C GLY B 125 7.05 5.58 17.33
N THR B 126 7.85 4.53 17.18
CA THR B 126 9.11 4.36 17.90
C THR B 126 10.25 4.56 16.92
N VAL B 127 11.48 4.68 17.43
CA VAL B 127 12.67 4.76 16.55
C VAL B 127 12.83 3.53 15.65
N LEU B 128 12.27 2.38 16.03
CA LEU B 128 12.30 1.23 15.12
C LEU B 128 11.39 1.35 13.88
N GLN B 129 10.47 2.31 13.87
CA GLN B 129 9.67 2.63 12.70
C GLN B 129 10.26 3.81 11.96
N THR B 130 10.68 4.85 12.71
CA THR B 130 11.11 6.12 12.09
C THR B 130 12.55 6.16 11.58
N GLY B 131 13.36 5.16 11.90
CA GLY B 131 14.77 5.11 11.48
C GLY B 131 15.61 5.85 12.49
N GLY B 132 16.92 5.84 12.34
CA GLY B 132 17.82 6.57 13.27
C GLY B 132 18.28 5.83 14.53
N GLN B 133 18.01 4.53 14.62
CA GLN B 133 18.78 3.68 15.53
C GLN B 133 20.23 3.72 14.96
N ILE B 134 21.25 3.79 15.83
CA ILE B 134 22.63 3.71 15.37
C ILE B 134 22.85 2.23 15.12
N THR B 135 23.19 1.86 13.90
CA THR B 135 23.40 0.45 13.62
C THR B 135 24.87 0.12 13.47
N LYS B 136 25.68 1.05 12.98
CA LYS B 136 27.11 0.83 12.85
C LYS B 136 27.86 2.09 13.26
N TYR B 137 28.89 1.89 14.08
CA TYR B 137 29.83 2.94 14.41
C TYR B 137 30.93 2.91 13.38
N ASP B 138 31.68 4.01 13.28
CA ASP B 138 32.99 3.99 12.62
C ASP B 138 34.04 3.54 13.66
N LYS B 139 35.31 3.63 13.32
CA LYS B 139 36.37 3.16 14.23
C LYS B 139 36.61 4.09 15.41
N ASN B 140 36.03 5.29 15.44
CA ASN B 140 36.36 6.25 16.49
C ASN B 140 35.17 6.93 17.14
N GLY B 141 34.08 6.17 17.36
CA GLY B 141 32.93 6.64 18.13
C GLY B 141 31.90 7.46 17.37
N GLY B 142 32.11 7.65 16.07
CA GLY B 142 31.17 8.37 15.23
C GLY B 142 30.13 7.42 14.65
N VAL B 143 29.01 7.99 14.24
CA VAL B 143 27.97 7.27 13.53
C VAL B 143 28.42 6.97 12.09
N LEU B 144 28.35 5.71 11.68
CA LEU B 144 28.55 5.32 10.28
C LEU B 144 27.21 4.99 9.62
N LYS B 145 26.44 4.07 10.20
CA LYS B 145 25.12 3.73 9.68
C LYS B 145 23.96 3.91 10.68
N GLU B 146 22.83 4.36 10.17
CA GLU B 146 21.58 4.41 10.93
C GLU B 146 20.55 3.43 10.38
N SER B 147 19.50 3.14 11.14
CA SER B 147 18.50 2.14 10.69
C SER B 147 17.56 2.76 9.64
N THR B 148 17.23 1.97 8.62
CA THR B 148 16.27 2.42 7.59
C THR B 148 14.84 2.39 8.19
N PRO B 149 14.00 3.39 7.88
CA PRO B 149 12.65 3.35 8.44
C PRO B 149 11.77 2.18 7.94
N ARG B 150 10.66 1.96 8.65
CA ARG B 150 9.62 1.01 8.24
C ARG B 150 8.48 1.78 7.59
N GLU B 151 7.89 1.20 6.54
CA GLU B 151 6.63 1.71 5.98
C GLU B 151 5.48 1.52 6.96
N THR B 152 4.47 2.37 6.83
CA THR B 152 3.30 2.33 7.69
C THR B 152 2.00 2.45 6.90
N ARG B 153 0.95 1.88 7.45
CA ARG B 153 -0.35 1.86 6.80
C ARG B 153 -1.47 1.84 7.81
N PHE B 154 -2.53 2.58 7.51
CA PHE B 154 -3.76 2.57 8.32
C PHE B 154 -4.69 1.38 7.96
N PHE B 155 -5.21 0.72 8.98
CA PHE B 155 -6.29 -0.29 8.82
C PHE B 155 -7.35 -0.11 9.93
N GLY B 156 -8.58 0.22 9.54
CA GLY B 156 -9.61 0.54 10.53
C GLY B 156 -9.22 1.70 11.44
N GLY B 157 -8.53 2.69 10.87
CA GLY B 157 -8.15 3.91 11.60
C GLY B 157 -7.01 3.76 12.58
N ARG B 158 -6.24 2.68 12.47
CA ARG B 158 -5.08 2.48 13.33
C ARG B 158 -3.86 2.28 12.43
N LEU B 159 -2.71 2.77 12.85
CA LEU B 159 -1.49 2.68 12.04
C LEU B 159 -0.67 1.41 12.32
N TYR B 160 -0.17 0.77 11.27
CA TYR B 160 0.58 -0.47 11.45
C TYR B 160 1.88 -0.38 10.70
N CYS B 161 2.88 -1.12 11.16
CA CYS B 161 4.18 -1.24 10.46
C CYS B 161 4.14 -2.36 9.47
N LEU B 162 4.75 -2.13 8.33
CA LEU B 162 5.04 -3.19 7.38
C LEU B 162 6.28 -3.90 7.88
N GLU B 163 6.24 -5.23 7.90
CA GLU B 163 7.43 -6.06 8.14
C GLU B 163 7.63 -6.96 6.96
N ASN B 164 8.88 -7.11 6.52
CA ASN B 164 9.28 -7.92 5.36
C ASN B 164 9.80 -9.29 5.80
N ALA B 165 9.48 -10.30 5.00
CA ALA B 165 9.94 -11.68 5.20
C ALA B 165 11.45 -11.74 5.36
N ILE B 166 11.92 -12.64 6.21
CA ILE B 166 13.34 -12.94 6.33
C ILE B 166 13.56 -14.31 5.69
N LYS B 167 14.44 -14.37 4.70
CA LYS B 167 14.87 -15.63 4.08
C LYS B 167 16.40 -15.68 4.11
N THR B 168 16.96 -16.68 4.80
CA THR B 168 18.41 -16.75 5.04
C THR B 168 19.00 -17.88 4.22
N ASP B 169 20.31 -17.86 3.96
CA ASP B 169 20.94 -18.97 3.25
C ASP B 169 20.95 -20.26 4.06
N PHE B 170 21.25 -20.14 5.33
CA PHE B 170 21.20 -21.25 6.24
C PHE B 170 20.32 -20.94 7.42
N SER B 171 19.76 -22.00 8.01
CA SER B 171 19.10 -21.90 9.31
C SER B 171 19.68 -22.99 10.17
N ILE B 172 20.00 -22.66 11.41
CA ILE B 172 20.64 -23.56 12.35
C ILE B 172 19.74 -23.69 13.58
N VAL B 173 19.32 -24.93 13.92
CA VAL B 173 18.41 -25.20 15.04
C VAL B 173 18.91 -26.33 15.97
N LYS B 174 18.47 -26.28 17.22
CA LYS B 174 18.70 -27.35 18.15
C LYS B 174 17.36 -27.93 18.60
N ALA B 175 17.35 -29.26 18.72
CA ALA B 175 16.16 -29.99 19.21
C ALA B 175 16.59 -31.14 20.10
N TRP B 176 15.70 -31.49 21.00
CA TRP B 176 15.90 -32.62 21.89
C TRP B 176 15.99 -33.94 21.15
N LYS B 177 15.18 -34.08 20.10
CA LYS B 177 15.02 -35.34 19.42
C LYS B 177 14.63 -35.07 17.99
N GLY B 178 15.27 -35.79 17.09
CA GLY B 178 14.79 -35.79 15.72
C GLY B 178 15.02 -37.16 15.15
N ASP B 179 14.33 -37.47 14.07
CA ASP B 179 14.60 -38.71 13.35
C ASP B 179 15.54 -38.47 12.14
N ARG B 180 15.85 -39.53 11.42
CA ARG B 180 16.75 -39.42 10.27
C ARG B 180 16.18 -38.53 9.15
N CYS B 181 14.85 -38.43 9.03
CA CYS B 181 14.24 -37.67 7.96
C CYS B 181 14.00 -36.22 8.35
N GLY B 182 14.41 -35.84 9.58
CA GLY B 182 14.40 -34.45 10.03
C GLY B 182 13.23 -34.01 10.90
N ASN B 183 12.25 -34.86 11.17
CA ASN B 183 11.19 -34.49 12.14
C ASN B 183 11.88 -34.19 13.45
N LEU B 184 11.53 -33.05 14.05
CA LEU B 184 12.13 -32.59 15.28
C LEU B 184 11.10 -32.46 16.40
N VAL B 185 11.54 -32.77 17.62
CA VAL B 185 10.78 -32.54 18.85
C VAL B 185 11.70 -31.77 19.82
N PHE B 186 11.21 -30.61 20.25
CA PHE B 186 11.84 -29.74 21.22
C PHE B 186 11.24 -30.04 22.57
N ARG B 187 11.85 -29.45 23.60
CA ARG B 187 11.55 -29.72 24.95
C ARG B 187 11.59 -28.41 25.68
N GLY B 188 10.60 -28.19 26.54
CA GLY B 188 10.54 -27.02 27.39
C GLY B 188 10.51 -25.73 26.61
N THR B 189 11.04 -24.66 27.18
CA THR B 189 11.11 -23.40 26.47
C THR B 189 12.31 -23.34 25.55
N ALA B 190 13.06 -24.43 25.43
CA ALA B 190 14.09 -24.53 24.39
C ALA B 190 13.55 -24.66 22.97
N ARG B 191 12.22 -24.65 22.78
CA ARG B 191 11.64 -24.60 21.42
C ARG B 191 11.78 -23.22 20.79
N ASN B 192 11.17 -22.23 21.42
CA ASN B 192 11.22 -20.82 20.99
C ASN B 192 11.38 -20.54 19.48
N PHE B 193 12.52 -20.03 19.04
CA PHE B 193 12.67 -19.61 17.65
C PHE B 193 13.02 -20.75 16.70
N ASN B 194 13.37 -21.91 17.26
CA ASN B 194 13.81 -23.00 16.45
C ASN B 194 12.73 -23.39 15.43
N VAL B 195 11.46 -23.14 15.75
CA VAL B 195 10.45 -23.46 14.79
C VAL B 195 10.52 -22.50 13.59
N PRO B 196 10.39 -21.17 13.81
CA PRO B 196 10.41 -20.28 12.64
C PRO B 196 11.75 -20.15 11.90
N VAL B 197 12.87 -20.28 12.63
CA VAL B 197 14.21 -20.36 12.05
C VAL B 197 14.27 -21.55 11.15
N GLY B 198 13.83 -22.69 11.66
CA GLY B 198 13.80 -23.91 10.86
C GLY B 198 13.00 -23.84 9.55
N GLN B 199 12.07 -22.90 9.42
CA GLN B 199 11.26 -22.77 8.22
C GLN B 199 11.82 -21.78 7.22
N CYS B 200 12.67 -20.84 7.67
CA CYS B 200 13.09 -19.72 6.82
C CYS B 200 14.43 -19.87 6.07
N GLY B 201 15.24 -20.88 6.42
CA GLY B 201 16.50 -21.11 5.78
C GLY B 201 16.35 -21.91 4.51
N GLN B 202 17.23 -21.63 3.57
CA GLN B 202 17.35 -22.42 2.34
C GLN B 202 17.92 -23.84 2.61
N THR B 203 18.95 -23.92 3.45
CA THR B 203 19.49 -25.17 3.91
C THR B 203 19.30 -25.11 5.41
N VAL B 204 18.58 -26.08 5.98
CA VAL B 204 18.47 -26.06 7.44
C VAL B 204 19.16 -27.29 8.05
N ILE B 205 19.89 -26.99 9.10
CA ILE B 205 20.72 -27.95 9.80
C ILE B 205 20.29 -27.97 11.24
N ALA B 206 20.04 -29.18 11.73
CA ALA B 206 19.50 -29.39 13.04
C ALA B 206 20.43 -30.26 13.86
N GLU B 207 20.98 -29.73 14.96
CA GLU B 207 21.61 -30.61 15.98
C GLU B 207 20.54 -31.16 16.90
N VAL B 208 20.54 -32.48 17.05
CA VAL B 208 19.58 -33.14 17.91
C VAL B 208 20.39 -33.73 19.05
N GLU B 209 19.89 -33.63 20.28
CA GLU B 209 20.46 -34.34 21.44
C GLU B 209 20.20 -35.87 21.38
N ASN B 210 19.16 -36.32 20.66
CA ASN B 210 18.82 -37.75 20.55
C ASN B 210 18.37 -38.07 19.13
N LEU B 211 19.06 -38.98 18.49
CA LEU B 211 18.68 -39.41 17.18
C LEU B 211 17.90 -40.69 17.36
N VAL B 212 16.83 -40.81 16.58
CA VAL B 212 16.05 -42.03 16.55
C VAL B 212 15.71 -42.29 15.10
N GLU B 213 15.08 -43.43 14.85
CA GLU B 213 14.75 -43.86 13.50
C GLU B 213 13.45 -43.30 13.07
N ASN B 214 13.25 -43.28 11.76
CA ASN B 214 11.93 -42.99 11.21
C ASN B 214 10.89 -43.98 11.70
N GLY B 215 9.79 -43.45 12.23
CA GLY B 215 8.79 -44.25 12.92
C GLY B 215 8.95 -44.32 14.42
N ASP B 216 10.03 -43.80 15.00
CA ASP B 216 10.16 -43.73 16.46
C ASP B 216 9.47 -42.55 17.15
N ILE B 217 9.07 -41.54 16.38
CA ILE B 217 8.41 -40.34 16.94
C ILE B 217 6.95 -40.39 16.51
N ASP B 218 6.06 -40.24 17.49
CA ASP B 218 4.62 -40.18 17.26
C ASP B 218 4.33 -39.07 16.27
N PRO B 219 3.76 -39.37 15.10
CA PRO B 219 3.53 -38.33 14.12
C PRO B 219 2.68 -37.15 14.61
N ASP B 220 1.85 -37.42 15.62
CA ASP B 220 1.01 -36.44 16.25
C ASP B 220 1.76 -35.50 17.17
N GLU B 221 3.06 -35.71 17.35
CA GLU B 221 3.81 -34.83 18.21
C GLU B 221 5.19 -34.48 17.67
N VAL B 222 5.25 -34.23 16.36
CA VAL B 222 6.40 -33.61 15.72
C VAL B 222 6.21 -32.09 15.82
N HIS B 223 7.18 -31.39 16.37
CA HIS B 223 7.10 -29.91 16.38
C HIS B 223 7.53 -29.22 15.07
N LEU B 224 8.59 -29.70 14.44
CA LEU B 224 9.06 -29.20 13.14
C LEU B 224 9.08 -30.41 12.22
N PRO B 225 8.19 -30.45 11.22
CA PRO B 225 8.21 -31.60 10.31
C PRO B 225 9.46 -31.61 9.48
N GLY B 226 9.89 -32.81 9.09
CA GLY B 226 11.20 -32.98 8.45
C GLY B 226 11.34 -32.42 7.04
N VAL B 227 10.24 -32.10 6.37
CA VAL B 227 10.32 -31.39 5.10
C VAL B 227 11.06 -30.04 5.21
N TYR B 228 11.06 -29.43 6.39
CA TYR B 228 11.82 -28.20 6.65
C TYR B 228 13.31 -28.45 6.94
N VAL B 229 13.68 -29.67 7.31
CA VAL B 229 15.07 -29.96 7.66
C VAL B 229 15.82 -30.62 6.49
N ASP B 230 17.05 -30.15 6.24
CA ASP B 230 17.89 -30.70 5.18
C ASP B 230 18.99 -31.63 5.73
N ARG B 231 19.51 -31.33 6.91
CA ARG B 231 20.66 -32.00 7.44
C ARG B 231 20.46 -32.17 8.92
N VAL B 232 20.71 -33.39 9.44
CA VAL B 232 20.69 -33.59 10.88
C VAL B 232 22.03 -34.13 11.36
N VAL B 233 22.37 -33.62 12.54
CA VAL B 233 23.69 -33.68 13.09
C VAL B 233 23.52 -34.10 14.54
N VAL B 234 24.36 -34.98 15.03
CA VAL B 234 24.26 -35.43 16.42
C VAL B 234 25.64 -35.24 17.05
N PRO B 235 25.85 -34.07 17.70
CA PRO B 235 27.15 -33.87 18.39
C PRO B 235 27.32 -34.83 19.56
N GLU B 236 28.55 -34.95 20.08
CA GLU B 236 28.75 -35.49 21.44
C GLU B 236 27.91 -34.67 22.40
N ARG B 237 27.22 -35.37 23.30
CA ARG B 237 26.35 -34.74 24.28
C ARG B 237 27.12 -33.80 25.17
N TYR B 238 26.54 -32.63 25.40
CA TYR B 238 27.16 -31.58 26.22
C TYR B 238 26.04 -31.02 27.09
N GLN B 239 26.39 -30.49 28.24
CA GLN B 239 25.44 -29.80 29.11
C GLN B 239 25.17 -28.42 28.51
N THR B 240 23.88 -28.04 28.45
CA THR B 240 23.49 -26.71 28.05
C THR B 240 23.88 -25.77 29.18
N LEU B 241 24.65 -24.74 28.85
CA LEU B 241 24.93 -23.61 29.79
C LEU B 241 23.64 -23.09 30.38
N ILE B 242 23.58 -23.06 31.70
CA ILE B 242 22.52 -22.37 32.40
C ILE B 242 23.11 -21.03 32.81
N GLU B 243 22.54 -19.94 32.29
CA GLU B 243 22.97 -18.57 32.63
C GLU B 243 22.72 -18.22 34.08
N HIS B 244 21.50 -18.49 34.55
CA HIS B 244 21.09 -18.22 35.90
C HIS B 244 20.43 -19.43 36.53
N ARG B 245 21.21 -20.19 37.29
CA ARG B 245 20.68 -21.28 38.11
C ARG B 245 19.89 -20.74 39.33
N THR B 246 18.60 -20.51 39.15
CA THR B 246 17.67 -20.03 40.17
C THR B 246 16.90 -21.17 40.81
N VAL B 247 16.85 -21.18 42.12
CA VAL B 247 16.21 -22.23 42.83
C VAL B 247 15.34 -21.76 43.93
N THR B 248 14.48 -22.65 44.35
CA THR B 248 13.60 -22.36 45.42
C THR B 248 13.81 -23.38 46.51
N ARG B 249 14.01 -22.91 47.73
CA ARG B 249 14.19 -23.76 48.88
C ARG B 249 13.29 -23.23 49.99
N SER B 261 13.90 -6.00 53.58
CA SER B 261 15.33 -6.24 53.76
C SER B 261 16.23 -5.02 53.81
N THR B 262 16.04 -4.09 52.90
CA THR B 262 16.77 -2.86 52.85
C THR B 262 15.68 -1.92 52.49
N ARG B 263 15.93 -0.63 52.50
CA ARG B 263 14.87 0.29 52.15
C ARG B 263 14.54 0.26 50.69
N GLY B 264 15.52 -0.02 49.86
CA GLY B 264 15.28 -0.10 48.45
C GLY B 264 14.36 -1.25 48.10
N GLU B 265 14.52 -2.33 48.82
CA GLU B 265 13.70 -3.50 48.59
C GLU B 265 12.31 -3.34 49.15
N GLU B 266 12.17 -2.48 50.13
CA GLU B 266 10.89 -2.24 50.74
C GLU B 266 10.02 -1.42 49.83
N VAL B 267 10.63 -0.58 49.02
CA VAL B 267 9.91 0.24 48.09
C VAL B 267 9.34 -0.66 47.01
N ARG B 268 10.19 -1.50 46.44
CA ARG B 268 9.79 -2.42 45.40
C ARG B 268 8.76 -3.40 45.93
N GLN B 269 8.87 -3.78 47.16
CA GLN B 269 7.89 -4.68 47.75
C GLN B 269 6.50 -4.04 47.89
N ARG B 270 6.43 -2.80 48.39
CA ARG B 270 5.18 -2.05 48.45
C ARG B 270 4.56 -1.91 47.05
N ILE B 271 5.38 -1.60 46.05
CA ILE B 271 4.88 -1.48 44.69
C ILE B 271 4.35 -2.84 44.26
N ALA B 272 5.10 -3.92 44.54
CA ALA B 272 4.65 -5.30 44.25
C ALA B 272 3.32 -5.68 44.90
N ARG B 273 3.13 -5.26 46.15
CA ARG B 273 1.92 -5.63 46.88
C ARG B 273 0.70 -4.82 46.46
N ARG B 274 0.88 -3.64 45.87
CA ARG B 274 -0.27 -2.93 45.26
C ARG B 274 -0.60 -3.53 43.90
N ALA B 275 0.45 -3.81 43.14
CA ALA B 275 0.31 -4.42 41.83
C ALA B 275 -0.42 -5.76 41.89
N ALA B 276 -0.25 -6.49 43.00
CA ALA B 276 -0.96 -7.76 43.22
C ALA B 276 -2.48 -7.64 43.26
N LEU B 277 -3.00 -6.47 43.57
CA LEU B 277 -4.45 -6.22 43.55
C LEU B 277 -5.01 -5.96 42.14
N GLU B 278 -4.13 -5.89 41.13
CA GLU B 278 -4.55 -5.79 39.74
C GLU B 278 -5.04 -7.10 39.18
N PHE B 279 -4.63 -8.21 39.80
CA PHE B 279 -5.05 -9.53 39.35
C PHE B 279 -6.47 -9.87 39.75
N ALA B 280 -7.19 -10.49 38.80
CA ALA B 280 -8.49 -11.11 39.03
C ALA B 280 -8.47 -12.57 38.55
N ASN B 281 -9.30 -13.41 39.16
CA ASN B 281 -9.37 -14.83 38.86
C ASN B 281 -9.61 -15.09 37.38
N GLY B 282 -8.84 -16.01 36.81
CA GLY B 282 -9.03 -16.43 35.41
C GLY B 282 -8.17 -15.71 34.36
N MET B 283 -7.34 -14.79 34.80
CA MET B 283 -6.54 -13.99 33.91
C MET B 283 -5.30 -14.74 33.51
N TYR B 284 -4.90 -14.54 32.24
CA TYR B 284 -3.60 -14.89 31.73
C TYR B 284 -2.83 -13.60 31.69
N VAL B 285 -1.60 -13.64 32.18
CA VAL B 285 -0.82 -12.43 32.40
C VAL B 285 0.61 -12.61 31.95
N ASN B 286 1.20 -11.52 31.48
CA ASN B 286 2.61 -11.46 31.20
C ASN B 286 3.21 -10.46 32.14
N LEU B 287 4.26 -10.89 32.85
CA LEU B 287 4.90 -10.11 33.93
C LEU B 287 6.35 -9.90 33.60
N GLY B 288 6.77 -8.63 33.53
CA GLY B 288 8.17 -8.26 33.44
C GLY B 288 8.94 -8.83 34.61
N ILE B 289 10.22 -9.08 34.38
CA ILE B 289 11.15 -9.51 35.42
C ILE B 289 11.35 -8.28 36.31
N GLY B 290 11.42 -8.50 37.61
CA GLY B 290 11.53 -7.41 38.58
C GLY B 290 10.22 -7.32 39.34
N ILE B 291 9.70 -6.11 39.47
CA ILE B 291 8.57 -5.85 40.34
C ILE B 291 7.31 -6.59 39.88
N PRO B 292 7.02 -6.59 38.56
CA PRO B 292 5.81 -7.29 38.16
C PRO B 292 5.81 -8.78 38.50
N THR B 293 6.94 -9.46 38.29
CA THR B 293 7.02 -10.88 38.66
C THR B 293 6.89 -11.04 40.17
N GLU B 294 7.61 -10.20 40.91
CA GLU B 294 7.51 -10.16 42.38
C GLU B 294 6.08 -10.04 42.85
N SER B 295 5.25 -9.25 42.15
CA SER B 295 3.87 -9.00 42.56
C SER B 295 3.02 -10.28 42.61
N SER B 296 3.37 -11.30 41.81
CA SER B 296 2.66 -12.60 41.82
C SER B 296 2.80 -13.36 43.14
N ASN B 297 3.81 -13.02 43.92
CA ASN B 297 4.04 -13.61 45.23
C ASN B 297 3.12 -13.07 46.30
N TYR B 298 2.33 -12.04 46.01
CA TYR B 298 1.39 -11.49 47.00
C TYR B 298 -0.03 -11.61 46.54
N ILE B 299 -0.28 -12.44 45.53
CA ILE B 299 -1.62 -12.61 45.02
C ILE B 299 -2.47 -13.14 46.17
N PRO B 300 -3.61 -12.48 46.48
CA PRO B 300 -4.50 -13.01 47.50
C PRO B 300 -4.94 -14.42 47.16
N ALA B 301 -5.10 -15.26 48.17
CA ALA B 301 -5.58 -16.62 47.95
C ALA B 301 -6.98 -16.54 47.36
N GLY B 302 -7.33 -17.55 46.57
CA GLY B 302 -8.57 -17.54 45.76
C GLY B 302 -8.59 -16.64 44.52
N VAL B 303 -7.43 -16.07 44.16
CA VAL B 303 -7.25 -15.40 42.88
C VAL B 303 -6.23 -16.28 42.19
N ASN B 304 -6.60 -16.84 41.04
CA ASN B 304 -5.74 -17.79 40.32
C ASN B 304 -5.50 -17.20 38.92
N VAL B 305 -4.22 -17.12 38.56
CA VAL B 305 -3.82 -16.59 37.28
C VAL B 305 -2.86 -17.58 36.65
N VAL B 306 -2.72 -17.45 35.34
CA VAL B 306 -1.80 -18.24 34.55
C VAL B 306 -0.77 -17.26 34.02
N LEU B 307 0.50 -17.50 34.36
CA LEU B 307 1.61 -16.67 33.89
C LEU B 307 2.10 -17.18 32.56
N GLN B 308 2.36 -16.24 31.66
CA GLN B 308 2.91 -16.49 30.34
C GLN B 308 4.30 -15.90 30.27
N SER B 309 5.22 -16.67 29.72
CA SER B 309 6.59 -16.26 29.45
C SER B 309 6.70 -16.19 27.94
N GLU B 310 7.23 -15.10 27.41
CA GLU B 310 7.26 -14.84 25.94
C GLU B 310 8.09 -15.88 25.12
N ASN B 311 9.03 -16.57 25.77
CA ASN B 311 9.81 -17.64 25.13
C ASN B 311 9.04 -18.96 24.87
N GLY B 312 7.75 -19.03 25.24
CA GLY B 312 6.86 -20.11 24.79
C GLY B 312 6.19 -21.01 25.84
N LEU B 313 5.67 -20.42 26.91
CA LEU B 313 5.01 -21.18 27.99
C LEU B 313 3.83 -20.41 28.58
N ILE B 314 2.74 -21.12 28.87
CA ILE B 314 1.74 -20.62 29.85
C ILE B 314 1.73 -21.59 31.00
N GLY B 315 1.59 -21.06 32.19
CA GLY B 315 1.55 -21.84 33.40
C GLY B 315 2.89 -21.86 34.11
N MET B 316 3.72 -20.86 33.88
CA MET B 316 4.98 -20.76 34.57
C MET B 316 4.84 -20.83 36.09
N GLY B 317 5.64 -21.67 36.73
CA GLY B 317 5.74 -21.79 38.19
C GLY B 317 6.90 -21.00 38.79
N PRO B 318 7.11 -21.10 40.11
CA PRO B 318 8.27 -20.41 40.69
C PRO B 318 9.54 -21.18 40.43
N PHE B 319 10.66 -20.67 40.94
CA PHE B 319 11.95 -21.32 40.68
C PHE B 319 11.87 -22.81 41.03
N PRO B 320 12.63 -23.66 40.33
CA PRO B 320 12.55 -25.07 40.66
C PRO B 320 13.28 -25.37 41.96
N THR B 321 13.08 -26.59 42.49
CA THR B 321 13.90 -27.12 43.57
C THR B 321 15.17 -27.67 42.92
N GLU B 322 16.22 -27.80 43.71
CA GLU B 322 17.59 -28.12 43.24
C GLU B 322 17.70 -29.37 42.36
N ASP B 323 16.94 -30.39 42.70
CA ASP B 323 16.84 -31.60 41.88
C ASP B 323 16.07 -31.44 40.56
N LYS B 324 15.23 -30.42 40.43
CA LYS B 324 14.40 -30.24 39.23
C LYS B 324 14.88 -29.10 38.35
N VAL B 325 16.12 -28.62 38.50
CA VAL B 325 16.55 -27.54 37.61
C VAL B 325 16.79 -28.17 36.25
N ASP B 326 16.44 -27.40 35.23
CA ASP B 326 16.42 -27.89 33.87
C ASP B 326 16.68 -26.73 32.93
N ALA B 327 17.80 -26.81 32.23
CA ALA B 327 18.24 -25.79 31.28
C ALA B 327 17.23 -25.49 30.14
N ASP B 328 16.34 -26.44 29.87
CA ASP B 328 15.30 -26.27 28.87
C ASP B 328 14.05 -25.55 29.40
N TRP B 329 14.04 -25.20 30.69
CA TRP B 329 12.89 -24.54 31.30
C TRP B 329 13.36 -23.27 31.97
N ILE B 330 13.36 -22.18 31.20
CA ILE B 330 13.79 -20.87 31.68
C ILE B 330 12.67 -19.88 31.33
N ASN B 331 12.71 -18.70 31.94
CA ASN B 331 11.78 -17.61 31.62
C ASN B 331 12.46 -16.58 30.74
N ALA B 332 11.82 -15.43 30.53
CA ALA B 332 12.39 -14.32 29.71
C ALA B 332 13.65 -13.67 30.26
N GLY B 333 13.84 -13.69 31.58
CA GLY B 333 15.12 -13.28 32.20
C GLY B 333 16.19 -14.37 32.28
N LYS B 334 15.93 -15.49 31.60
CA LYS B 334 16.79 -16.69 31.54
C LYS B 334 17.10 -17.34 32.88
N GLN B 335 16.12 -17.25 33.77
CA GLN B 335 16.18 -17.92 35.03
C GLN B 335 15.44 -19.22 34.87
N THR B 336 15.97 -20.26 35.49
CA THR B 336 15.36 -21.57 35.52
C THR B 336 14.09 -21.50 36.33
N ILE B 337 13.12 -22.25 35.84
CA ILE B 337 11.71 -22.08 36.16
C ILE B 337 11.03 -23.46 36.19
N SER B 338 9.97 -23.59 36.96
CA SER B 338 9.16 -24.80 36.96
C SER B 338 7.88 -24.46 36.23
N HIS B 339 7.07 -25.48 35.97
CA HIS B 339 5.74 -25.30 35.40
C HIS B 339 4.68 -26.00 36.23
N LEU B 340 3.44 -25.56 36.06
CA LEU B 340 2.30 -25.99 36.90
C LEU B 340 1.33 -26.85 36.11
N ALA B 341 0.37 -27.46 36.82
CA ALA B 341 -0.74 -28.22 36.20
C ALA B 341 -1.48 -27.39 35.15
N GLY B 342 -1.67 -27.98 33.97
CA GLY B 342 -2.34 -27.31 32.84
C GLY B 342 -1.44 -26.37 32.04
N SER B 343 -0.13 -26.47 32.20
CA SER B 343 0.76 -25.67 31.37
C SER B 343 0.84 -26.18 29.96
N ALA B 344 1.27 -25.30 29.07
CA ALA B 344 1.40 -25.60 27.66
C ALA B 344 2.64 -24.95 27.06
N LEU B 345 3.28 -25.65 26.17
CA LEU B 345 4.41 -25.10 25.42
C LEU B 345 3.99 -24.73 24.00
N PHE B 346 4.70 -23.78 23.42
CA PHE B 346 4.47 -23.32 22.06
C PHE B 346 5.73 -22.55 21.59
N ASP B 347 5.85 -22.33 20.28
CA ASP B 347 7.04 -21.71 19.70
C ASP B 347 6.90 -20.18 19.70
N SER B 348 7.91 -19.48 19.21
CA SER B 348 7.94 -18.03 19.42
C SER B 348 6.98 -17.23 18.50
N ALA B 349 6.72 -17.77 17.31
CA ALA B 349 5.69 -17.22 16.42
C ALA B 349 4.32 -17.26 17.07
N THR B 350 3.99 -18.42 17.63
CA THR B 350 2.75 -18.62 18.37
C THR B 350 2.75 -17.76 19.67
N SER B 351 3.87 -17.70 20.40
CA SER B 351 3.98 -16.80 21.55
C SER B 351 3.56 -15.35 21.21
N PHE B 352 4.16 -14.79 20.19
CA PHE B 352 3.86 -13.43 19.86
C PHE B 352 2.57 -13.30 19.07
N ALA B 353 2.09 -14.36 18.40
CA ALA B 353 0.72 -14.34 17.85
C ALA B 353 -0.24 -14.12 19.04
N MET B 354 -0.01 -14.90 20.09
CA MET B 354 -0.84 -14.88 21.30
C MET B 354 -0.80 -13.49 21.98
N ILE B 355 0.38 -12.85 21.98
CA ILE B 355 0.53 -11.55 22.63
C ILE B 355 -0.03 -10.45 21.76
N ARG B 356 0.35 -10.48 20.49
CA ARG B 356 0.01 -9.45 19.56
C ARG B 356 -1.49 -9.43 19.27
N GLY B 357 -2.13 -10.60 19.26
CA GLY B 357 -3.59 -10.67 19.11
C GLY B 357 -4.42 -10.39 20.34
N GLY B 358 -3.78 -9.93 21.43
CA GLY B 358 -4.44 -9.48 22.64
C GLY B 358 -4.97 -10.51 23.60
N HIS B 359 -4.41 -11.73 23.59
CA HIS B 359 -4.94 -12.83 24.40
C HIS B 359 -4.45 -12.81 25.83
N MET B 360 -3.50 -11.94 26.18
CA MET B 360 -3.28 -11.66 27.62
C MET B 360 -4.40 -10.74 28.12
N ASP B 361 -4.86 -10.97 29.35
CA ASP B 361 -5.77 -10.02 30.02
C ASP B 361 -5.04 -8.85 30.72
N LEU B 362 -3.79 -9.06 31.10
CA LEU B 362 -2.98 -8.03 31.75
C LEU B 362 -1.49 -8.19 31.42
N THR B 363 -0.86 -7.10 31.02
CA THR B 363 0.58 -7.06 30.86
C THR B 363 1.15 -6.09 31.88
N MET B 364 2.13 -6.51 32.66
CA MET B 364 2.79 -5.62 33.67
C MET B 364 4.30 -5.56 33.46
N LEU B 365 4.84 -4.34 33.41
CA LEU B 365 6.28 -4.10 33.24
C LEU B 365 6.76 -2.79 33.87
N GLY B 366 8.09 -2.64 33.96
CA GLY B 366 8.73 -1.44 34.45
C GLY B 366 8.79 -0.38 33.37
N ALA B 367 9.52 0.70 33.66
CA ALA B 367 9.65 1.80 32.76
C ALA B 367 10.78 2.72 33.19
N LEU B 368 11.45 3.29 32.22
CA LEU B 368 12.40 4.33 32.50
C LEU B 368 11.68 5.68 32.59
N GLU B 369 10.56 5.79 31.88
CA GLU B 369 9.78 7.02 31.79
C GLU B 369 8.35 6.65 31.36
N VAL B 370 7.35 7.35 31.89
CA VAL B 370 6.01 7.15 31.39
C VAL B 370 5.32 8.50 31.29
N ALA B 371 4.45 8.64 30.29
CA ALA B 371 3.87 9.92 29.94
C ALA B 371 2.39 10.01 30.27
N ALA B 372 1.91 11.23 30.49
CA ALA B 372 0.47 11.46 30.68
C ALA B 372 -0.36 10.94 29.48
N ASN B 373 0.27 10.94 28.31
CA ASN B 373 -0.13 10.24 27.06
C ASN B 373 -0.57 8.79 27.19
N GLY B 374 0.08 8.08 28.11
CA GLY B 374 0.12 6.64 28.06
C GLY B 374 1.35 6.09 27.35
N ASP B 375 2.20 6.97 26.82
CA ASP B 375 3.43 6.57 26.15
C ASP B 375 4.38 6.08 27.22
N LEU B 376 5.23 5.15 26.84
CA LEU B 376 6.15 4.44 27.74
C LEU B 376 7.52 4.41 27.05
N ALA B 377 8.59 4.71 27.79
CA ALA B 377 9.98 4.50 27.33
C ALA B 377 10.67 3.56 28.28
N ASN B 378 11.11 2.42 27.81
CA ASN B 378 11.85 1.56 28.70
C ASN B 378 12.84 0.68 28.02
N PHE B 379 13.13 0.91 26.75
CA PHE B 379 14.04 0.03 26.02
C PHE B 379 15.36 0.60 25.60
N MET B 380 15.48 1.92 25.52
CA MET B 380 16.72 2.50 25.03
C MET B 380 16.98 3.96 25.35
N ILE B 381 18.24 4.33 25.19
CA ILE B 381 18.75 5.68 25.30
C ILE B 381 19.89 5.79 24.27
N PRO B 382 19.80 6.84 23.35
CA PRO B 382 20.84 6.82 22.32
C PRO B 382 22.30 7.04 22.67
N GLY B 383 23.08 6.07 22.26
CA GLY B 383 24.48 6.08 22.50
C GLY B 383 24.83 5.74 23.92
N LYS B 384 23.86 5.43 24.75
CA LYS B 384 24.17 5.14 26.12
C LYS B 384 23.89 3.74 26.64
N LEU B 385 23.08 2.98 25.93
CA LEU B 385 22.81 1.63 26.34
C LEU B 385 22.37 0.82 25.17
N VAL B 386 22.66 -0.47 25.21
CA VAL B 386 22.13 -1.35 24.21
C VAL B 386 21.60 -2.54 24.92
N LYS B 387 20.31 -2.71 24.81
CA LYS B 387 19.65 -3.84 25.38
C LYS B 387 18.83 -4.37 24.27
N GLY B 388 18.09 -3.46 23.69
CA GLY B 388 17.19 -3.82 22.64
C GLY B 388 15.76 -3.88 23.07
N PRO B 389 14.91 -3.92 22.00
CA PRO B 389 13.50 -3.97 22.33
C PRO B 389 13.00 -5.19 23.07
N GLY B 390 13.54 -6.34 22.74
CA GLY B 390 13.05 -7.61 23.29
C GLY B 390 11.62 -7.84 22.86
N GLY B 391 10.79 -8.29 23.78
CA GLY B 391 9.36 -8.47 23.55
C GLY B 391 8.44 -7.36 24.03
N ALA B 392 9.00 -6.42 24.78
CA ALA B 392 8.31 -5.30 25.36
C ALA B 392 7.44 -4.51 24.35
N MET B 393 7.96 -4.20 23.17
CA MET B 393 7.19 -3.44 22.16
C MET B 393 5.95 -4.18 21.73
N ASP B 394 6.08 -5.50 21.56
CA ASP B 394 4.93 -6.36 21.21
C ASP B 394 3.94 -6.39 22.34
N LEU B 395 4.45 -6.55 23.57
CA LEU B 395 3.60 -6.67 24.75
C LEU B 395 2.76 -5.40 25.00
N VAL B 396 3.28 -4.23 24.70
CA VAL B 396 2.53 -3.01 25.01
C VAL B 396 1.66 -2.44 23.89
N SER B 397 1.78 -2.92 22.64
CA SER B 397 1.05 -2.28 21.52
C SER B 397 -0.07 -3.13 20.93
N CYS B 398 -0.41 -4.24 21.60
CA CYS B 398 -1.73 -4.87 21.43
C CYS B 398 -2.68 -4.16 22.39
N GLY B 399 -3.97 -4.38 22.25
CA GLY B 399 -4.95 -3.65 23.07
C GLY B 399 -5.13 -4.13 24.51
N THR B 400 -4.23 -4.98 25.00
CA THR B 400 -4.29 -5.52 26.36
C THR B 400 -4.02 -4.42 27.39
N ARG B 401 -4.71 -4.50 28.50
CA ARG B 401 -4.44 -3.66 29.67
C ARG B 401 -2.94 -3.74 30.04
N VAL B 402 -2.27 -2.58 30.01
CA VAL B 402 -0.87 -2.48 30.41
C VAL B 402 -0.78 -1.66 31.66
N VAL B 403 -0.11 -2.23 32.66
CA VAL B 403 0.10 -1.59 33.95
C VAL B 403 1.61 -1.48 34.18
N VAL B 404 2.06 -0.26 34.43
CA VAL B 404 3.45 0.05 34.66
C VAL B 404 3.62 0.15 36.14
N THR B 405 4.59 -0.61 36.66
CA THR B 405 4.91 -0.69 38.08
C THR B 405 6.36 -0.25 38.22
N THR B 406 6.59 0.93 38.79
CA THR B 406 7.93 1.53 38.77
C THR B 406 8.08 2.55 39.88
N THR B 407 9.31 2.74 40.36
CA THR B 407 9.55 3.81 41.35
C THR B 407 9.16 5.20 40.78
N HIS B 408 8.82 6.11 41.67
CA HIS B 408 8.22 7.38 41.26
C HIS B 408 9.21 8.31 40.57
N CYS B 409 10.44 8.33 41.06
CA CYS B 409 11.50 9.12 40.48
C CYS B 409 12.74 8.32 40.23
N ASN B 410 13.61 8.93 39.45
CA ASN B 410 14.98 8.50 39.37
C ASN B 410 15.66 8.78 40.72
N LYS B 411 16.80 8.13 40.97
CA LYS B 411 17.46 8.25 42.27
C LYS B 411 17.95 9.69 42.53
N ASN B 412 18.19 10.45 41.47
CA ASN B 412 18.51 11.88 41.57
C ASN B 412 17.34 12.88 41.75
N GLY B 413 16.10 12.39 41.75
CA GLY B 413 14.90 13.24 41.82
C GLY B 413 14.19 13.70 40.53
N ASP B 414 14.80 13.48 39.37
CA ASP B 414 14.10 13.72 38.10
C ASP B 414 12.83 12.82 38.05
N PRO B 415 11.66 13.44 37.76
CA PRO B 415 10.46 12.61 37.63
C PRO B 415 10.57 11.56 36.53
N LYS B 416 10.03 10.36 36.77
CA LYS B 416 9.85 9.37 35.71
C LYS B 416 8.53 9.57 34.99
N ILE B 417 7.57 10.22 35.64
CA ILE B 417 6.23 10.43 35.10
C ILE B 417 6.15 11.85 34.50
N VAL B 418 6.07 11.98 33.19
CA VAL B 418 6.19 13.31 32.56
C VAL B 418 5.05 13.58 31.57
N GLU B 419 5.02 14.80 31.04
CA GLU B 419 4.06 15.17 30.00
C GLU B 419 4.32 14.39 28.71
N ARG B 420 5.57 14.44 28.26
CA ARG B 420 6.01 13.73 27.06
C ARG B 420 7.38 13.08 27.32
N CYS B 421 7.54 11.85 26.85
CA CYS B 421 8.79 11.16 27.02
C CYS B 421 9.85 11.95 26.25
N ARG B 422 10.97 12.20 26.92
CA ARG B 422 12.20 12.63 26.31
C ARG B 422 12.92 11.39 25.74
N LEU B 423 12.91 10.29 26.50
CA LEU B 423 13.53 9.03 26.06
C LEU B 423 12.83 8.41 24.85
N PRO B 424 13.56 7.60 24.06
CA PRO B 424 12.89 6.96 22.94
C PRO B 424 11.77 6.03 23.45
N VAL B 425 10.60 6.25 22.89
CA VAL B 425 9.41 5.51 23.23
C VAL B 425 9.46 4.01 22.83
N THR B 426 8.90 3.18 23.70
CA THR B 426 8.66 1.75 23.46
C THR B 426 7.31 1.49 22.79
N GLY B 427 6.30 2.22 23.24
CA GLY B 427 4.96 2.17 22.69
C GLY B 427 4.22 3.47 22.84
N LYS B 428 3.30 3.69 21.92
CA LYS B 428 2.57 4.93 21.78
C LYS B 428 1.16 4.69 22.42
N HIS B 429 0.75 5.57 23.34
CA HIS B 429 -0.64 5.62 23.84
C HIS B 429 -1.14 4.27 24.38
N CYS B 430 -0.33 3.60 25.20
CA CYS B 430 -0.60 2.20 25.55
C CYS B 430 -0.71 1.85 27.04
N VAL B 431 -0.14 2.67 27.94
CA VAL B 431 -0.21 2.43 29.38
C VAL B 431 -1.58 2.84 29.91
N CYS B 432 -2.19 1.99 30.72
CA CYS B 432 -3.51 2.27 31.29
C CYS B 432 -3.41 2.83 32.71
N ARG B 433 -2.55 2.22 33.52
CA ARG B 433 -2.38 2.55 34.89
C ARG B 433 -0.91 2.52 35.26
N ILE B 434 -0.52 3.39 36.18
CA ILE B 434 0.83 3.51 36.66
C ILE B 434 0.78 3.36 38.17
N ILE B 435 1.56 2.41 38.69
CA ILE B 435 1.66 2.17 40.13
C ILE B 435 3.07 2.47 40.58
N THR B 436 3.22 3.34 41.57
CA THR B 436 4.50 3.64 42.18
C THR B 436 4.41 3.37 43.66
N GLU B 437 5.47 3.68 44.39
CA GLU B 437 5.46 3.59 45.87
C GLU B 437 4.59 4.68 46.49
N TYR B 438 4.33 5.77 45.76
CA TYR B 438 3.59 6.91 46.31
C TYR B 438 2.17 7.05 45.83
N ALA B 439 1.90 6.63 44.59
CA ALA B 439 0.65 6.94 43.94
C ALA B 439 0.23 5.87 42.90
N VAL B 440 -1.05 5.83 42.57
CA VAL B 440 -1.56 5.08 41.42
C VAL B 440 -2.21 6.09 40.51
N PHE B 441 -1.86 6.07 39.22
CA PHE B 441 -2.44 6.96 38.23
C PHE B 441 -3.14 6.18 37.13
N ASP B 442 -4.29 6.65 36.69
CA ASP B 442 -4.90 6.14 35.46
C ASP B 442 -4.66 7.12 34.34
N VAL B 443 -4.46 6.59 33.14
CA VAL B 443 -4.38 7.37 31.91
C VAL B 443 -5.82 7.41 31.40
N VAL B 444 -6.39 8.61 31.28
CA VAL B 444 -7.79 8.79 30.82
C VAL B 444 -7.93 9.97 29.84
N ASP B 445 -8.42 9.70 28.63
CA ASP B 445 -8.43 10.65 27.51
C ASP B 445 -7.11 11.48 27.43
N GLY B 446 -5.99 10.75 27.37
CA GLY B 446 -4.65 11.31 27.20
C GLY B 446 -4.12 12.14 28.36
N ARG B 447 -4.70 12.00 29.56
CA ARG B 447 -4.09 12.65 30.73
C ARG B 447 -4.18 11.80 32.02
N LEU B 448 -3.45 12.26 33.02
CA LEU B 448 -3.28 11.54 34.25
C LEU B 448 -4.39 11.91 35.24
N VAL B 449 -5.04 10.88 35.80
CA VAL B 449 -5.94 11.01 36.93
C VAL B 449 -5.26 10.30 38.11
N LEU B 450 -5.02 11.03 39.20
CA LEU B 450 -4.50 10.43 40.44
C LEU B 450 -5.59 9.69 41.16
N LYS B 451 -5.50 8.35 41.21
CA LYS B 451 -6.52 7.50 41.83
C LYS B 451 -6.27 7.26 43.30
N GLU B 452 -5.01 7.05 43.65
CA GLU B 452 -4.64 6.65 45.03
C GLU B 452 -3.28 7.25 45.45
N ILE B 453 -3.10 7.44 46.75
CA ILE B 453 -1.79 7.79 47.31
C ILE B 453 -1.44 6.91 48.48
N ALA B 454 -0.15 6.79 48.75
CA ALA B 454 0.31 5.99 49.87
C ALA B 454 -0.09 6.73 51.15
N GLU B 455 -0.41 5.97 52.20
CA GLU B 455 -0.55 6.49 53.59
C GLU B 455 0.69 7.31 54.05
N ASP B 456 1.79 7.06 53.36
CA ASP B 456 3.13 7.60 53.61
C ASP B 456 3.41 9.05 53.12
N THR B 457 2.46 9.67 52.42
CA THR B 457 2.71 10.86 51.62
C THR B 457 1.44 11.72 51.55
N THR B 458 1.49 12.76 50.73
CA THR B 458 0.38 13.71 50.57
C THR B 458 0.18 14.01 49.09
N VAL B 459 -0.99 14.57 48.75
CA VAL B 459 -1.25 15.00 47.39
C VAL B 459 -0.23 16.06 46.96
N ASP B 460 0.18 16.94 47.87
CA ASP B 460 1.14 18.00 47.56
C ASP B 460 2.56 17.46 47.33
N GLN B 461 3.01 16.43 48.07
CA GLN B 461 4.29 15.83 47.70
C GLN B 461 4.25 15.12 46.33
N VAL B 462 3.14 14.43 45.98
CA VAL B 462 3.12 13.75 44.67
C VAL B 462 3.10 14.80 43.56
N LYS B 463 2.33 15.88 43.68
CA LYS B 463 2.48 17.04 42.76
C LYS B 463 3.94 17.46 42.54
N LYS B 464 4.71 17.56 43.64
CA LYS B 464 6.15 17.86 43.56
C LYS B 464 7.04 16.74 42.98
N LEU B 465 6.68 15.49 43.22
CA LEU B 465 7.46 14.37 42.70
C LEU B 465 7.11 13.98 41.27
N THR B 466 6.06 14.57 40.68
CA THR B 466 5.73 14.22 39.29
C THR B 466 5.78 15.40 38.34
N GLY B 467 6.32 15.14 37.15
CA GLY B 467 6.61 16.15 36.16
C GLY B 467 5.42 16.53 35.30
N VAL B 468 4.19 16.32 35.79
CA VAL B 468 3.02 16.86 35.12
C VAL B 468 1.92 17.11 36.10
N GLY B 469 0.95 17.92 35.66
CA GLY B 469 -0.32 18.05 36.34
C GLY B 469 -1.19 16.83 36.12
N PHE B 470 -2.25 16.74 36.91
CA PHE B 470 -3.17 15.59 36.88
C PHE B 470 -4.41 15.94 37.68
N ASP B 471 -5.50 15.20 37.47
CA ASP B 471 -6.75 15.37 38.21
C ASP B 471 -6.61 14.68 39.58
N ALA B 472 -6.68 15.47 40.65
CA ALA B 472 -6.51 14.98 42.03
C ALA B 472 -7.78 15.21 42.90
N ASP B 473 -8.95 15.16 42.25
CA ASP B 473 -10.24 15.45 42.87
C ASP B 473 -10.87 14.32 43.69
N ASN B 474 -10.58 13.07 43.34
CA ASN B 474 -11.17 11.88 43.96
C ASN B 474 -10.13 10.85 44.32
N VAL B 475 -9.16 11.29 45.10
CA VAL B 475 -8.05 10.46 45.52
C VAL B 475 -8.52 9.66 46.73
N ILE B 476 -8.00 8.44 46.86
CA ILE B 476 -8.24 7.58 48.01
C ILE B 476 -6.92 7.01 48.50
N THR B 477 -6.92 6.43 49.69
CA THR B 477 -5.71 5.86 50.22
C THR B 477 -5.38 4.51 49.49
N MET B 478 -4.09 4.30 49.21
CA MET B 478 -3.62 3.11 48.50
C MET B 478 -3.68 1.81 49.35
N PRO B 479 -4.51 0.83 48.95
CA PRO B 479 -4.46 -0.47 49.63
C PRO B 479 -3.30 -1.35 49.14
N LEU B 480 -3.02 -2.37 49.93
CA LEU B 480 -1.90 -3.28 49.71
C LEU B 480 -2.39 -4.72 49.90
N ALA B 481 -1.91 -5.65 49.08
CA ALA B 481 -2.11 -7.07 49.34
C ALA B 481 -1.34 -7.45 50.62
N PRO B 482 -1.87 -8.40 51.45
CA PRO B 482 -1.11 -8.90 52.63
C PRO B 482 0.18 -9.68 52.32
N GLY C 2 -23.71 31.32 -24.43
CA GLY C 2 -24.06 29.95 -23.90
C GLY C 2 -24.64 29.97 -22.49
N LEU C 3 -23.88 29.51 -21.49
CA LEU C 3 -24.30 29.51 -20.07
C LEU C 3 -24.14 30.84 -19.33
N ASP C 4 -25.05 31.09 -18.40
CA ASP C 4 -24.98 32.26 -17.54
C ASP C 4 -25.07 31.77 -16.10
N LYS C 5 -23.97 31.93 -15.36
CA LYS C 5 -23.88 31.55 -13.94
C LYS C 5 -23.74 32.76 -13.03
N VAL C 6 -23.86 33.96 -13.60
CA VAL C 6 -23.75 35.20 -12.84
C VAL C 6 -24.91 35.30 -11.83
N MET C 7 -24.59 35.81 -10.66
CA MET C 7 -25.44 35.68 -9.50
C MET C 7 -24.94 36.73 -8.53
N SER C 8 -25.83 37.20 -7.68
CA SER C 8 -25.46 38.20 -6.67
C SER C 8 -24.72 37.52 -5.53
N LEU C 9 -24.04 38.37 -4.76
CA LEU C 9 -23.14 37.99 -3.71
C LEU C 9 -23.79 37.23 -2.56
N SER C 10 -25.00 37.66 -2.16
CA SER C 10 -25.74 37.01 -1.09
C SER C 10 -26.35 35.70 -1.54
N SER C 11 -26.94 35.64 -2.73
CA SER C 11 -27.50 34.35 -3.18
C SER C 11 -26.39 33.33 -3.53
N ALA C 12 -25.22 33.82 -3.94
CA ALA C 12 -24.08 32.95 -4.23
C ALA C 12 -23.62 32.16 -2.99
N VAL C 13 -23.61 32.82 -1.83
CA VAL C 13 -23.11 32.18 -0.60
C VAL C 13 -24.20 31.70 0.38
N GLN C 14 -25.49 31.81 0.04
CA GLN C 14 -26.56 31.44 1.00
C GLN C 14 -26.60 29.94 1.34
N ASP C 15 -26.10 29.08 0.45
CA ASP C 15 -26.09 27.62 0.68
C ASP C 15 -25.09 27.13 1.75
N ILE C 16 -24.23 28.01 2.26
CA ILE C 16 -23.20 27.58 3.20
C ILE C 16 -23.76 27.36 4.60
N LYS C 17 -23.87 26.09 5.01
CA LYS C 17 -24.39 25.72 6.33
C LYS C 17 -23.29 25.86 7.37
N ASN C 18 -23.66 25.76 8.65
CA ASN C 18 -22.68 25.60 9.72
C ASN C 18 -21.99 24.22 9.57
N GLY C 19 -20.73 24.15 9.99
CA GLY C 19 -19.93 22.95 9.82
C GLY C 19 -19.31 22.74 8.45
N ALA C 20 -19.52 23.66 7.52
CA ALA C 20 -19.20 23.42 6.10
C ALA C 20 -17.70 23.57 5.83
N THR C 21 -17.19 22.86 4.81
CA THR C 21 -15.76 22.92 4.44
C THR C 21 -15.57 23.82 3.24
N LEU C 22 -14.59 24.70 3.39
CA LEU C 22 -14.25 25.68 2.39
C LEU C 22 -12.83 25.47 1.95
N ALA C 23 -12.59 25.56 0.65
CA ALA C 23 -11.26 25.78 0.16
C ALA C 23 -11.26 27.20 -0.33
N VAL C 24 -10.21 27.95 0.01
CA VAL C 24 -10.11 29.38 -0.28
C VAL C 24 -8.77 29.72 -0.95
N GLY C 25 -8.87 30.38 -2.10
CA GLY C 25 -7.69 30.80 -2.85
C GLY C 25 -7.05 32.01 -2.25
N GLY C 26 -5.82 32.28 -2.68
CA GLY C 26 -5.09 33.43 -2.25
C GLY C 26 -3.80 33.10 -1.54
N PHE C 27 -2.81 33.96 -1.76
CA PHE C 27 -1.49 33.82 -1.17
C PHE C 27 -1.20 35.17 -0.51
N GLY C 28 -1.19 35.19 0.82
CA GLY C 28 -1.27 36.41 1.59
C GLY C 28 -2.61 37.00 1.19
N THR C 29 -2.54 38.20 0.61
CA THR C 29 -3.70 38.92 0.12
C THR C 29 -3.90 38.80 -1.39
N GLY C 30 -2.85 38.52 -2.14
CA GLY C 30 -2.98 38.40 -3.58
C GLY C 30 -3.84 37.22 -3.94
N GLY C 31 -4.98 37.49 -4.53
CA GLY C 31 -5.89 36.47 -5.00
C GLY C 31 -6.79 35.95 -3.92
N MET C 32 -6.87 36.69 -2.82
CA MET C 32 -7.69 36.30 -1.68
C MET C 32 -9.09 36.86 -1.92
N PRO C 33 -10.14 36.02 -1.95
CA PRO C 33 -11.46 36.54 -2.30
C PRO C 33 -12.09 37.22 -1.12
N HIS C 34 -11.69 38.47 -0.90
CA HIS C 34 -12.03 39.23 0.29
C HIS C 34 -13.49 39.75 0.30
N ALA C 35 -14.02 40.09 -0.86
CA ALA C 35 -15.44 40.46 -0.92
C ALA C 35 -16.30 39.30 -0.41
N ILE C 36 -16.04 38.10 -0.91
CA ILE C 36 -16.82 36.91 -0.53
C ILE C 36 -16.70 36.56 0.95
N MET C 37 -15.51 36.73 1.52
CA MET C 37 -15.33 36.45 2.93
C MET C 37 -16.14 37.43 3.74
N GLN C 38 -16.11 38.69 3.35
CA GLN C 38 -16.95 39.70 4.02
C GLN C 38 -18.44 39.33 4.03
N GLU C 39 -18.93 38.76 2.93
CA GLU C 39 -20.29 38.28 2.86
C GLU C 39 -20.50 37.06 3.76
N ILE C 40 -19.56 36.13 3.78
CA ILE C 40 -19.66 34.96 4.69
C ILE C 40 -19.70 35.43 6.16
N LYS C 41 -18.94 36.47 6.49
CA LYS C 41 -19.03 37.11 7.81
C LYS C 41 -20.42 37.70 8.13
N LYS C 42 -20.92 38.60 7.29
CA LYS C 42 -22.27 39.17 7.49
C LYS C 42 -23.37 38.13 7.75
N MET C 43 -23.36 37.03 6.99
CA MET C 43 -24.39 35.96 7.17
C MET C 43 -24.18 35.06 8.38
N GLY C 44 -23.03 35.15 9.05
CA GLY C 44 -22.86 34.60 10.38
C GLY C 44 -22.70 33.09 10.56
N VAL C 45 -22.25 32.39 9.50
CA VAL C 45 -22.01 30.94 9.57
C VAL C 45 -20.90 30.65 10.59
N ARG C 46 -20.97 29.51 11.23
CA ARG C 46 -20.05 29.14 12.31
C ARG C 46 -19.54 27.75 12.06
N ASP C 47 -18.51 27.37 12.82
CA ASP C 47 -17.82 26.08 12.71
C ASP C 47 -17.31 25.75 11.30
N LEU C 48 -16.72 26.72 10.61
CA LEU C 48 -16.15 26.47 9.28
C LEU C 48 -14.84 25.71 9.42
N ILE C 49 -14.62 24.82 8.47
CA ILE C 49 -13.31 24.19 8.31
C ILE C 49 -12.79 24.75 7.01
N ILE C 50 -11.66 25.44 7.08
CA ILE C 50 -11.12 26.13 5.91
C ILE C 50 -9.75 25.61 5.56
N TYR C 51 -9.62 25.23 4.30
CA TYR C 51 -8.35 24.91 3.68
C TYR C 51 -7.91 26.07 2.80
N SER C 52 -6.68 26.52 2.98
CA SER C 52 -6.15 27.68 2.27
C SER C 52 -4.69 27.79 2.61
N ASP C 53 -3.96 28.48 1.74
CA ASP C 53 -2.53 28.60 1.89
C ASP C 53 -2.11 29.20 3.24
N GLY C 54 -2.78 30.29 3.57
CA GLY C 54 -2.68 30.94 4.87
C GLY C 54 -4.07 31.40 5.28
N ALA C 55 -4.11 32.30 6.28
CA ALA C 55 -5.39 32.80 6.83
C ALA C 55 -5.61 34.28 6.58
N GLY C 56 -5.00 34.79 5.51
CA GLY C 56 -5.03 36.19 5.19
C GLY C 56 -4.33 36.92 6.31
N VAL C 57 -4.91 38.03 6.70
CA VAL C 57 -4.28 38.96 7.63
C VAL C 57 -5.43 39.54 8.47
N ASP C 58 -5.08 40.16 9.60
CA ASP C 58 -6.07 40.86 10.43
C ASP C 58 -6.88 41.85 9.59
N GLY C 59 -8.20 41.72 9.67
CA GLY C 59 -9.14 42.57 8.94
C GLY C 59 -9.21 42.41 7.43
N TYR C 60 -8.69 41.30 6.90
CA TYR C 60 -8.75 41.03 5.45
C TYR C 60 -8.81 39.53 5.07
N GLY C 61 -9.51 39.25 3.98
CA GLY C 61 -9.86 37.90 3.57
C GLY C 61 -10.39 37.01 4.69
N ILE C 62 -9.77 35.84 4.87
CA ILE C 62 -10.18 34.86 5.86
C ILE C 62 -10.03 35.47 7.27
N GLY C 63 -9.11 36.42 7.47
CA GLY C 63 -8.86 36.99 8.81
C GLY C 63 -10.09 37.61 9.43
N VAL C 64 -10.93 38.17 8.58
CA VAL C 64 -12.24 38.69 8.96
C VAL C 64 -13.08 37.70 9.76
N LEU C 65 -13.01 36.40 9.41
CA LEU C 65 -13.91 35.40 10.00
C LEU C 65 -13.50 34.94 11.39
N PHE C 66 -12.32 35.31 11.85
CA PHE C 66 -11.96 35.00 13.24
C PHE C 66 -12.66 35.91 14.22
N GLU C 67 -13.06 37.11 13.78
CA GLU C 67 -13.53 38.17 14.67
C GLU C 67 -14.75 37.75 15.49
N ASN C 68 -15.74 37.19 14.81
CA ASN C 68 -16.89 36.58 15.49
C ASN C 68 -16.72 35.08 15.68
N LYS C 69 -15.48 34.59 15.48
CA LYS C 69 -15.10 33.22 15.79
C LYS C 69 -15.95 32.21 15.01
N GLN C 70 -16.06 32.47 13.72
CA GLN C 70 -16.81 31.63 12.81
C GLN C 70 -16.01 30.41 12.34
N ILE C 71 -14.72 30.35 12.70
CA ILE C 71 -13.82 29.26 12.30
C ILE C 71 -13.52 28.27 13.44
N ASN C 72 -13.86 27.02 13.19
CA ASN C 72 -13.47 25.88 14.03
C ASN C 72 -12.02 25.41 13.78
N LYS C 73 -11.65 25.17 12.51
CA LYS C 73 -10.34 24.58 12.17
C LYS C 73 -9.77 25.18 10.89
N MET C 74 -8.51 25.56 10.93
CA MET C 74 -7.77 25.96 9.74
C MET C 74 -6.80 24.84 9.34
N ILE C 75 -6.75 24.52 8.04
CA ILE C 75 -5.70 23.67 7.47
C ILE C 75 -4.88 24.52 6.52
N VAL C 76 -3.61 24.70 6.84
CA VAL C 76 -2.90 25.86 6.37
C VAL C 76 -1.42 25.54 6.22
N SER C 77 -0.72 26.26 5.35
CA SER C 77 0.73 26.15 5.24
C SER C 77 1.52 27.24 5.97
N TYR C 78 0.95 28.46 6.04
CA TYR C 78 1.60 29.65 6.59
C TYR C 78 0.61 30.50 7.42
N VAL C 79 0.93 30.86 8.66
CA VAL C 79 0.05 31.78 9.44
C VAL C 79 0.16 33.22 8.97
N GLY C 80 1.40 33.65 8.70
CA GLY C 80 1.68 35.00 8.21
C GLY C 80 1.39 36.08 9.23
N ASN C 81 1.13 37.29 8.72
CA ASN C 81 0.83 38.43 9.58
C ASN C 81 -0.64 38.38 9.97
N ASN C 82 -0.93 37.55 10.97
CA ASN C 82 -2.29 37.28 11.41
C ASN C 82 -2.25 36.99 12.91
N LYS C 83 -2.20 38.08 13.69
CA LYS C 83 -2.17 38.05 15.15
C LYS C 83 -3.38 37.31 15.72
N ILE C 84 -4.55 37.62 15.18
CA ILE C 84 -5.78 36.99 15.65
C ILE C 84 -5.77 35.44 15.45
N PHE C 85 -5.28 34.98 14.31
CA PHE C 85 -5.19 33.53 14.02
C PHE C 85 -4.22 32.85 14.97
N ALA C 86 -3.02 33.43 15.11
CA ALA C 86 -2.04 33.05 16.13
C ALA C 86 -2.58 33.11 17.55
N ARG C 87 -3.41 34.11 17.87
CA ARG C 87 -4.02 34.20 19.19
C ARG C 87 -5.07 33.12 19.37
N GLN C 88 -6.00 32.98 18.42
CA GLN C 88 -7.08 32.01 18.59
C GLN C 88 -6.56 30.56 18.66
N TYR C 89 -5.40 30.30 18.05
CA TYR C 89 -4.73 29.00 18.17
C TYR C 89 -4.20 28.81 19.61
N LEU C 90 -3.30 29.69 20.05
CA LEU C 90 -2.58 29.53 21.34
C LEU C 90 -3.45 29.42 22.59
N GLU C 91 -4.63 30.05 22.54
CA GLU C 91 -5.57 30.01 23.65
C GLU C 91 -6.86 29.33 23.23
N GLY C 92 -6.71 28.31 22.36
CA GLY C 92 -7.70 27.24 22.26
C GLY C 92 -9.05 27.50 21.60
N ASP C 93 -9.16 28.57 20.82
CA ASP C 93 -10.39 28.84 20.06
C ASP C 93 -10.40 28.19 18.66
N VAL C 94 -9.23 27.88 18.12
CA VAL C 94 -9.10 27.42 16.74
C VAL C 94 -8.19 26.21 16.66
N GLU C 95 -8.63 25.18 15.93
CA GLU C 95 -7.77 24.08 15.57
C GLU C 95 -6.93 24.45 14.33
N LEU C 96 -5.64 24.24 14.41
CA LEU C 96 -4.69 24.62 13.36
C LEU C 96 -3.95 23.37 12.90
N GLU C 97 -4.18 22.95 11.66
CA GLU C 97 -3.45 21.84 11.09
C GLU C 97 -2.52 22.37 10.00
N PHE C 98 -1.21 22.25 10.21
CA PHE C 98 -0.24 22.58 9.17
C PHE C 98 -0.16 21.50 8.12
N CYS C 99 0.01 21.92 6.89
CA CYS C 99 0.26 21.04 5.78
C CYS C 99 1.34 21.76 4.97
N PRO C 100 2.35 21.04 4.43
CA PRO C 100 3.30 21.69 3.52
C PRO C 100 2.60 22.20 2.28
N GLN C 101 3.07 23.33 1.77
CA GLN C 101 2.30 24.15 0.83
C GLN C 101 2.10 23.41 -0.49
N GLY C 102 3.14 22.68 -0.92
CA GLY C 102 3.08 21.90 -2.13
C GLY C 102 2.18 20.70 -1.97
N SER C 103 2.19 20.12 -0.77
CA SER C 103 1.27 19.02 -0.45
C SER C 103 -0.20 19.50 -0.43
N LEU C 104 -0.44 20.64 0.20
CA LEU C 104 -1.77 21.24 0.19
C LEU C 104 -2.28 21.52 -1.28
N ALA C 105 -1.48 22.18 -2.08
CA ALA C 105 -1.85 22.49 -3.45
C ALA C 105 -2.19 21.21 -4.21
N GLU C 106 -1.27 20.25 -4.23
CA GLU C 106 -1.49 18.98 -4.93
C GLU C 106 -2.59 18.13 -4.31
N ARG C 107 -2.87 18.27 -3.03
CA ARG C 107 -4.03 17.55 -2.45
C ARG C 107 -5.37 18.11 -2.95
N MET C 108 -5.43 19.42 -3.12
CA MET C 108 -6.57 20.07 -3.71
C MET C 108 -6.69 19.63 -5.16
N ARG C 109 -5.58 19.72 -5.91
CA ARG C 109 -5.65 19.28 -7.30
C ARG C 109 -6.09 17.81 -7.37
N ALA C 110 -5.60 16.97 -6.45
CA ALA C 110 -5.97 15.55 -6.49
C ALA C 110 -7.46 15.35 -6.24
N GLY C 111 -7.99 16.16 -5.33
CA GLY C 111 -9.45 16.13 -5.06
C GLY C 111 -10.32 16.59 -6.22
N GLY C 112 -9.77 17.43 -7.11
CA GLY C 112 -10.49 17.82 -8.29
C GLY C 112 -10.33 16.83 -9.41
N ALA C 113 -9.24 16.06 -9.35
CA ALA C 113 -8.79 15.26 -10.49
C ALA C 113 -9.16 13.78 -10.39
N GLY C 114 -9.85 13.39 -9.31
CA GLY C 114 -10.29 12.02 -9.10
C GLY C 114 -9.20 11.11 -8.59
N ILE C 115 -8.16 11.69 -7.99
CA ILE C 115 -7.00 10.96 -7.49
C ILE C 115 -7.15 10.94 -5.98
N PRO C 116 -7.46 9.77 -5.36
CA PRO C 116 -7.73 9.74 -3.91
C PRO C 116 -6.48 9.92 -3.03
N ALA C 117 -5.33 9.54 -3.57
CA ALA C 117 -4.09 9.70 -2.88
C ALA C 117 -2.91 9.64 -3.85
N PHE C 118 -1.79 10.20 -3.40
CA PHE C 118 -0.57 10.24 -4.18
C PHE C 118 0.63 10.32 -3.20
N TYR C 119 1.86 10.14 -3.70
CA TYR C 119 3.06 10.11 -2.85
C TYR C 119 3.97 11.31 -3.06
N THR C 120 4.66 11.72 -2.00
CA THR C 120 5.57 12.86 -2.08
C THR C 120 6.65 12.72 -1.03
N PRO C 121 7.87 13.19 -1.33
CA PRO C 121 8.94 13.11 -0.33
C PRO C 121 8.88 14.24 0.69
N THR C 122 8.04 15.24 0.43
CA THR C 122 7.85 16.38 1.30
C THR C 122 7.33 15.92 2.65
N ALA C 123 7.95 16.41 3.73
CA ALA C 123 7.59 16.14 5.13
C ALA C 123 8.08 14.83 5.75
N VAL C 124 8.73 13.96 4.97
CA VAL C 124 9.10 12.66 5.50
C VAL C 124 10.08 12.83 6.66
N GLY C 125 9.87 12.05 7.72
CA GLY C 125 10.66 12.15 8.95
C GLY C 125 10.57 13.48 9.71
N THR C 126 9.54 14.28 9.44
CA THR C 126 9.27 15.52 10.15
C THR C 126 8.08 15.22 11.03
N VAL C 127 7.75 16.18 11.89
CA VAL C 127 6.65 16.01 12.82
C VAL C 127 5.29 16.04 12.07
N LEU C 128 5.25 16.59 10.86
CA LEU C 128 4.07 16.50 10.01
C LEU C 128 3.82 15.11 9.40
N GLN C 129 4.78 14.21 9.47
CA GLN C 129 4.56 12.81 9.08
C GLN C 129 4.38 11.87 10.28
N THR C 130 5.14 12.11 11.36
CA THR C 130 5.04 11.26 12.57
C THR C 130 3.88 11.61 13.51
N GLY C 131 3.20 12.75 13.30
CA GLY C 131 2.11 13.17 14.19
C GLY C 131 2.69 13.78 15.46
N GLY C 132 1.83 14.24 16.37
CA GLY C 132 2.30 14.96 17.57
C GLY C 132 2.88 16.34 17.25
N GLN C 133 2.19 17.11 16.42
CA GLN C 133 2.22 18.54 16.52
C GLN C 133 0.88 18.96 17.12
N ILE C 134 0.87 20.06 17.86
CA ILE C 134 -0.30 20.44 18.62
C ILE C 134 -1.27 21.06 17.62
N THR C 135 -2.41 20.46 17.43
CA THR C 135 -3.37 21.07 16.57
C THR C 135 -4.38 21.89 17.37
N LYS C 136 -4.66 21.47 18.59
CA LYS C 136 -5.56 22.23 19.43
C LYS C 136 -5.12 22.22 20.88
N TYR C 137 -5.38 23.32 21.54
CA TYR C 137 -5.01 23.54 22.92
C TYR C 137 -6.24 23.70 23.73
N ASP C 138 -6.10 23.61 25.04
CA ASP C 138 -7.21 23.81 25.96
C ASP C 138 -7.23 25.29 26.31
N LYS C 139 -8.21 25.74 27.09
CA LYS C 139 -8.27 27.14 27.42
C LYS C 139 -7.17 27.58 28.35
N ASN C 140 -6.54 26.63 29.03
CA ASN C 140 -5.46 27.01 29.92
C ASN C 140 -4.09 26.44 29.59
N GLY C 141 -3.78 26.49 28.31
CA GLY C 141 -2.50 26.07 27.80
C GLY C 141 -2.15 24.63 27.59
N GLY C 142 -3.06 23.71 27.80
CA GLY C 142 -2.74 22.31 27.63
C GLY C 142 -2.98 21.66 26.29
N VAL C 143 -2.34 20.52 26.06
CA VAL C 143 -2.53 19.88 24.75
C VAL C 143 -3.81 19.08 24.74
N LEU C 144 -4.69 19.42 23.79
CA LEU C 144 -5.99 18.75 23.61
C LEU C 144 -5.99 17.77 22.43
N LYS C 145 -5.49 18.25 21.28
CA LYS C 145 -5.42 17.47 20.04
C LYS C 145 -4.02 17.54 19.44
N GLU C 146 -3.63 16.45 18.78
CA GLU C 146 -2.36 16.35 18.07
C GLU C 146 -2.62 15.82 16.65
N SER C 147 -1.72 16.16 15.71
CA SER C 147 -1.85 15.72 14.30
C SER C 147 -1.69 14.20 14.17
N THR C 148 -2.52 13.58 13.31
CA THR C 148 -2.46 12.15 13.14
C THR C 148 -1.36 11.88 12.12
N PRO C 149 -0.58 10.82 12.32
CA PRO C 149 0.53 10.51 11.39
C PRO C 149 0.12 10.31 9.89
N ARG C 150 1.10 10.43 8.99
CA ARG C 150 0.92 10.06 7.59
C ARG C 150 1.51 8.69 7.41
N GLU C 151 0.87 7.94 6.53
CA GLU C 151 1.39 6.70 6.02
C GLU C 151 2.60 6.95 5.15
N THR C 152 3.38 5.88 4.98
CA THR C 152 4.62 5.92 4.23
C THR C 152 4.84 4.69 3.37
N ARG C 153 5.57 4.87 2.26
CA ARG C 153 5.91 3.77 1.38
C ARG C 153 7.26 3.93 0.71
N PHE C 154 7.96 2.82 0.51
CA PHE C 154 9.20 2.83 -0.29
C PHE C 154 8.92 2.73 -1.78
N PHE C 155 9.52 3.64 -2.55
CA PHE C 155 9.62 3.54 -4.02
C PHE C 155 11.07 3.80 -4.47
N GLY C 156 11.64 2.85 -5.22
CA GLY C 156 13.06 2.85 -5.59
C GLY C 156 14.00 3.13 -4.42
N GLY C 157 13.71 2.55 -3.26
CA GLY C 157 14.58 2.65 -2.11
C GLY C 157 14.51 3.94 -1.32
N ARG C 158 13.59 4.83 -1.66
CA ARG C 158 13.40 6.08 -0.92
C ARG C 158 11.98 6.11 -0.36
N LEU C 159 11.83 6.71 0.82
CA LEU C 159 10.57 6.72 1.54
C LEU C 159 9.76 7.96 1.16
N TYR C 160 8.45 7.78 0.96
CA TYR C 160 7.53 8.85 0.64
C TYR C 160 6.34 8.87 1.61
N CYS C 161 5.68 10.02 1.69
CA CYS C 161 4.43 10.22 2.44
C CYS C 161 3.23 10.00 1.54
N LEU C 162 2.17 9.38 2.07
CA LEU C 162 0.92 9.30 1.38
C LEU C 162 0.11 10.54 1.73
N GLU C 163 -0.36 11.24 0.69
CA GLU C 163 -1.23 12.41 0.88
C GLU C 163 -2.64 12.14 0.35
N ASN C 164 -3.66 12.61 1.05
CA ASN C 164 -5.03 12.36 0.67
C ASN C 164 -5.67 13.52 -0.04
N ALA C 165 -6.51 13.19 -1.03
CA ALA C 165 -7.32 14.16 -1.71
C ALA C 165 -8.08 15.04 -0.70
N ILE C 166 -8.06 16.34 -0.95
CA ILE C 166 -8.90 17.31 -0.28
C ILE C 166 -10.06 17.60 -1.21
N LYS C 167 -11.27 17.38 -0.68
CA LYS C 167 -12.52 17.67 -1.37
C LYS C 167 -13.39 18.46 -0.38
N THR C 168 -13.83 19.66 -0.76
CA THR C 168 -14.59 20.56 0.14
C THR C 168 -16.04 20.74 -0.34
N ASP C 169 -16.92 21.17 0.59
CA ASP C 169 -18.32 21.52 0.21
C ASP C 169 -18.33 22.76 -0.74
N PHE C 170 -17.48 23.75 -0.43
CA PHE C 170 -17.36 24.99 -1.22
C PHE C 170 -15.89 25.33 -1.51
N SER C 171 -15.67 26.04 -2.61
CA SER C 171 -14.34 26.54 -2.97
C SER C 171 -14.54 27.97 -3.38
N ILE C 172 -13.75 28.87 -2.79
CA ILE C 172 -13.96 30.30 -3.01
C ILE C 172 -12.71 30.83 -3.68
N VAL C 173 -12.81 31.27 -4.95
CA VAL C 173 -11.69 31.86 -5.72
C VAL C 173 -11.93 33.36 -6.06
N LYS C 174 -10.86 33.99 -6.54
CA LYS C 174 -10.85 35.36 -7.00
C LYS C 174 -10.00 35.43 -8.24
N ALA C 175 -10.53 36.05 -9.30
CA ALA C 175 -9.80 36.22 -10.56
C ALA C 175 -9.96 37.67 -11.06
N TRP C 176 -8.99 38.14 -11.83
CA TRP C 176 -9.03 39.45 -12.51
C TRP C 176 -10.21 39.52 -13.49
N LYS C 177 -10.42 38.44 -14.25
CA LYS C 177 -11.44 38.42 -15.31
C LYS C 177 -12.17 37.09 -15.40
N GLY C 178 -13.48 37.12 -15.59
CA GLY C 178 -14.22 35.92 -15.94
C GLY C 178 -15.40 36.21 -16.83
N ASP C 179 -15.86 35.21 -17.58
CA ASP C 179 -17.04 35.37 -18.38
C ASP C 179 -18.24 34.79 -17.60
N ARG C 180 -19.40 34.76 -18.25
CA ARG C 180 -20.64 34.34 -17.62
C ARG C 180 -20.75 32.83 -17.39
N CYS C 181 -20.07 32.04 -18.24
CA CYS C 181 -20.00 30.58 -18.07
C CYS C 181 -18.80 30.14 -17.17
N GLY C 182 -18.12 31.10 -16.53
CA GLY C 182 -17.19 30.85 -15.46
C GLY C 182 -15.73 30.71 -15.81
N ASN C 183 -15.35 30.82 -17.09
CA ASN C 183 -13.91 30.82 -17.48
C ASN C 183 -13.21 31.93 -16.72
N LEU C 184 -12.05 31.66 -16.13
CA LEU C 184 -11.34 32.67 -15.35
C LEU C 184 -9.94 32.91 -15.87
N VAL C 185 -9.54 34.18 -15.85
CA VAL C 185 -8.18 34.63 -16.12
C VAL C 185 -7.71 35.42 -14.89
N PHE C 186 -6.52 35.12 -14.40
CA PHE C 186 -5.92 35.70 -13.22
C PHE C 186 -4.78 36.49 -13.75
N ARG C 187 -4.24 37.38 -12.91
CA ARG C 187 -3.12 38.25 -13.24
C ARG C 187 -2.03 38.11 -12.19
N GLY C 188 -0.78 38.23 -12.59
CA GLY C 188 0.34 38.25 -11.63
C GLY C 188 0.43 36.97 -10.80
N THR C 189 1.09 37.07 -9.64
CA THR C 189 1.08 35.99 -8.64
C THR C 189 -0.24 35.85 -7.81
N ALA C 190 -1.30 36.55 -8.21
CA ALA C 190 -2.62 36.37 -7.62
C ALA C 190 -3.40 35.12 -8.09
N ARG C 191 -2.87 34.39 -9.06
CA ARG C 191 -3.44 33.08 -9.48
C ARG C 191 -3.28 32.02 -8.36
N ASN C 192 -2.02 31.67 -8.07
CA ASN C 192 -1.62 30.79 -6.97
C ASN C 192 -2.59 29.61 -6.70
N PHE C 193 -3.17 29.52 -5.51
CA PHE C 193 -4.05 28.40 -5.15
C PHE C 193 -5.39 28.44 -5.87
N ASN C 194 -5.73 29.55 -6.53
CA ASN C 194 -7.04 29.68 -7.11
C ASN C 194 -7.34 28.59 -8.13
N VAL C 195 -6.33 28.10 -8.85
CA VAL C 195 -6.56 27.04 -9.83
C VAL C 195 -7.00 25.74 -9.09
N PRO C 196 -6.16 25.21 -8.20
CA PRO C 196 -6.54 23.94 -7.54
C PRO C 196 -7.69 24.04 -6.53
N VAL C 197 -7.82 25.18 -5.87
CA VAL C 197 -8.98 25.44 -5.02
C VAL C 197 -10.24 25.35 -5.91
N GLY C 198 -10.24 26.07 -7.03
CA GLY C 198 -11.30 26.01 -8.05
C GLY C 198 -11.70 24.64 -8.55
N GLN C 199 -10.78 23.68 -8.48
CA GLN C 199 -11.00 22.30 -8.91
C GLN C 199 -11.57 21.35 -7.85
N CYS C 200 -11.35 21.65 -6.55
CA CYS C 200 -11.62 20.70 -5.48
C CYS C 200 -12.94 20.87 -4.66
N GLY C 201 -13.72 21.94 -4.89
CA GLY C 201 -14.96 22.17 -4.16
C GLY C 201 -16.17 21.70 -4.93
N GLN C 202 -17.23 21.36 -4.24
CA GLN C 202 -18.44 20.82 -4.86
C GLN C 202 -19.23 21.97 -5.54
N THR C 203 -19.33 23.07 -4.82
CA THR C 203 -19.92 24.31 -5.32
C THR C 203 -18.80 25.34 -5.35
N VAL C 204 -18.41 25.86 -6.53
CA VAL C 204 -17.35 26.88 -6.52
C VAL C 204 -17.80 28.28 -6.93
N ILE C 205 -17.38 29.25 -6.11
CA ILE C 205 -17.82 30.60 -6.22
C ILE C 205 -16.59 31.42 -6.46
N ALA C 206 -16.60 32.13 -7.60
CA ALA C 206 -15.53 32.99 -8.07
C ALA C 206 -15.92 34.48 -8.03
N GLU C 207 -15.19 35.30 -7.26
CA GLU C 207 -15.35 36.74 -7.43
C GLU C 207 -14.45 37.26 -8.57
N VAL C 208 -15.06 37.90 -9.56
CA VAL C 208 -14.31 38.47 -10.67
C VAL C 208 -14.27 39.99 -10.58
N GLU C 209 -13.09 40.57 -10.77
CA GLU C 209 -12.94 42.02 -10.86
C GLU C 209 -13.58 42.58 -12.17
N ASN C 210 -13.67 41.77 -13.23
CA ASN C 210 -14.17 42.19 -14.54
C ASN C 210 -15.00 41.05 -15.12
N LEU C 211 -16.26 41.31 -15.30
CA LEU C 211 -17.13 40.35 -15.94
C LEU C 211 -17.15 40.69 -17.42
N VAL C 212 -17.02 39.69 -18.29
CA VAL C 212 -17.21 39.90 -19.75
C VAL C 212 -18.24 38.93 -20.35
N GLU C 213 -18.62 39.14 -21.61
CA GLU C 213 -19.44 38.14 -22.35
C GLU C 213 -18.65 36.86 -22.78
N ASN C 214 -19.37 35.75 -22.77
CA ASN C 214 -18.90 34.50 -23.39
C ASN C 214 -18.49 34.76 -24.82
N GLY C 215 -17.26 34.37 -25.17
CA GLY C 215 -16.65 34.76 -26.43
C GLY C 215 -15.57 35.83 -26.33
N ASP C 216 -15.57 36.66 -25.28
CA ASP C 216 -14.53 37.70 -25.13
C ASP C 216 -13.19 37.23 -24.54
N ILE C 217 -13.17 36.09 -23.87
CA ILE C 217 -11.89 35.58 -23.41
C ILE C 217 -11.36 34.68 -24.54
N ASP C 218 -10.13 34.92 -24.98
CA ASP C 218 -9.46 34.00 -25.91
C ASP C 218 -9.44 32.62 -25.23
N PRO C 219 -9.99 31.59 -25.91
CA PRO C 219 -9.99 30.25 -25.34
C PRO C 219 -8.62 29.71 -24.92
N ASP C 220 -7.56 30.25 -25.52
CA ASP C 220 -6.16 29.84 -25.31
C ASP C 220 -5.50 30.51 -24.12
N GLU C 221 -6.20 31.44 -23.46
CA GLU C 221 -5.68 32.17 -22.29
C GLU C 221 -6.59 32.04 -21.07
N VAL C 222 -7.53 31.09 -21.11
CA VAL C 222 -8.30 30.70 -19.93
C VAL C 222 -7.36 29.96 -18.98
N HIS C 223 -7.39 30.35 -17.71
CA HIS C 223 -6.59 29.69 -16.68
C HIS C 223 -7.35 28.62 -15.91
N LEU C 224 -8.65 28.83 -15.71
CA LEU C 224 -9.53 27.90 -15.02
C LEU C 224 -10.75 27.78 -15.93
N PRO C 225 -10.85 26.67 -16.68
CA PRO C 225 -12.04 26.45 -17.49
C PRO C 225 -13.31 26.51 -16.64
N GLY C 226 -14.38 27.00 -17.27
CA GLY C 226 -15.57 27.36 -16.53
C GLY C 226 -16.41 26.17 -16.10
N VAL C 227 -16.12 24.99 -16.62
CA VAL C 227 -16.75 23.75 -16.14
C VAL C 227 -16.56 23.65 -14.64
N TYR C 228 -15.40 24.06 -14.13
CA TYR C 228 -15.10 24.05 -12.69
C TYR C 228 -15.86 25.06 -11.83
N VAL C 229 -16.48 26.07 -12.45
CA VAL C 229 -17.14 27.16 -11.71
C VAL C 229 -18.68 27.08 -11.79
N ASP C 230 -19.32 27.14 -10.63
CA ASP C 230 -20.77 27.05 -10.54
C ASP C 230 -21.44 28.42 -10.48
N ARG C 231 -20.85 29.33 -9.69
CA ARG C 231 -21.42 30.65 -9.44
C ARG C 231 -20.37 31.72 -9.66
N VAL C 232 -20.74 32.74 -10.44
CA VAL C 232 -19.87 33.89 -10.67
C VAL C 232 -20.54 35.08 -10.00
N VAL C 233 -19.73 35.79 -9.24
CA VAL C 233 -20.10 36.96 -8.50
C VAL C 233 -19.20 38.10 -9.00
N VAL C 234 -19.75 39.31 -9.14
CA VAL C 234 -18.94 40.48 -9.52
C VAL C 234 -19.17 41.60 -8.51
N PRO C 235 -18.30 41.65 -7.47
CA PRO C 235 -18.50 42.58 -6.38
C PRO C 235 -18.14 44.00 -6.75
N GLU C 236 -18.62 44.94 -5.93
CA GLU C 236 -18.09 46.29 -5.93
C GLU C 236 -16.57 46.20 -6.02
N ARG C 237 -15.97 46.98 -6.94
CA ARG C 237 -14.50 47.08 -7.05
C ARG C 237 -13.94 47.57 -5.70
N TYR C 238 -12.75 47.08 -5.37
CA TYR C 238 -12.08 47.32 -4.07
C TYR C 238 -10.58 47.10 -4.26
N GLN C 239 -9.76 47.90 -3.59
CA GLN C 239 -8.30 47.81 -3.75
C GLN C 239 -7.87 46.51 -3.06
N THR C 240 -7.00 45.73 -3.71
CA THR C 240 -6.37 44.57 -3.06
C THR C 240 -5.35 45.07 -2.05
N LEU C 241 -5.46 44.56 -0.82
CA LEU C 241 -4.54 44.94 0.27
C LEU C 241 -3.11 44.55 -0.10
N ILE C 242 -2.20 45.49 0.09
CA ILE C 242 -0.78 45.27 -0.13
C ILE C 242 -0.17 45.29 1.26
N GLU C 243 0.45 44.19 1.71
CA GLU C 243 1.05 44.14 3.06
C GLU C 243 2.29 45.00 3.14
N HIS C 244 3.24 44.72 2.24
CA HIS C 244 4.50 45.47 2.12
C HIS C 244 4.61 46.11 0.74
N ARG C 245 4.27 47.40 0.68
CA ARG C 245 4.40 48.19 -0.54
C ARG C 245 5.87 48.61 -0.73
N THR C 246 6.68 47.67 -1.19
CA THR C 246 8.10 47.88 -1.43
C THR C 246 8.40 48.36 -2.82
N VAL C 247 9.15 49.45 -2.89
CA VAL C 247 9.54 50.05 -4.15
C VAL C 247 11.00 50.32 -4.17
N THR C 248 11.56 50.52 -5.34
CA THR C 248 12.96 50.86 -5.45
C THR C 248 13.05 52.21 -6.14
N ARG C 249 13.75 53.16 -5.53
CA ARG C 249 13.90 54.51 -6.10
C ARG C 249 14.10 54.52 -7.60
N VAL C 267 25.56 41.31 9.71
CA VAL C 267 26.29 40.21 9.12
C VAL C 267 25.47 39.53 8.06
N ARG C 268 24.22 39.95 7.95
CA ARG C 268 23.32 39.37 6.98
C ARG C 268 23.81 39.61 5.58
N GLN C 269 24.25 40.85 5.33
CA GLN C 269 24.77 41.25 4.05
C GLN C 269 26.05 40.48 3.75
N ARG C 270 26.92 40.38 4.76
CA ARG C 270 28.21 39.68 4.68
C ARG C 270 28.08 38.21 4.36
N ILE C 271 27.04 37.60 4.92
CA ILE C 271 26.74 36.22 4.69
C ILE C 271 26.20 36.09 3.27
N ALA C 272 25.40 37.09 2.89
CA ALA C 272 24.75 37.16 1.59
C ALA C 272 25.74 37.22 0.46
N ARG C 273 26.83 37.92 0.68
CA ARG C 273 27.87 38.06 -0.30
C ARG C 273 28.59 36.76 -0.59
N ARG C 274 28.85 35.97 0.42
CA ARG C 274 29.50 34.69 0.20
C ARG C 274 28.52 33.80 -0.56
N ALA C 275 27.26 33.98 -0.26
CA ALA C 275 26.17 33.27 -0.88
C ALA C 275 26.07 33.60 -2.36
N ALA C 276 26.37 34.84 -2.72
CA ALA C 276 26.31 35.27 -4.11
C ALA C 276 27.21 34.41 -4.99
N LEU C 277 28.32 33.98 -4.43
CA LEU C 277 29.24 33.08 -5.13
C LEU C 277 28.67 31.68 -5.41
N GLU C 278 27.55 31.31 -4.79
CA GLU C 278 26.89 30.02 -5.10
C GLU C 278 26.13 30.10 -6.40
N PHE C 279 25.71 31.32 -6.80
CA PHE C 279 25.10 31.50 -8.11
C PHE C 279 26.02 31.12 -9.28
N ALA C 280 25.46 30.35 -10.20
CA ALA C 280 26.10 30.08 -11.49
C ALA C 280 25.19 30.62 -12.61
N ASN C 281 25.82 31.03 -13.71
CA ASN C 281 25.08 31.56 -14.85
C ASN C 281 24.17 30.47 -15.45
N GLY C 282 22.90 30.78 -15.65
CA GLY C 282 21.95 29.81 -16.19
C GLY C 282 21.13 29.00 -15.17
N MET C 283 21.37 29.21 -13.88
CA MET C 283 20.57 28.56 -12.83
C MET C 283 19.16 29.15 -12.70
N TYR C 284 18.23 28.27 -12.39
CA TYR C 284 16.91 28.65 -11.89
C TYR C 284 17.01 28.51 -10.38
N VAL C 285 16.75 29.58 -9.64
CA VAL C 285 16.89 29.51 -8.18
C VAL C 285 15.66 29.97 -7.42
N ASN C 286 15.46 29.33 -6.27
CA ASN C 286 14.49 29.77 -5.30
C ASN C 286 15.15 30.37 -4.04
N LEU C 287 14.74 31.57 -3.67
CA LEU C 287 15.30 32.22 -2.46
C LEU C 287 14.23 32.38 -1.39
N GLY C 288 14.56 31.93 -0.18
CA GLY C 288 13.76 32.19 1.03
C GLY C 288 13.93 33.63 1.51
N ILE C 289 13.03 34.00 2.42
CA ILE C 289 12.67 35.42 2.66
C ILE C 289 13.80 36.39 3.09
N GLY C 290 14.60 36.04 4.10
CA GLY C 290 15.53 36.99 4.71
C GLY C 290 16.86 37.08 3.98
N ILE C 291 17.88 36.51 4.61
CA ILE C 291 19.27 36.55 4.09
C ILE C 291 19.38 36.04 2.64
N PRO C 292 18.69 34.94 2.26
CA PRO C 292 18.78 34.48 0.87
C PRO C 292 18.30 35.45 -0.21
N THR C 293 17.24 36.22 0.04
CA THR C 293 16.83 37.29 -0.87
C THR C 293 17.96 38.33 -1.04
N GLU C 294 18.72 38.63 0.04
CA GLU C 294 19.81 39.65 0.00
C GLU C 294 21.04 39.22 -0.82
N SER C 295 21.22 37.91 -0.97
CA SER C 295 22.28 37.37 -1.76
C SER C 295 21.99 37.72 -3.21
N SER C 296 20.72 37.99 -3.51
CA SER C 296 20.29 38.34 -4.83
C SER C 296 20.96 39.61 -5.28
N ASN C 297 21.04 40.57 -4.40
CA ASN C 297 21.65 41.84 -4.74
C ASN C 297 23.10 41.76 -5.14
N TYR C 298 23.86 40.85 -4.56
CA TYR C 298 25.30 40.72 -4.81
C TYR C 298 25.77 39.81 -5.93
N ILE C 299 24.86 39.35 -6.77
CA ILE C 299 25.24 38.51 -7.87
C ILE C 299 26.12 39.29 -8.82
N PRO C 300 27.26 38.63 -9.22
CA PRO C 300 28.10 39.36 -10.17
C PRO C 300 27.38 39.58 -11.49
N ALA C 301 27.77 40.63 -12.20
CA ALA C 301 27.14 41.06 -13.46
C ALA C 301 27.21 40.07 -14.63
N GLY C 302 28.19 39.17 -14.57
CA GLY C 302 28.42 38.13 -15.54
C GLY C 302 27.68 36.85 -15.21
N VAL C 303 26.82 36.88 -14.19
CA VAL C 303 26.03 35.72 -13.82
C VAL C 303 24.53 36.00 -13.92
N ASN C 304 23.85 35.27 -14.79
CA ASN C 304 22.42 35.42 -14.98
C ASN C 304 21.63 34.23 -14.49
N VAL C 305 20.72 34.49 -13.59
CA VAL C 305 19.90 33.47 -13.04
C VAL C 305 18.50 33.95 -13.14
N VAL C 306 17.60 33.01 -13.05
CA VAL C 306 16.17 33.22 -13.06
C VAL C 306 15.65 32.89 -11.64
N LEU C 307 14.98 33.87 -11.05
CA LEU C 307 14.49 33.76 -9.69
C LEU C 307 13.11 33.22 -9.79
N GLN C 308 12.82 32.18 -9.00
CA GLN C 308 11.49 31.63 -8.90
C GLN C 308 10.92 31.95 -7.54
N SER C 309 9.68 32.40 -7.53
CA SER C 309 8.91 32.65 -6.35
C SER C 309 7.86 31.54 -6.30
N GLU C 310 7.74 30.90 -5.12
CA GLU C 310 6.85 29.75 -4.90
C GLU C 310 5.36 30.06 -5.14
N ASN C 311 4.98 31.32 -4.99
CA ASN C 311 3.58 31.73 -5.24
C ASN C 311 3.20 31.85 -6.71
N GLY C 312 4.19 31.68 -7.60
CA GLY C 312 3.93 31.24 -8.97
C GLY C 312 4.56 32.02 -10.10
N LEU C 313 5.85 32.32 -9.99
CA LEU C 313 6.53 33.15 -10.97
C LEU C 313 7.95 32.68 -11.16
N ILE C 314 8.41 32.61 -12.41
CA ILE C 314 9.84 32.70 -12.72
C ILE C 314 10.18 34.01 -13.46
N GLY C 315 11.32 34.60 -13.11
CA GLY C 315 11.75 35.85 -13.73
C GLY C 315 11.37 36.98 -12.82
N MET C 316 11.54 36.75 -11.55
CA MET C 316 11.21 37.73 -10.58
C MET C 316 12.20 38.85 -10.65
N GLY C 317 11.66 40.04 -10.62
CA GLY C 317 12.46 41.23 -10.67
C GLY C 317 12.61 41.86 -9.32
N PRO C 318 13.38 43.00 -9.33
CA PRO C 318 13.51 43.68 -8.05
C PRO C 318 12.31 44.58 -7.82
N PHE C 319 12.26 45.26 -6.69
CA PHE C 319 11.15 46.12 -6.36
C PHE C 319 10.90 47.13 -7.45
N PRO C 320 9.56 47.28 -7.72
CA PRO C 320 9.24 48.20 -8.80
C PRO C 320 9.31 49.66 -8.47
N THR C 321 9.18 50.48 -9.50
CA THR C 321 9.16 51.91 -9.36
C THR C 321 7.78 52.21 -8.87
N GLU C 322 7.63 53.37 -8.26
CA GLU C 322 6.40 53.79 -7.63
C GLU C 322 5.27 53.79 -8.63
N ASP C 323 5.56 54.21 -9.83
CA ASP C 323 4.56 54.24 -10.87
C ASP C 323 4.06 52.84 -11.21
N LYS C 324 4.91 51.85 -11.01
CA LYS C 324 4.54 50.51 -11.36
C LYS C 324 4.13 49.49 -10.32
N VAL C 325 3.85 49.89 -9.08
CA VAL C 325 3.44 48.92 -8.09
C VAL C 325 2.07 48.31 -8.39
N ASP C 326 2.02 46.99 -8.33
CA ASP C 326 0.84 46.23 -8.59
C ASP C 326 0.67 45.24 -7.48
N ALA C 327 -0.48 45.21 -6.86
CA ALA C 327 -0.80 44.29 -5.74
C ALA C 327 -0.87 42.81 -6.16
N ASP C 328 -1.18 42.57 -7.42
CA ASP C 328 -1.14 41.22 -8.03
C ASP C 328 0.28 40.66 -8.25
N TRP C 329 1.30 41.51 -8.18
CA TRP C 329 2.68 41.05 -8.35
C TRP C 329 3.45 41.16 -7.05
N ILE C 330 3.47 40.05 -6.30
CA ILE C 330 4.15 39.97 -5.02
C ILE C 330 4.97 38.70 -4.93
N ASN C 331 5.87 38.67 -3.96
CA ASN C 331 6.82 37.56 -3.83
C ASN C 331 6.43 36.66 -2.67
N ALA C 332 7.26 35.65 -2.40
CA ALA C 332 7.00 34.76 -1.26
C ALA C 332 6.84 35.53 0.04
N GLY C 333 7.60 36.62 0.23
CA GLY C 333 7.45 37.52 1.43
C GLY C 333 6.37 38.65 1.42
N LYS C 334 5.45 38.57 0.46
CA LYS C 334 4.27 39.46 0.35
C LYS C 334 4.65 40.92 0.08
N GLN C 335 5.78 41.08 -0.63
CA GLN C 335 6.35 42.38 -1.01
C GLN C 335 6.14 42.55 -2.50
N THR C 336 5.75 43.77 -2.91
CA THR C 336 5.47 44.09 -4.30
C THR C 336 6.77 43.98 -5.09
N ILE C 337 6.65 43.57 -6.35
CA ILE C 337 7.75 43.07 -7.16
C ILE C 337 7.53 43.38 -8.64
N SER C 338 8.62 43.47 -9.39
CA SER C 338 8.57 43.62 -10.85
C SER C 338 8.89 42.26 -11.51
N HIS C 339 8.92 42.24 -12.84
CA HIS C 339 9.32 41.05 -13.56
C HIS C 339 10.23 41.36 -14.76
N LEU C 340 11.21 40.50 -14.99
CA LEU C 340 12.21 40.66 -16.05
C LEU C 340 11.72 40.09 -17.38
N ALA C 341 12.53 40.20 -18.45
CA ALA C 341 12.16 39.70 -19.78
C ALA C 341 12.10 38.17 -19.79
N GLY C 342 11.11 37.60 -20.48
CA GLY C 342 10.96 36.15 -20.54
C GLY C 342 10.49 35.49 -19.24
N SER C 343 9.81 36.22 -18.37
CA SER C 343 9.25 35.65 -17.15
C SER C 343 7.98 34.93 -17.47
N ALA C 344 7.52 34.11 -16.53
CA ALA C 344 6.33 33.31 -16.74
C ALA C 344 5.62 33.08 -15.43
N LEU C 345 4.31 33.13 -15.53
CA LEU C 345 3.40 32.98 -14.39
C LEU C 345 2.83 31.54 -14.44
N PHE C 346 2.50 30.98 -13.28
CA PHE C 346 1.88 29.65 -13.22
C PHE C 346 1.18 29.52 -11.86
N ASP C 347 0.32 28.50 -11.72
CA ASP C 347 -0.45 28.29 -10.47
C ASP C 347 0.36 27.53 -9.43
N SER C 348 -0.18 27.49 -8.20
CA SER C 348 0.51 26.85 -7.05
C SER C 348 0.72 25.34 -7.20
N ALA C 349 -0.19 24.63 -7.88
CA ALA C 349 0.03 23.19 -8.21
C ALA C 349 1.23 22.94 -9.13
N THR C 350 1.38 23.77 -10.18
CA THR C 350 2.52 23.68 -11.10
C THR C 350 3.84 24.13 -10.41
N SER C 351 3.73 25.17 -9.57
CA SER C 351 4.90 25.72 -8.89
C SER C 351 5.61 24.69 -8.02
N PHE C 352 4.86 23.92 -7.27
CA PHE C 352 5.43 22.84 -6.48
C PHE C 352 5.62 21.55 -7.24
N ALA C 353 4.97 21.36 -8.40
CA ALA C 353 5.39 20.32 -9.35
C ALA C 353 6.86 20.56 -9.74
N MET C 354 7.11 21.78 -10.20
CA MET C 354 8.42 22.27 -10.59
C MET C 354 9.44 22.17 -9.44
N ILE C 355 9.06 22.52 -8.20
CA ILE C 355 9.98 22.40 -7.04
C ILE C 355 10.20 20.92 -6.64
N ARG C 356 9.12 20.20 -6.33
CA ARG C 356 9.23 18.78 -5.93
C ARG C 356 9.88 17.91 -7.02
N GLY C 357 9.66 18.30 -8.26
CA GLY C 357 10.29 17.64 -9.41
C GLY C 357 11.78 17.85 -9.64
N GLY C 358 12.39 18.78 -8.90
CA GLY C 358 13.82 19.02 -8.95
C GLY C 358 14.27 20.01 -9.99
N HIS C 359 13.37 20.89 -10.46
CA HIS C 359 13.70 21.71 -11.60
C HIS C 359 14.45 22.97 -11.22
N MET C 360 14.42 23.34 -9.95
CA MET C 360 15.39 24.33 -9.41
C MET C 360 16.81 23.76 -9.34
N ASP C 361 17.81 24.56 -9.71
CA ASP C 361 19.21 24.15 -9.60
C ASP C 361 19.77 24.48 -8.25
N LEU C 362 19.14 25.44 -7.56
CA LEU C 362 19.58 25.93 -6.24
C LEU C 362 18.42 26.45 -5.39
N THR C 363 18.40 26.08 -4.11
CA THR C 363 17.54 26.77 -3.14
C THR C 363 18.39 27.31 -2.01
N MET C 364 18.07 28.52 -1.56
CA MET C 364 18.66 29.06 -0.32
C MET C 364 17.57 29.40 0.68
N LEU C 365 17.77 28.97 1.92
CA LEU C 365 16.75 29.14 2.97
C LEU C 365 17.31 29.74 4.25
N GLY C 366 16.43 30.39 5.02
CA GLY C 366 16.72 30.77 6.41
C GLY C 366 16.70 29.55 7.33
N ALA C 367 17.13 29.72 8.57
CA ALA C 367 17.25 28.61 9.52
C ALA C 367 17.28 29.03 10.99
N LEU C 368 16.54 28.30 11.81
CA LEU C 368 16.63 28.42 13.27
C LEU C 368 17.76 27.51 13.77
N GLU C 369 18.01 26.41 13.08
CA GLU C 369 18.99 25.43 13.51
C GLU C 369 19.34 24.52 12.32
N VAL C 370 20.58 24.05 12.26
CA VAL C 370 21.08 23.16 11.19
C VAL C 370 22.07 22.14 11.77
N ALA C 371 22.17 20.95 11.17
CA ALA C 371 22.93 19.82 11.75
C ALA C 371 23.92 19.16 10.82
N ALA C 372 25.09 18.81 11.35
CA ALA C 372 26.03 17.92 10.67
C ALA C 372 25.35 16.71 10.01
N ASN C 373 24.17 16.34 10.53
CA ASN C 373 23.31 15.32 9.92
C ASN C 373 22.87 15.64 8.47
N GLY C 374 22.91 16.92 8.07
CA GLY C 374 22.24 17.39 6.88
C GLY C 374 20.82 17.84 7.20
N ASP C 375 20.50 17.92 8.50
CA ASP C 375 19.17 18.32 8.99
C ASP C 375 19.06 19.84 9.13
N LEU C 376 17.82 20.33 9.03
CA LEU C 376 17.50 21.76 9.11
C LEU C 376 16.17 21.92 9.87
N ALA C 377 16.13 22.92 10.75
CA ALA C 377 14.92 23.33 11.45
C ALA C 377 14.68 24.79 11.18
N ASN C 378 13.60 25.13 10.47
CA ASN C 378 13.26 26.54 10.15
C ASN C 378 11.76 26.89 10.17
N PHE C 379 10.93 26.08 10.78
CA PHE C 379 9.53 26.39 10.73
C PHE C 379 8.77 26.73 11.97
N MET C 380 9.15 26.20 13.10
CA MET C 380 8.46 26.53 14.31
C MET C 380 9.31 26.34 15.53
N ILE C 381 9.03 27.14 16.54
CA ILE C 381 9.73 27.01 17.80
C ILE C 381 8.55 26.55 18.58
N PRO C 382 8.67 25.34 19.23
CA PRO C 382 7.45 24.88 19.90
C PRO C 382 6.87 25.82 20.95
N GLY C 383 5.57 26.00 20.86
CA GLY C 383 4.86 26.89 21.73
C GLY C 383 5.08 28.36 21.42
N LYS C 384 6.33 28.80 21.45
CA LYS C 384 6.68 30.20 21.22
C LYS C 384 6.46 30.92 19.90
N LEU C 385 6.83 30.32 18.78
CA LEU C 385 6.64 30.98 17.51
C LEU C 385 5.93 30.08 16.54
N VAL C 386 4.72 30.43 16.16
CA VAL C 386 3.98 29.60 15.23
C VAL C 386 4.00 30.25 13.88
N LYS C 387 4.69 29.62 12.95
CA LYS C 387 4.79 30.17 11.64
C LYS C 387 4.22 29.33 10.52
N GLY C 388 4.51 28.03 10.58
CA GLY C 388 4.11 27.09 9.54
C GLY C 388 5.23 26.72 8.59
N PRO C 389 5.12 25.54 7.92
CA PRO C 389 6.17 25.09 7.01
C PRO C 389 6.32 25.90 5.75
N GLY C 390 5.26 26.61 5.34
CA GLY C 390 5.21 27.22 4.01
C GLY C 390 5.60 26.16 2.98
N GLY C 391 6.50 26.55 2.08
CA GLY C 391 7.05 25.69 1.04
C GLY C 391 8.42 25.14 1.38
N ALA C 392 8.88 25.35 2.63
CA ALA C 392 10.26 25.01 3.01
C ALA C 392 10.46 23.50 3.00
N MET C 393 9.50 22.76 3.51
CA MET C 393 9.54 21.29 3.44
C MET C 393 9.53 20.76 1.98
N ASP C 394 8.88 21.42 1.04
CA ASP C 394 9.00 21.00 -0.37
C ASP C 394 10.36 21.36 -0.97
N LEU C 395 10.91 22.53 -0.61
CA LEU C 395 12.20 22.98 -1.19
C LEU C 395 13.39 22.11 -0.72
N VAL C 396 13.29 21.59 0.49
CA VAL C 396 14.36 20.79 1.10
C VAL C 396 14.28 19.33 0.73
N SER C 397 13.08 18.88 0.41
CA SER C 397 12.83 17.46 0.16
C SER C 397 12.99 17.01 -1.31
N CYS C 398 13.09 17.94 -2.24
CA CYS C 398 13.38 17.60 -3.65
C CYS C 398 14.88 17.37 -3.76
N GLY C 399 15.37 16.87 -4.88
CA GLY C 399 16.83 16.58 -4.98
C GLY C 399 17.76 17.78 -5.08
N THR C 400 17.20 18.98 -5.05
CA THR C 400 17.95 20.18 -5.34
C THR C 400 18.96 20.52 -4.24
N ARG C 401 20.12 20.98 -4.67
CA ARG C 401 21.13 21.51 -3.79
C ARG C 401 20.55 22.62 -2.88
N VAL C 402 20.78 22.47 -1.57
CA VAL C 402 20.29 23.41 -0.56
C VAL C 402 21.41 24.07 0.24
N VAL C 403 21.38 25.40 0.25
CA VAL C 403 22.38 26.18 0.88
C VAL C 403 21.68 27.01 1.94
N VAL C 404 21.95 26.66 3.19
CA VAL C 404 21.42 27.39 4.34
C VAL C 404 22.30 28.60 4.60
N THR C 405 21.64 29.74 4.82
CA THR C 405 22.29 31.00 5.08
C THR C 405 21.83 31.57 6.41
N THR C 406 22.70 31.51 7.41
CA THR C 406 22.35 31.88 8.77
C THR C 406 23.53 32.52 9.51
N THR C 407 23.23 33.21 10.60
CA THR C 407 24.29 33.74 11.43
C THR C 407 24.84 32.53 12.15
N HIS C 408 26.07 32.60 12.63
CA HIS C 408 26.68 31.46 13.31
C HIS C 408 26.02 30.98 14.61
N CYS C 409 25.56 31.93 15.41
CA CYS C 409 24.97 31.65 16.68
C CYS C 409 23.64 32.32 16.83
N ASN C 410 22.97 31.98 17.90
CA ASN C 410 21.69 32.52 18.22
C ASN C 410 21.78 33.96 18.57
N LYS C 411 20.67 34.66 18.48
CA LYS C 411 20.68 36.06 18.78
C LYS C 411 21.13 36.22 20.21
N ASN C 412 20.99 35.17 21.00
CA ASN C 412 21.43 35.22 22.36
C ASN C 412 22.67 34.40 22.55
N GLY C 413 23.37 34.17 21.46
CA GLY C 413 24.63 33.45 21.49
C GLY C 413 24.78 31.95 21.41
N ASP C 414 23.68 31.23 21.20
CA ASP C 414 23.72 29.77 21.09
C ASP C 414 24.20 29.31 19.74
N PRO C 415 24.93 28.13 19.71
CA PRO C 415 25.34 27.70 18.35
C PRO C 415 24.18 27.14 17.48
N LYS C 416 24.10 27.61 16.24
CA LYS C 416 23.05 27.18 15.36
C LYS C 416 23.36 25.87 14.69
N ILE C 417 24.61 25.51 14.72
CA ILE C 417 25.08 24.28 14.12
C ILE C 417 25.34 23.35 15.29
N VAL C 418 24.81 22.12 15.20
CA VAL C 418 24.76 21.20 16.33
C VAL C 418 24.81 19.77 15.82
N GLU C 419 24.82 18.80 16.72
CA GLU C 419 24.93 17.37 16.36
C GLU C 419 23.59 16.81 15.84
N ARG C 420 22.53 17.07 16.60
CA ARG C 420 21.15 16.74 16.24
C ARG C 420 20.33 18.00 16.48
N CYS C 421 19.30 18.24 15.67
CA CYS C 421 18.43 19.41 15.84
C CYS C 421 17.47 19.28 17.02
N ARG C 422 17.33 20.35 17.79
CA ARG C 422 16.46 20.42 18.95
C ARG C 422 15.09 20.98 18.64
N LEU C 423 14.97 21.62 17.51
CA LEU C 423 13.71 22.20 17.12
C LEU C 423 13.13 21.28 16.11
N PRO C 424 11.76 21.39 15.93
CA PRO C 424 11.20 20.48 14.92
C PRO C 424 11.87 20.71 13.60
N VAL C 425 12.20 19.62 12.93
CA VAL C 425 12.91 19.64 11.65
C VAL C 425 12.00 19.98 10.46
N THR C 426 12.45 20.90 9.60
CA THR C 426 11.81 21.12 8.29
C THR C 426 12.17 20.01 7.33
N GLY C 427 13.44 19.62 7.33
CA GLY C 427 13.94 18.55 6.46
C GLY C 427 15.03 17.69 7.05
N LYS C 428 15.05 16.42 6.61
CA LYS C 428 15.94 15.38 7.12
C LYS C 428 16.98 15.05 6.01
N HIS C 429 18.28 15.18 6.32
CA HIS C 429 19.42 14.78 5.42
C HIS C 429 19.56 15.63 4.14
N CYS C 430 19.15 16.90 4.19
CA CYS C 430 18.81 17.70 2.98
C CYS C 430 19.68 18.92 2.64
N VAL C 431 20.36 19.45 3.64
CA VAL C 431 21.30 20.54 3.44
C VAL C 431 22.62 19.98 2.85
N CYS C 432 23.12 20.61 1.78
CA CYS C 432 24.42 20.27 1.17
C CYS C 432 25.54 21.15 1.71
N ARG C 433 25.24 22.44 1.91
CA ARG C 433 26.22 23.44 2.36
C ARG C 433 25.61 24.38 3.39
N ILE C 434 26.44 24.84 4.33
CA ILE C 434 26.02 25.84 5.33
C ILE C 434 26.93 27.06 5.21
N ILE C 435 26.36 28.24 4.91
CA ILE C 435 27.15 29.45 4.87
C ILE C 435 26.76 30.30 6.07
N THR C 436 27.76 30.60 6.89
CA THR C 436 27.62 31.55 7.99
C THR C 436 28.57 32.70 7.73
N GLU C 437 28.45 33.77 8.52
CA GLU C 437 29.32 34.94 8.38
C GLU C 437 30.76 34.57 8.74
N TYR C 438 30.90 33.64 9.68
CA TYR C 438 32.22 33.16 10.13
C TYR C 438 32.80 32.13 9.16
N ALA C 439 32.06 31.04 8.91
CA ALA C 439 32.58 29.88 8.17
C ALA C 439 31.62 29.33 7.10
N VAL C 440 32.09 28.30 6.39
CA VAL C 440 31.27 27.55 5.43
C VAL C 440 31.58 26.06 5.56
N PHE C 441 30.52 25.24 5.58
CA PHE C 441 30.65 23.80 5.76
C PHE C 441 29.91 23.10 4.66
N ASP C 442 30.41 21.93 4.33
CA ASP C 442 29.78 21.08 3.37
C ASP C 442 29.39 19.90 4.22
N VAL C 443 28.25 19.33 3.95
CA VAL C 443 27.81 18.19 4.70
C VAL C 443 28.31 17.01 3.90
N VAL C 444 29.30 16.33 4.45
CA VAL C 444 29.87 15.22 3.74
C VAL C 444 29.62 13.88 4.38
N ASP C 445 29.00 13.00 3.62
CA ASP C 445 28.75 11.66 4.06
C ASP C 445 28.14 11.64 5.45
N GLY C 446 27.17 12.51 5.70
CA GLY C 446 26.52 12.58 6.99
C GLY C 446 27.17 13.35 8.12
N ARG C 447 28.28 14.01 7.83
CA ARG C 447 28.98 14.78 8.84
C ARG C 447 29.48 16.12 8.30
N LEU C 448 29.83 17.03 9.19
CA LEU C 448 30.31 18.35 8.79
C LEU C 448 31.81 18.46 8.53
N VAL C 449 32.15 19.06 7.39
CA VAL C 449 33.53 19.29 6.94
C VAL C 449 33.67 20.77 6.70
N LEU C 450 34.71 21.39 7.23
CA LEU C 450 34.87 22.83 7.10
C LEU C 450 35.66 23.19 5.87
N LYS C 451 35.08 24.01 5.02
CA LYS C 451 35.80 24.36 3.77
C LYS C 451 36.37 25.77 3.74
N GLU C 452 35.72 26.74 4.40
CA GLU C 452 36.12 28.15 4.37
C GLU C 452 35.96 28.85 5.72
N ILE C 453 36.79 29.87 5.94
CA ILE C 453 36.68 30.80 7.08
C ILE C 453 37.15 32.21 6.64
N ALA C 454 36.63 33.27 7.30
CA ALA C 454 36.90 34.68 6.94
C ALA C 454 37.57 35.50 8.06
N GLU C 455 38.20 36.62 7.69
CA GLU C 455 38.68 37.68 8.61
C GLU C 455 39.70 37.21 9.66
N ASP C 456 40.07 38.13 10.56
CA ASP C 456 40.68 37.85 11.88
C ASP C 456 40.31 36.50 12.55
N THR C 457 39.07 36.08 12.41
CA THR C 457 38.67 34.85 13.05
C THR C 457 39.44 33.66 12.58
N THR C 458 39.78 32.83 13.53
CA THR C 458 40.55 31.64 13.26
C THR C 458 39.64 30.46 13.38
N VAL C 459 40.14 29.32 12.93
CA VAL C 459 39.42 28.07 13.00
C VAL C 459 39.23 27.75 14.45
N ASP C 460 40.12 28.26 15.29
CA ASP C 460 40.04 28.02 16.71
C ASP C 460 38.74 28.60 17.21
N GLN C 461 38.42 29.78 16.75
CA GLN C 461 37.21 30.45 17.14
C GLN C 461 36.01 29.68 16.64
N VAL C 462 36.15 29.09 15.46
CA VAL C 462 35.07 28.32 14.86
C VAL C 462 34.76 27.07 15.68
N LYS C 463 35.75 26.49 16.31
CA LYS C 463 35.53 25.31 17.12
C LYS C 463 34.58 25.49 18.31
N LYS C 464 34.59 26.63 19.01
CA LYS C 464 33.66 26.78 20.13
C LYS C 464 32.37 27.48 19.78
N LEU C 465 32.37 28.18 18.66
CA LEU C 465 31.17 28.83 18.21
C LEU C 465 30.21 27.73 17.75
N THR C 466 30.78 26.72 17.10
CA THR C 466 30.04 25.59 16.58
C THR C 466 29.71 24.55 17.60
N GLY C 467 28.60 23.86 17.37
CA GLY C 467 28.09 22.82 18.24
C GLY C 467 28.59 21.43 17.95
N VAL C 468 29.47 21.29 16.98
CA VAL C 468 30.00 19.97 16.66
C VAL C 468 31.38 19.99 16.09
N GLY C 469 32.03 18.85 16.09
CA GLY C 469 33.36 18.76 15.57
C GLY C 469 33.33 18.60 14.08
N PHE C 470 34.40 19.00 13.43
CA PHE C 470 34.46 18.83 12.00
C PHE C 470 35.72 18.19 11.48
N ASP C 471 35.58 17.18 10.64
CA ASP C 471 36.75 16.57 10.05
C ASP C 471 37.25 17.46 8.88
N ALA C 472 38.31 18.22 9.14
CA ALA C 472 38.85 19.26 8.24
C ALA C 472 40.36 19.12 7.98
N ASP C 473 40.71 18.29 7.02
CA ASP C 473 42.09 18.16 6.63
C ASP C 473 42.38 19.55 6.06
N ASN C 474 41.60 19.96 5.08
CA ASN C 474 41.79 21.24 4.42
C ASN C 474 40.84 22.38 4.79
N VAL C 475 41.29 23.60 4.53
CA VAL C 475 40.53 24.83 4.77
C VAL C 475 41.10 25.98 3.98
N ILE C 476 40.23 26.78 3.42
CA ILE C 476 40.62 27.87 2.62
C ILE C 476 40.13 29.14 3.25
N THR C 477 40.55 30.27 2.73
CA THR C 477 40.09 31.53 3.23
C THR C 477 38.85 31.90 2.45
N MET C 478 37.94 32.56 3.14
CA MET C 478 36.64 32.91 2.58
C MET C 478 36.51 34.14 1.69
N PRO C 479 36.10 33.87 0.39
CA PRO C 479 35.94 35.04 -0.46
C PRO C 479 34.53 35.56 -0.39
N LEU C 480 34.35 36.79 -0.86
CA LEU C 480 33.07 37.46 -0.85
C LEU C 480 32.77 38.11 -2.18
N ALA C 481 31.61 38.72 -2.26
CA ALA C 481 31.18 39.37 -3.48
C ALA C 481 31.17 40.90 -3.37
N PRO C 482 31.73 41.58 -4.44
CA PRO C 482 31.72 43.05 -4.35
C PRO C 482 30.37 43.67 -4.09
N GLY D 2 17.56 37.81 -21.61
CA GLY D 2 17.92 36.67 -20.69
C GLY D 2 18.57 35.48 -21.39
N LEU D 3 18.11 34.27 -21.08
CA LEU D 3 18.74 33.02 -21.58
C LEU D 3 18.49 32.73 -23.09
N ASP D 4 19.43 32.05 -23.72
CA ASP D 4 19.27 31.64 -25.10
C ASP D 4 19.55 30.14 -25.24
N LYS D 5 18.50 29.40 -25.56
CA LYS D 5 18.52 27.95 -25.64
C LYS D 5 18.22 27.51 -27.07
N VAL D 6 18.23 28.46 -28.00
CA VAL D 6 17.98 28.17 -29.40
C VAL D 6 19.14 27.40 -30.01
N MET D 7 18.84 26.41 -30.84
CA MET D 7 19.84 25.61 -31.51
C MET D 7 19.31 25.20 -32.87
N SER D 8 20.22 24.81 -33.74
CA SER D 8 19.85 24.20 -35.01
C SER D 8 19.20 22.84 -34.74
N LEU D 9 18.49 22.35 -35.73
CA LEU D 9 17.78 21.10 -35.63
C LEU D 9 18.70 19.87 -35.41
N SER D 10 19.92 19.87 -36.00
CA SER D 10 20.85 18.74 -35.89
C SER D 10 21.66 18.74 -34.58
N SER D 11 22.13 19.89 -34.14
CA SER D 11 22.73 19.98 -32.79
C SER D 11 21.78 19.49 -31.68
N ALA D 12 20.49 19.82 -31.79
CA ALA D 12 19.49 19.45 -30.76
C ALA D 12 19.34 17.94 -30.48
N VAL D 13 19.36 17.14 -31.54
CA VAL D 13 19.12 15.71 -31.43
C VAL D 13 20.38 14.87 -31.46
N GLN D 14 21.57 15.48 -31.57
CA GLN D 14 22.78 14.69 -31.89
C GLN D 14 23.22 13.74 -30.78
N ASP D 15 22.82 14.02 -29.55
CA ASP D 15 23.24 13.19 -28.39
C ASP D 15 22.17 12.14 -27.95
N ILE D 16 21.17 11.91 -28.80
CA ILE D 16 20.19 10.87 -28.51
C ILE D 16 20.83 9.59 -28.98
N LYS D 17 21.06 8.67 -28.05
CA LYS D 17 21.81 7.46 -28.33
C LYS D 17 20.88 6.27 -28.33
N ASN D 18 21.35 5.21 -29.00
CA ASN D 18 20.59 3.98 -29.18
C ASN D 18 20.00 3.54 -27.85
N GLY D 19 18.73 3.14 -27.87
CA GLY D 19 18.01 2.75 -26.66
C GLY D 19 17.41 3.89 -25.83
N ALA D 20 17.42 5.11 -26.35
CA ALA D 20 16.89 6.24 -25.58
C ALA D 20 15.38 6.10 -25.34
N THR D 21 14.93 6.54 -24.16
CA THR D 21 13.50 6.70 -23.90
C THR D 21 13.10 8.14 -24.28
N LEU D 22 12.05 8.23 -25.08
CA LEU D 22 11.52 9.50 -25.51
C LEU D 22 10.06 9.63 -25.09
N ALA D 23 9.68 10.77 -24.50
CA ALA D 23 8.27 11.18 -24.45
C ALA D 23 8.01 12.14 -25.62
N VAL D 24 6.99 11.90 -26.44
CA VAL D 24 6.73 12.76 -27.58
C VAL D 24 5.33 13.38 -27.47
N GLY D 25 5.24 14.69 -27.75
CA GLY D 25 3.97 15.41 -27.70
C GLY D 25 3.09 15.13 -28.91
N GLY D 26 1.82 15.52 -28.84
CA GLY D 26 0.91 15.42 -29.99
C GLY D 26 -0.27 14.50 -29.76
N PHE D 27 -1.41 14.82 -30.40
CA PHE D 27 -2.60 13.99 -30.38
C PHE D 27 -3.05 13.84 -31.81
N GLY D 28 -2.85 12.66 -32.36
CA GLY D 28 -2.84 12.48 -33.80
C GLY D 28 -1.61 13.25 -34.30
N THR D 29 -1.85 14.16 -35.24
CA THR D 29 -0.87 15.01 -35.84
C THR D 29 -0.88 16.41 -35.20
N GLY D 30 -1.98 16.75 -34.53
CA GLY D 30 -2.07 17.98 -33.74
C GLY D 30 -1.03 18.11 -32.64
N GLY D 31 -0.03 18.95 -32.86
CA GLY D 31 1.05 19.15 -31.88
C GLY D 31 2.09 18.03 -31.89
N MET D 32 2.18 17.31 -32.99
CA MET D 32 3.15 16.25 -33.15
C MET D 32 4.42 16.86 -33.69
N PRO D 33 5.54 16.80 -32.93
CA PRO D 33 6.77 17.41 -33.46
C PRO D 33 7.37 16.67 -34.65
N HIS D 34 6.72 16.83 -35.79
CA HIS D 34 7.06 16.13 -37.05
C HIS D 34 8.46 16.41 -37.56
N ALA D 35 8.95 17.62 -37.37
CA ALA D 35 10.24 18.00 -37.92
C ALA D 35 11.38 17.39 -37.11
N ILE D 36 11.23 17.34 -35.79
CA ILE D 36 12.26 16.72 -34.94
C ILE D 36 12.28 15.23 -35.21
N MET D 37 11.12 14.65 -35.48
CA MET D 37 11.02 13.24 -35.79
C MET D 37 11.73 12.90 -37.11
N GLN D 38 11.53 13.71 -38.16
CA GLN D 38 12.29 13.58 -39.43
C GLN D 38 13.81 13.60 -39.20
N GLU D 39 14.29 14.59 -38.46
CA GLU D 39 15.73 14.65 -38.13
C GLU D 39 16.23 13.40 -37.34
N ILE D 40 15.43 12.91 -36.39
CA ILE D 40 15.76 11.68 -35.65
C ILE D 40 15.83 10.44 -36.57
N LYS D 41 15.05 10.45 -37.66
CA LYS D 41 15.16 9.45 -38.74
C LYS D 41 16.50 9.62 -39.42
N LYS D 42 16.82 10.84 -39.80
CA LYS D 42 18.07 11.11 -40.53
C LYS D 42 19.32 10.66 -39.76
N MET D 43 19.40 10.94 -38.47
CA MET D 43 20.59 10.51 -37.76
C MET D 43 20.56 9.01 -37.36
N GLY D 44 19.43 8.31 -37.58
CA GLY D 44 19.44 6.84 -37.64
C GLY D 44 19.50 6.08 -36.32
N VAL D 45 19.26 6.76 -35.20
CA VAL D 45 19.27 6.13 -33.88
C VAL D 45 18.24 5.01 -33.79
N ARG D 46 18.58 3.98 -33.02
CA ARG D 46 17.85 2.72 -32.98
C ARG D 46 17.41 2.33 -31.58
N ASP D 47 16.58 1.27 -31.51
CA ASP D 47 16.12 0.68 -30.23
C ASP D 47 15.38 1.67 -29.30
N LEU D 48 14.77 2.69 -29.90
CA LEU D 48 14.10 3.76 -29.18
C LEU D 48 12.87 3.23 -28.44
N ILE D 49 12.61 3.86 -27.29
CA ILE D 49 11.42 3.59 -26.50
C ILE D 49 10.65 4.91 -26.42
N ILE D 50 9.49 4.95 -27.06
CA ILE D 50 8.70 6.16 -27.17
C ILE D 50 7.39 6.07 -26.35
N TYR D 51 7.20 7.04 -25.46
CA TYR D 51 5.91 7.33 -24.83
C TYR D 51 5.18 8.48 -25.54
N SER D 52 3.94 8.22 -25.93
CA SER D 52 3.11 9.21 -26.65
C SER D 52 1.64 8.79 -26.56
N ASP D 53 0.74 9.74 -26.80
CA ASP D 53 -0.72 9.49 -26.86
C ASP D 53 -1.01 8.37 -27.83
N GLY D 54 -0.49 8.55 -29.04
CA GLY D 54 -0.64 7.62 -30.12
C GLY D 54 0.69 7.33 -30.79
N ALA D 55 0.62 6.51 -31.82
CA ALA D 55 1.81 6.06 -32.56
C ALA D 55 2.08 6.85 -33.85
N GLY D 56 1.50 8.04 -34.00
CA GLY D 56 1.55 8.74 -35.29
C GLY D 56 0.63 8.08 -36.30
N VAL D 57 0.58 8.65 -37.50
CA VAL D 57 -0.02 8.00 -38.68
C VAL D 57 1.14 7.68 -39.63
N ASP D 58 0.91 6.89 -40.66
CA ASP D 58 1.96 6.59 -41.67
C ASP D 58 2.54 7.84 -42.29
N GLY D 59 3.86 7.93 -42.28
CA GLY D 59 4.58 8.96 -42.99
C GLY D 59 4.59 10.30 -42.29
N TYR D 60 4.18 10.33 -41.01
CA TYR D 60 4.14 11.57 -40.27
C TYR D 60 4.45 11.34 -38.79
N GLY D 61 4.99 12.38 -38.16
CA GLY D 61 5.51 12.33 -36.82
C GLY D 61 6.28 11.08 -36.47
N ILE D 62 5.87 10.45 -35.36
CA ILE D 62 6.49 9.22 -34.85
C ILE D 62 6.51 8.15 -35.95
N GLY D 63 5.44 8.14 -36.76
CA GLY D 63 5.25 7.19 -37.86
C GLY D 63 6.42 7.04 -38.81
N VAL D 64 7.17 8.12 -38.96
CA VAL D 64 8.37 8.16 -39.78
C VAL D 64 9.47 7.21 -39.26
N LEU D 65 9.51 6.99 -37.96
CA LEU D 65 10.56 6.19 -37.34
C LEU D 65 10.41 4.68 -37.54
N PHE D 66 9.26 4.24 -38.04
CA PHE D 66 9.03 2.83 -38.28
C PHE D 66 9.66 2.41 -39.57
N GLU D 67 9.83 3.36 -40.49
CA GLU D 67 10.29 3.06 -41.87
C GLU D 67 11.59 2.26 -41.90
N ASN D 68 12.56 2.64 -41.07
CA ASN D 68 13.83 1.93 -40.88
C ASN D 68 13.89 1.13 -39.59
N LYS D 69 12.75 0.90 -38.97
CA LYS D 69 12.67 0.11 -37.73
C LYS D 69 13.54 0.67 -36.59
N GLN D 70 13.42 1.97 -36.36
CA GLN D 70 14.14 2.63 -35.27
C GLN D 70 13.50 2.49 -33.90
N ILE D 71 12.29 1.92 -33.82
CA ILE D 71 11.53 1.86 -32.56
C ILE D 71 11.57 0.43 -32.06
N ASN D 72 11.90 0.28 -30.78
CA ASN D 72 11.79 -1.00 -30.10
C ASN D 72 10.46 -1.13 -29.35
N LYS D 73 10.05 -0.08 -28.61
CA LYS D 73 8.85 -0.15 -27.79
C LYS D 73 8.05 1.14 -27.93
N MET D 74 6.74 0.96 -28.14
CA MET D 74 5.75 2.03 -28.00
C MET D 74 4.93 1.80 -26.72
N ILE D 75 4.87 2.84 -25.89
CA ILE D 75 3.91 2.91 -24.78
C ILE D 75 2.88 3.97 -25.15
N VAL D 76 1.66 3.53 -25.35
CA VAL D 76 0.70 4.30 -26.09
C VAL D 76 -0.74 4.14 -25.55
N SER D 77 -1.62 5.09 -25.86
CA SER D 77 -3.06 4.90 -25.58
C SER D 77 -3.87 4.43 -26.77
N TYR D 78 -3.38 4.70 -27.98
CA TYR D 78 -4.11 4.47 -29.22
C TYR D 78 -3.17 4.11 -30.39
N VAL D 79 -3.57 3.20 -31.26
CA VAL D 79 -2.84 2.98 -32.52
C VAL D 79 -3.62 3.60 -33.69
N GLY D 80 -4.75 3.02 -34.04
CA GLY D 80 -5.65 3.64 -35.00
C GLY D 80 -5.21 3.48 -36.44
N ASN D 81 -4.74 4.59 -37.03
CA ASN D 81 -4.58 4.70 -38.48
C ASN D 81 -3.28 4.09 -39.03
N ASN D 82 -2.34 3.74 -38.15
CA ASN D 82 -0.95 3.45 -38.50
C ASN D 82 -0.69 2.01 -38.98
N LYS D 83 -0.61 1.82 -40.30
CA LYS D 83 -0.54 0.49 -40.91
C LYS D 83 0.83 -0.18 -40.74
N ILE D 84 1.89 0.55 -41.04
CA ILE D 84 3.27 0.08 -40.79
C ILE D 84 3.47 -0.40 -39.34
N PHE D 85 2.95 0.35 -38.38
CA PHE D 85 3.04 -0.06 -36.98
C PHE D 85 2.32 -1.38 -36.75
N ALA D 86 1.13 -1.50 -37.32
CA ALA D 86 0.32 -2.69 -37.12
C ALA D 86 1.07 -3.92 -37.66
N ARG D 87 1.57 -3.82 -38.89
CA ARG D 87 2.34 -4.92 -39.47
C ARG D 87 3.52 -5.27 -38.56
N GLN D 88 4.29 -4.26 -38.17
CA GLN D 88 5.45 -4.46 -37.31
C GLN D 88 5.12 -5.15 -35.99
N TYR D 89 4.05 -4.70 -35.34
CA TYR D 89 3.56 -5.32 -34.10
C TYR D 89 3.26 -6.79 -34.30
N LEU D 90 2.49 -7.09 -35.34
CA LEU D 90 2.08 -8.45 -35.68
C LEU D 90 3.19 -9.36 -36.16
N GLU D 91 4.26 -8.80 -36.70
CA GLU D 91 5.44 -9.59 -37.10
C GLU D 91 6.51 -9.75 -36.03
N GLY D 92 6.33 -9.14 -34.85
CA GLY D 92 7.33 -9.19 -33.76
C GLY D 92 8.47 -8.16 -33.80
N ASP D 93 8.35 -7.14 -34.66
CA ASP D 93 9.40 -6.14 -34.83
C ASP D 93 9.39 -5.10 -33.76
N VAL D 94 8.27 -4.95 -33.06
CA VAL D 94 8.08 -3.88 -32.09
C VAL D 94 7.20 -4.34 -30.94
N GLU D 95 7.53 -3.85 -29.74
CA GLU D 95 6.72 -4.09 -28.55
C GLU D 95 5.72 -2.94 -28.36
N LEU D 96 4.50 -3.31 -27.99
CA LEU D 96 3.38 -2.39 -27.86
C LEU D 96 2.71 -2.56 -26.50
N GLU D 97 2.80 -1.53 -25.68
CA GLU D 97 2.28 -1.59 -24.34
C GLU D 97 1.22 -0.51 -24.29
N PHE D 98 -0.04 -0.89 -24.10
CA PHE D 98 -1.10 0.08 -23.92
C PHE D 98 -1.13 0.70 -22.52
N CYS D 99 -1.47 1.98 -22.47
CA CYS D 99 -1.75 2.67 -21.24
C CYS D 99 -2.96 3.55 -21.41
N PRO D 100 -3.85 3.61 -20.41
CA PRO D 100 -4.98 4.52 -20.51
C PRO D 100 -4.54 5.97 -20.67
N GLN D 101 -5.15 6.72 -21.58
CA GLN D 101 -4.65 8.05 -21.94
C GLN D 101 -4.50 9.04 -20.76
N GLY D 102 -5.47 9.01 -19.86
CA GLY D 102 -5.45 9.89 -18.69
C GLY D 102 -4.38 9.48 -17.70
N SER D 103 -4.19 8.17 -17.55
CA SER D 103 -3.10 7.67 -16.75
C SER D 103 -1.74 7.98 -17.39
N LEU D 104 -1.65 7.91 -18.71
CA LEU D 104 -0.40 8.28 -19.39
C LEU D 104 0.00 9.74 -19.17
N ALA D 105 -0.98 10.65 -19.24
CA ALA D 105 -0.66 12.07 -19.14
C ALA D 105 -0.29 12.42 -17.71
N GLU D 106 -0.98 11.78 -16.77
CA GLU D 106 -0.75 12.10 -15.38
C GLU D 106 0.56 11.47 -14.90
N ARG D 107 0.95 10.35 -15.49
CA ARG D 107 2.25 9.69 -15.13
C ARG D 107 3.45 10.50 -15.61
N MET D 108 3.35 11.06 -16.81
CA MET D 108 4.34 12.02 -17.29
C MET D 108 4.40 13.23 -16.34
N ARG D 109 3.23 13.75 -15.96
CA ARG D 109 3.18 14.88 -15.04
C ARG D 109 3.83 14.54 -13.71
N ALA D 110 3.41 13.42 -13.13
CA ALA D 110 3.98 12.90 -11.87
C ALA D 110 5.53 12.76 -11.94
N GLY D 111 6.03 12.26 -13.08
CA GLY D 111 7.45 12.22 -13.39
C GLY D 111 8.16 13.54 -13.31
N GLY D 112 7.54 14.58 -13.87
CA GLY D 112 8.11 15.93 -13.78
C GLY D 112 7.91 16.59 -12.44
N ALA D 113 6.92 16.13 -11.68
CA ALA D 113 6.51 16.75 -10.42
C ALA D 113 7.04 16.08 -9.12
N GLY D 114 7.89 15.07 -9.25
CA GLY D 114 8.54 14.40 -8.10
C GLY D 114 7.55 13.50 -7.37
N ILE D 115 6.52 13.05 -8.09
CA ILE D 115 5.49 12.20 -7.52
C ILE D 115 5.69 10.79 -8.07
N PRO D 116 6.21 9.85 -7.23
CA PRO D 116 6.58 8.55 -7.74
C PRO D 116 5.43 7.69 -8.19
N ALA D 117 4.29 7.86 -7.54
CA ALA D 117 3.09 7.12 -7.89
C ALA D 117 1.90 7.84 -7.34
N PHE D 118 0.75 7.48 -7.89
CA PHE D 118 -0.54 8.03 -7.49
C PHE D 118 -1.59 7.01 -7.82
N TYR D 119 -2.83 7.31 -7.42
CA TYR D 119 -3.95 6.37 -7.63
C TYR D 119 -5.03 6.91 -8.56
N THR D 120 -5.67 6.00 -9.28
CA THR D 120 -6.75 6.29 -10.20
C THR D 120 -7.73 5.09 -10.28
N PRO D 121 -9.04 5.35 -10.43
CA PRO D 121 -9.99 4.28 -10.70
C PRO D 121 -9.97 3.75 -12.13
N THR D 122 -9.25 4.42 -13.01
CA THR D 122 -9.12 4.01 -14.40
C THR D 122 -8.38 2.69 -14.55
N ALA D 123 -8.92 1.84 -15.43
CA ALA D 123 -8.38 0.53 -15.78
C ALA D 123 -8.61 -0.56 -14.71
N VAL D 124 -9.21 -0.19 -13.58
CA VAL D 124 -9.54 -1.14 -12.54
C VAL D 124 -10.44 -2.25 -13.12
N GLY D 125 -10.04 -3.51 -12.87
CA GLY D 125 -10.79 -4.71 -13.25
C GLY D 125 -10.72 -5.07 -14.72
N THR D 126 -9.82 -4.44 -15.46
CA THR D 126 -9.68 -4.61 -16.88
C THR D 126 -8.38 -5.34 -17.09
N VAL D 127 -8.20 -5.78 -18.33
CA VAL D 127 -7.03 -6.51 -18.78
C VAL D 127 -5.74 -5.66 -18.64
N LEU D 128 -5.87 -4.33 -18.60
CA LEU D 128 -4.74 -3.45 -18.37
C LEU D 128 -4.38 -3.42 -16.89
N GLN D 129 -5.33 -3.77 -16.01
CA GLN D 129 -4.97 -3.99 -14.60
C GLN D 129 -4.39 -5.39 -14.35
N THR D 130 -5.06 -6.43 -14.83
CA THR D 130 -4.67 -7.83 -14.51
C THR D 130 -3.46 -8.39 -15.28
N GLY D 131 -2.95 -7.68 -16.30
CA GLY D 131 -1.91 -8.22 -17.18
C GLY D 131 -2.47 -9.13 -18.28
N GLY D 132 -1.62 -9.56 -19.20
CA GLY D 132 -2.04 -10.42 -20.30
C GLY D 132 -2.59 -9.82 -21.61
N GLN D 133 -2.51 -8.50 -21.82
CA GLN D 133 -2.56 -7.99 -23.20
C GLN D 133 -1.23 -8.36 -23.88
N ILE D 134 -1.32 -8.72 -25.16
CA ILE D 134 -0.19 -9.20 -25.92
C ILE D 134 0.67 -7.98 -26.21
N THR D 135 1.87 -7.89 -25.63
CA THR D 135 2.72 -6.76 -25.90
C THR D 135 3.77 -7.01 -26.97
N LYS D 136 4.27 -8.24 -27.05
CA LYS D 136 5.10 -8.62 -28.15
C LYS D 136 4.68 -9.97 -28.72
N TYR D 137 4.64 -10.03 -30.05
CA TYR D 137 4.55 -11.28 -30.77
C TYR D 137 5.99 -11.71 -31.04
N ASP D 138 6.14 -13.01 -31.29
CA ASP D 138 7.39 -13.59 -31.79
C ASP D 138 7.44 -13.37 -33.31
N LYS D 139 8.40 -14.00 -33.99
CA LYS D 139 8.52 -13.88 -35.44
C LYS D 139 7.58 -14.79 -36.26
N ASN D 140 6.79 -15.63 -35.58
CA ASN D 140 5.75 -16.48 -36.23
C ASN D 140 4.37 -16.47 -35.54
N GLY D 141 3.90 -15.29 -35.15
CA GLY D 141 2.54 -15.08 -34.65
C GLY D 141 2.11 -15.81 -33.39
N GLY D 142 3.06 -16.10 -32.51
CA GLY D 142 2.80 -16.55 -31.15
C GLY D 142 3.18 -15.50 -30.09
N VAL D 143 2.54 -15.59 -28.93
CA VAL D 143 2.73 -14.62 -27.86
C VAL D 143 4.12 -14.72 -27.23
N LEU D 144 4.94 -13.68 -27.39
CA LEU D 144 6.27 -13.59 -26.74
C LEU D 144 6.27 -12.89 -25.36
N LYS D 145 5.52 -11.80 -25.24
CA LYS D 145 5.44 -11.01 -24.00
C LYS D 145 4.01 -10.58 -23.73
N GLU D 146 3.69 -10.46 -22.45
CA GLU D 146 2.38 -9.96 -22.02
C GLU D 146 2.56 -8.76 -21.10
N SER D 147 1.49 -7.99 -20.89
CA SER D 147 1.59 -6.76 -20.09
C SER D 147 1.79 -7.10 -18.64
N THR D 148 2.60 -6.29 -17.97
CA THR D 148 2.79 -6.35 -16.54
C THR D 148 1.47 -5.91 -15.91
N PRO D 149 1.03 -6.56 -14.83
CA PRO D 149 -0.15 -6.04 -14.13
C PRO D 149 0.10 -4.74 -13.33
N ARG D 150 -1.02 -4.23 -12.81
CA ARG D 150 -1.06 -3.09 -11.90
C ARG D 150 -1.41 -3.52 -10.47
N GLU D 151 -0.72 -2.92 -9.50
CA GLU D 151 -1.17 -2.94 -8.11
C GLU D 151 -2.44 -2.13 -8.02
N THR D 152 -3.21 -2.42 -6.99
CA THR D 152 -4.46 -1.75 -6.68
C THR D 152 -4.51 -1.53 -5.17
N ARG D 153 -5.38 -0.63 -4.73
CA ARG D 153 -5.62 -0.37 -3.31
C ARG D 153 -7.00 0.23 -3.17
N PHE D 154 -7.70 -0.16 -2.08
CA PHE D 154 -8.96 0.46 -1.68
C PHE D 154 -8.80 1.77 -0.91
N PHE D 155 -9.50 2.81 -1.39
CA PHE D 155 -9.80 4.04 -0.64
C PHE D 155 -11.29 4.27 -0.55
N GLY D 156 -11.79 4.44 0.67
CA GLY D 156 -13.19 4.70 0.94
C GLY D 156 -14.13 3.64 0.37
N GLY D 157 -13.71 2.38 0.34
CA GLY D 157 -14.54 1.29 -0.21
C GLY D 157 -14.49 1.07 -1.71
N ARG D 158 -13.87 1.99 -2.46
CA ARG D 158 -13.68 1.80 -3.90
C ARG D 158 -12.23 1.41 -4.18
N LEU D 159 -12.07 0.62 -5.25
CA LEU D 159 -10.79 0.13 -5.73
C LEU D 159 -10.16 1.08 -6.73
N TYR D 160 -8.85 1.21 -6.67
CA TYR D 160 -8.06 2.15 -7.49
C TYR D 160 -6.80 1.45 -7.95
N CYS D 161 -6.30 1.78 -9.15
CA CYS D 161 -4.97 1.30 -9.61
C CYS D 161 -3.90 2.28 -9.20
N LEU D 162 -2.72 1.73 -8.89
CA LEU D 162 -1.51 2.52 -8.76
C LEU D 162 -0.83 2.71 -10.11
N GLU D 163 -0.30 3.91 -10.30
CA GLU D 163 0.37 4.28 -11.54
C GLU D 163 1.66 4.93 -11.17
N ASN D 164 2.71 4.59 -11.93
CA ASN D 164 4.06 4.99 -11.64
C ASN D 164 4.47 6.15 -12.53
N ALA D 165 5.19 7.11 -11.95
CA ALA D 165 5.83 8.22 -12.69
C ALA D 165 6.54 7.71 -13.92
N ILE D 166 6.42 8.47 -15.00
CA ILE D 166 7.22 8.25 -16.20
C ILE D 166 8.27 9.34 -16.27
N LYS D 167 9.54 8.96 -16.35
CA LYS D 167 10.66 9.89 -16.58
C LYS D 167 11.41 9.37 -17.78
N THR D 168 11.66 10.21 -18.77
CA THR D 168 12.37 9.78 -19.98
C THR D 168 13.71 10.50 -20.08
N ASP D 169 14.60 9.98 -20.91
CA ASP D 169 15.86 10.66 -21.24
C ASP D 169 15.60 11.96 -21.99
N PHE D 170 14.70 11.92 -22.97
CA PHE D 170 14.34 13.09 -23.74
C PHE D 170 12.83 13.31 -23.86
N SER D 171 12.45 14.57 -23.95
CA SER D 171 11.10 14.92 -24.33
C SER D 171 11.11 15.80 -25.56
N ILE D 172 10.24 15.50 -26.49
CA ILE D 172 10.14 16.23 -27.72
C ILE D 172 8.76 16.86 -27.77
N VAL D 173 8.69 18.19 -27.82
CA VAL D 173 7.43 18.89 -27.90
C VAL D 173 7.44 19.82 -29.08
N LYS D 174 6.24 20.19 -29.51
CA LYS D 174 6.01 21.21 -30.50
C LYS D 174 5.09 22.27 -29.92
N ALA D 175 5.42 23.54 -30.21
CA ALA D 175 4.63 24.68 -29.82
C ALA D 175 4.34 25.62 -31.01
N TRP D 176 3.25 26.36 -30.92
CA TRP D 176 2.98 27.46 -31.85
C TRP D 176 4.03 28.53 -31.68
N LYS D 177 4.35 28.87 -30.44
CA LYS D 177 5.23 29.98 -30.20
C LYS D 177 6.16 29.66 -29.02
N GLY D 178 7.41 30.07 -29.15
CA GLY D 178 8.35 29.99 -28.04
C GLY D 178 9.27 31.20 -28.07
N ASP D 179 9.83 31.52 -26.92
CA ASP D 179 10.93 32.45 -26.81
C ASP D 179 12.27 31.74 -26.53
N ARG D 180 13.35 32.51 -26.46
CA ARG D 180 14.69 31.95 -26.47
C ARG D 180 15.07 31.30 -25.12
N CYS D 181 14.43 31.74 -24.04
CA CYS D 181 14.57 31.11 -22.73
C CYS D 181 13.61 29.93 -22.50
N GLY D 182 12.80 29.58 -23.51
CA GLY D 182 12.04 28.31 -23.57
C GLY D 182 10.54 28.33 -23.27
N ASN D 183 9.99 29.47 -22.82
CA ASN D 183 8.53 29.60 -22.55
C ASN D 183 7.77 29.26 -23.80
N LEU D 184 6.82 28.34 -23.72
CA LEU D 184 6.01 27.92 -24.87
C LEU D 184 4.54 28.32 -24.75
N VAL D 185 3.96 28.69 -25.90
CA VAL D 185 2.56 28.95 -26.03
C VAL D 185 2.07 28.06 -27.20
N PHE D 186 1.05 27.26 -26.91
CA PHE D 186 0.44 26.36 -27.85
C PHE D 186 -0.86 26.95 -28.39
N ARG D 187 -1.28 26.46 -29.55
CA ARG D 187 -2.50 26.89 -30.21
C ARG D 187 -3.48 25.74 -30.28
N GLY D 188 -4.72 25.97 -29.83
CA GLY D 188 -5.80 25.01 -30.01
C GLY D 188 -5.67 23.73 -29.23
N THR D 189 -6.20 22.64 -29.77
CA THR D 189 -6.09 21.31 -29.19
C THR D 189 -4.76 20.65 -29.52
N ALA D 190 -3.87 21.37 -30.22
CA ALA D 190 -2.48 20.97 -30.36
C ALA D 190 -1.63 21.19 -29.08
N ARG D 191 -2.19 21.75 -28.00
CA ARG D 191 -1.54 21.65 -26.68
C ARG D 191 -1.47 20.16 -26.24
N ASN D 192 -2.60 19.60 -25.82
CA ASN D 192 -2.72 18.18 -25.40
C ASN D 192 -1.56 17.64 -24.51
N PHE D 193 -0.82 16.63 -24.98
CA PHE D 193 0.21 16.01 -24.17
C PHE D 193 1.48 16.83 -24.08
N ASN D 194 1.60 17.92 -24.84
CA ASN D 194 2.86 18.66 -24.87
C ASN D 194 3.25 19.26 -23.52
N VAL D 195 2.27 19.59 -22.67
CA VAL D 195 2.60 20.13 -21.36
C VAL D 195 3.24 19.05 -20.48
N PRO D 196 2.53 17.94 -20.16
CA PRO D 196 3.19 16.91 -19.33
C PRO D 196 4.48 16.32 -19.94
N VAL D 197 4.50 16.10 -21.26
CA VAL D 197 5.69 15.62 -21.95
C VAL D 197 6.85 16.58 -21.72
N GLY D 198 6.60 17.86 -21.87
CA GLY D 198 7.58 18.88 -21.50
C GLY D 198 8.16 18.84 -20.08
N GLN D 199 7.47 18.19 -19.17
CA GLN D 199 7.85 18.17 -17.76
C GLN D 199 8.64 16.96 -17.34
N CYS D 200 8.52 15.87 -18.10
CA CYS D 200 9.00 14.57 -17.65
C CYS D 200 10.36 14.11 -18.19
N GLY D 201 10.92 14.84 -19.15
CA GLY D 201 12.21 14.50 -19.79
C GLY D 201 13.42 15.11 -19.12
N GLN D 202 14.54 14.38 -19.14
CA GLN D 202 15.80 14.91 -18.62
C GLN D 202 16.25 16.03 -19.54
N THR D 203 16.15 15.80 -20.84
CA THR D 203 16.46 16.81 -21.82
C THR D 203 15.18 17.07 -22.63
N VAL D 204 14.65 18.29 -22.56
CA VAL D 204 13.44 18.62 -23.33
C VAL D 204 13.74 19.55 -24.54
N ILE D 205 13.25 19.14 -25.71
CA ILE D 205 13.51 19.79 -26.99
C ILE D 205 12.18 20.26 -27.55
N ALA D 206 12.08 21.57 -27.80
CA ALA D 206 10.85 22.18 -28.25
C ALA D 206 11.02 22.69 -29.67
N GLU D 207 10.20 22.20 -30.61
CA GLU D 207 10.12 22.80 -31.93
C GLU D 207 9.03 23.85 -31.91
N VAL D 208 9.33 25.03 -32.43
CA VAL D 208 8.39 26.14 -32.43
C VAL D 208 8.10 26.57 -33.86
N GLU D 209 6.83 26.72 -34.19
CA GLU D 209 6.39 27.38 -35.43
C GLU D 209 6.81 28.87 -35.47
N ASN D 210 6.89 29.52 -34.32
CA ASN D 210 7.24 30.94 -34.24
C ASN D 210 8.18 31.20 -33.09
N LEU D 211 9.34 31.75 -33.42
CA LEU D 211 10.28 32.17 -32.42
C LEU D 211 10.13 33.69 -32.21
N VAL D 212 10.19 34.08 -30.93
CA VAL D 212 10.15 35.46 -30.54
C VAL D 212 11.20 35.70 -29.45
N GLU D 213 11.45 36.97 -29.14
CA GLU D 213 12.44 37.33 -28.12
C GLU D 213 11.85 37.24 -26.74
N ASN D 214 12.74 37.05 -25.76
CA ASN D 214 12.40 37.13 -24.33
C ASN D 214 11.85 38.51 -24.00
N GLY D 215 10.65 38.54 -23.44
CA GLY D 215 9.86 39.77 -23.31
C GLY D 215 8.69 39.86 -24.27
N ASP D 216 8.74 39.22 -25.43
CA ASP D 216 7.62 39.24 -26.41
C ASP D 216 6.38 38.41 -25.98
N ILE D 217 6.52 37.49 -25.02
CA ILE D 217 5.36 36.73 -24.55
C ILE D 217 4.91 37.28 -23.21
N ASP D 218 3.60 37.52 -23.11
CA ASP D 218 3.03 38.04 -21.87
C ASP D 218 3.22 36.95 -20.78
N PRO D 219 3.95 37.28 -19.71
CA PRO D 219 4.11 36.29 -18.66
C PRO D 219 2.81 35.54 -18.30
N ASP D 220 1.67 36.23 -18.36
CA ASP D 220 0.37 35.69 -18.00
C ASP D 220 -0.21 34.65 -18.97
N GLU D 221 0.33 34.58 -20.20
CA GLU D 221 -0.17 33.74 -21.29
C GLU D 221 0.80 32.59 -21.57
N VAL D 222 1.71 32.29 -20.66
CA VAL D 222 2.65 31.19 -20.90
C VAL D 222 2.00 29.88 -20.51
N HIS D 223 2.15 28.87 -21.36
CA HIS D 223 1.57 27.55 -21.14
C HIS D 223 2.54 26.51 -20.59
N LEU D 224 3.81 26.60 -20.95
CA LEU D 224 4.85 25.78 -20.38
C LEU D 224 5.93 26.75 -19.97
N PRO D 225 6.22 26.83 -18.67
CA PRO D 225 7.30 27.73 -18.29
C PRO D 225 8.64 27.30 -18.86
N GLY D 226 9.47 28.24 -19.28
CA GLY D 226 10.76 27.94 -19.93
C GLY D 226 11.79 27.21 -19.08
N VAL D 227 11.60 27.15 -17.77
CA VAL D 227 12.42 26.25 -16.92
C VAL D 227 12.39 24.79 -17.35
N TYR D 228 11.30 24.37 -17.97
CA TYR D 228 11.15 22.99 -18.41
C TYR D 228 11.88 22.70 -19.69
N VAL D 229 12.14 23.70 -20.51
CA VAL D 229 12.67 23.52 -21.85
C VAL D 229 14.16 23.74 -21.85
N ASP D 230 14.88 22.76 -22.40
CA ASP D 230 16.36 22.80 -22.52
C ASP D 230 16.86 23.36 -23.84
N ARG D 231 16.24 22.95 -24.93
CA ARG D 231 16.68 23.20 -26.29
C ARG D 231 15.50 23.64 -27.15
N VAL D 232 15.62 24.77 -27.85
CA VAL D 232 14.55 25.20 -28.73
C VAL D 232 15.07 25.31 -30.15
N VAL D 233 14.26 24.78 -31.04
CA VAL D 233 14.64 24.52 -32.40
C VAL D 233 13.56 25.22 -33.21
N VAL D 234 13.92 25.78 -34.34
CA VAL D 234 12.92 26.53 -35.12
C VAL D 234 13.05 26.08 -36.58
N PRO D 235 12.38 24.98 -36.95
CA PRO D 235 12.54 24.39 -38.28
C PRO D 235 11.83 25.18 -39.37
N GLU D 236 12.19 24.89 -40.60
CA GLU D 236 11.54 25.49 -41.77
C GLU D 236 10.04 25.26 -41.61
N ARG D 237 9.24 26.31 -41.71
CA ARG D 237 7.76 26.21 -41.61
C ARG D 237 7.16 25.16 -42.55
N TYR D 238 6.12 24.50 -42.04
CA TYR D 238 5.50 23.38 -42.70
C TYR D 238 4.01 23.31 -42.30
N GLN D 239 3.21 22.69 -43.15
CA GLN D 239 1.79 22.42 -42.84
C GLN D 239 1.65 21.18 -41.95
N THR D 240 1.01 21.35 -40.79
CA THR D 240 0.64 20.23 -39.95
C THR D 240 -0.40 19.44 -40.73
N LEU D 241 -0.20 18.12 -40.81
CA LEU D 241 -1.04 17.21 -41.61
C LEU D 241 -2.44 17.16 -41.01
N ILE D 242 -3.46 17.34 -41.84
CA ILE D 242 -4.82 17.10 -41.41
C ILE D 242 -5.15 15.63 -41.70
N GLU D 243 -5.54 14.89 -40.66
CA GLU D 243 -5.93 13.48 -40.83
C GLU D 243 -7.31 13.40 -41.53
N HIS D 244 -8.30 14.12 -40.98
CA HIS D 244 -9.65 14.18 -41.51
C HIS D 244 -10.10 15.63 -41.63
N ARG D 245 -10.10 16.09 -42.87
CA ARG D 245 -10.58 17.40 -43.20
C ARG D 245 -12.11 17.35 -43.24
N THR D 246 -12.74 17.54 -42.10
CA THR D 246 -14.19 17.52 -41.97
C THR D 246 -14.81 18.93 -41.88
N VAL D 247 -15.72 19.19 -42.79
CA VAL D 247 -16.34 20.47 -42.93
C VAL D 247 -17.84 20.46 -42.96
N THR D 248 -18.42 21.62 -42.75
CA THR D 248 -19.84 21.77 -42.81
C THR D 248 -20.09 22.61 -44.03
N ARG D 249 -21.21 22.38 -44.66
CA ARG D 249 -21.58 23.12 -45.84
C ARG D 249 -22.68 24.12 -45.58
N ALA D 260 -31.71 10.76 -42.91
CA ALA D 260 -30.80 9.62 -42.95
C ALA D 260 -31.24 8.68 -44.06
N SER D 261 -30.31 8.33 -44.96
CA SER D 261 -30.69 7.72 -46.23
C SER D 261 -30.69 6.17 -46.32
N THR D 262 -30.49 5.49 -45.21
CA THR D 262 -30.34 4.02 -45.17
C THR D 262 -31.06 3.46 -43.94
N ARG D 263 -31.50 2.21 -44.03
CA ARG D 263 -32.08 1.47 -42.93
C ARG D 263 -31.17 1.44 -41.66
N GLY D 264 -29.93 0.99 -41.78
CA GLY D 264 -28.96 1.01 -40.66
C GLY D 264 -28.63 2.40 -40.07
N GLU D 265 -28.62 3.39 -40.95
CA GLU D 265 -28.35 4.78 -40.61
C GLU D 265 -29.56 5.40 -39.91
N GLU D 266 -30.74 4.88 -40.20
CA GLU D 266 -31.96 5.29 -39.51
C GLU D 266 -32.03 4.67 -38.10
N VAL D 267 -31.51 3.46 -37.89
CA VAL D 267 -31.42 2.93 -36.51
C VAL D 267 -30.41 3.76 -35.69
N ARG D 268 -29.32 4.19 -36.29
CA ARG D 268 -28.41 5.08 -35.58
C ARG D 268 -29.04 6.48 -35.33
N GLN D 269 -29.86 6.96 -36.26
CA GLN D 269 -30.56 8.23 -36.10
C GLN D 269 -31.64 8.16 -35.01
N ARG D 270 -32.41 7.08 -34.99
CA ARG D 270 -33.40 6.81 -33.91
C ARG D 270 -32.74 6.80 -32.50
N ILE D 271 -31.59 6.13 -32.35
CA ILE D 271 -30.92 6.06 -31.06
C ILE D 271 -30.44 7.44 -30.66
N ALA D 272 -29.79 8.15 -31.58
CA ALA D 272 -29.40 9.56 -31.41
C ALA D 272 -30.56 10.46 -31.01
N ARG D 273 -31.68 10.31 -31.70
CA ARG D 273 -32.84 11.14 -31.40
C ARG D 273 -33.35 10.86 -29.98
N ARG D 274 -33.26 9.61 -29.52
CA ARG D 274 -33.52 9.31 -28.08
C ARG D 274 -32.40 9.79 -27.13
N ALA D 275 -31.15 9.60 -27.51
CA ALA D 275 -30.04 10.02 -26.64
C ALA D 275 -30.07 11.54 -26.40
N ALA D 276 -30.62 12.27 -27.36
CA ALA D 276 -30.71 13.72 -27.26
C ALA D 276 -31.62 14.23 -26.18
N LEU D 277 -32.49 13.39 -25.63
CA LEU D 277 -33.34 13.82 -24.53
C LEU D 277 -32.67 13.60 -23.18
N GLU D 278 -31.44 13.09 -23.16
CA GLU D 278 -30.65 12.97 -21.92
C GLU D 278 -30.00 14.29 -21.57
N PHE D 279 -29.89 15.20 -22.53
CA PHE D 279 -29.29 16.49 -22.26
C PHE D 279 -30.28 17.36 -21.49
N ALA D 280 -29.79 18.03 -20.45
CA ALA D 280 -30.52 19.10 -19.78
C ALA D 280 -29.63 20.30 -19.73
N ASN D 281 -30.27 21.44 -19.54
CA ASN D 281 -29.60 22.75 -19.53
C ASN D 281 -28.50 22.84 -18.46
N GLY D 282 -27.34 23.38 -18.85
CA GLY D 282 -26.19 23.53 -17.93
C GLY D 282 -25.23 22.34 -17.82
N MET D 283 -25.44 21.31 -18.63
CA MET D 283 -24.60 20.13 -18.61
C MET D 283 -23.30 20.39 -19.38
N TYR D 284 -22.19 19.92 -18.80
CA TYR D 284 -20.95 19.72 -19.54
C TYR D 284 -20.88 18.24 -19.93
N VAL D 285 -20.76 17.95 -21.23
CA VAL D 285 -20.85 16.57 -21.73
C VAL D 285 -19.60 16.10 -22.52
N ASN D 286 -19.31 14.81 -22.41
CA ASN D 286 -18.37 14.12 -23.32
C ASN D 286 -19.15 13.15 -24.17
N LEU D 287 -19.06 13.33 -25.48
CA LEU D 287 -19.71 12.45 -26.46
C LEU D 287 -18.67 11.65 -27.20
N GLY D 288 -18.79 10.33 -27.21
CA GLY D 288 -17.98 9.49 -28.09
C GLY D 288 -18.34 9.80 -29.54
N ILE D 289 -17.43 9.45 -30.43
CA ILE D 289 -17.68 9.60 -31.86
C ILE D 289 -18.72 8.51 -32.24
N GLY D 290 -19.56 8.85 -33.22
CA GLY D 290 -20.70 8.03 -33.66
C GLY D 290 -22.05 8.52 -33.14
N ILE D 291 -22.86 7.58 -32.64
CA ILE D 291 -24.19 7.90 -32.14
C ILE D 291 -24.17 9.00 -31.07
N PRO D 292 -23.35 8.85 -30.01
CA PRO D 292 -23.35 9.92 -28.99
C PRO D 292 -23.09 11.30 -29.59
N THR D 293 -22.06 11.39 -30.44
CA THR D 293 -21.80 12.64 -31.15
C THR D 293 -22.98 13.05 -32.06
N GLU D 294 -23.57 12.11 -32.82
CA GLU D 294 -24.74 12.44 -33.67
C GLU D 294 -25.95 12.99 -32.88
N SER D 295 -26.16 12.50 -31.66
CA SER D 295 -27.29 12.99 -30.84
C SER D 295 -27.18 14.48 -30.52
N SER D 296 -25.97 15.04 -30.57
CA SER D 296 -25.82 16.48 -30.36
C SER D 296 -26.59 17.32 -31.39
N ASN D 297 -26.88 16.76 -32.55
CA ASN D 297 -27.63 17.45 -33.58
C ASN D 297 -29.13 17.50 -33.38
N TYR D 298 -29.67 16.86 -32.34
CA TYR D 298 -31.12 16.94 -32.05
C TYR D 298 -31.45 17.52 -30.68
N ILE D 299 -30.52 18.26 -30.09
CA ILE D 299 -30.77 18.93 -28.82
C ILE D 299 -31.87 19.96 -29.06
N PRO D 300 -32.95 19.92 -28.27
CA PRO D 300 -34.00 20.96 -28.40
C PRO D 300 -33.52 22.41 -28.17
N ALA D 301 -34.32 23.36 -28.65
CA ALA D 301 -33.92 24.78 -28.73
C ALA D 301 -33.58 25.47 -27.39
N GLY D 302 -34.31 25.14 -26.33
CA GLY D 302 -34.01 25.71 -25.01
C GLY D 302 -32.82 25.09 -24.28
N VAL D 303 -32.34 23.91 -24.69
CA VAL D 303 -31.35 23.15 -23.92
C VAL D 303 -29.95 23.55 -24.38
N ASN D 304 -29.14 24.06 -23.45
CA ASN D 304 -27.76 24.48 -23.70
C ASN D 304 -26.78 23.56 -22.97
N VAL D 305 -25.91 22.93 -23.73
CA VAL D 305 -24.88 22.05 -23.20
C VAL D 305 -23.57 22.49 -23.77
N VAL D 306 -22.49 22.06 -23.14
CA VAL D 306 -21.14 22.38 -23.57
C VAL D 306 -20.42 21.07 -23.77
N LEU D 307 -19.78 20.93 -24.92
CA LEU D 307 -19.08 19.68 -25.22
C LEU D 307 -17.62 19.80 -24.89
N GLN D 308 -17.10 18.72 -24.32
CA GLN D 308 -15.71 18.61 -23.92
C GLN D 308 -15.08 17.63 -24.86
N SER D 309 -13.90 17.98 -25.33
CA SER D 309 -13.09 17.08 -26.11
C SER D 309 -11.88 16.69 -25.27
N GLU D 310 -11.56 15.40 -25.20
CA GLU D 310 -10.52 14.91 -24.28
C GLU D 310 -9.12 15.39 -24.63
N ASN D 311 -8.93 15.77 -25.90
CA ASN D 311 -7.68 16.39 -26.33
C ASN D 311 -7.52 17.83 -25.88
N GLY D 312 -8.55 18.36 -25.22
CA GLY D 312 -8.40 19.50 -24.34
C GLY D 312 -9.16 20.74 -24.73
N LEU D 313 -10.48 20.58 -24.87
CA LEU D 313 -11.34 21.70 -25.21
C LEU D 313 -12.63 21.51 -24.48
N ILE D 314 -13.24 22.61 -24.03
CA ILE D 314 -14.68 22.65 -23.78
C ILE D 314 -15.28 23.71 -24.68
N GLY D 315 -16.49 23.45 -25.16
CA GLY D 315 -17.13 24.32 -26.13
C GLY D 315 -16.87 23.95 -27.59
N MET D 316 -16.80 22.64 -27.86
CA MET D 316 -16.58 22.12 -29.21
C MET D 316 -17.87 22.33 -29.96
N GLY D 317 -17.72 22.80 -31.20
CA GLY D 317 -18.85 23.04 -32.10
C GLY D 317 -18.86 22.02 -33.21
N PRO D 318 -19.72 22.22 -34.23
CA PRO D 318 -19.76 21.28 -35.37
C PRO D 318 -18.53 21.41 -36.27
N PHE D 319 -18.42 20.52 -37.25
CA PHE D 319 -17.39 20.65 -38.28
C PHE D 319 -17.32 22.12 -38.78
N PRO D 320 -16.12 22.65 -39.04
CA PRO D 320 -16.06 24.06 -39.41
C PRO D 320 -16.38 24.18 -40.91
N THR D 321 -16.80 25.37 -41.34
CA THR D 321 -16.97 25.62 -42.79
C THR D 321 -15.60 25.59 -43.48
N GLU D 322 -15.61 25.42 -44.80
CA GLU D 322 -14.34 25.26 -45.54
C GLU D 322 -13.34 26.42 -45.26
N ASP D 323 -13.86 27.64 -45.17
CA ASP D 323 -13.04 28.81 -44.82
C ASP D 323 -12.47 28.83 -43.38
N LYS D 324 -12.78 27.84 -42.54
CA LYS D 324 -12.36 27.84 -41.12
C LYS D 324 -11.55 26.60 -40.71
N VAL D 325 -11.18 25.71 -41.62
CA VAL D 325 -10.55 24.46 -41.15
C VAL D 325 -9.13 24.76 -40.65
N ASP D 326 -8.78 24.15 -39.54
CA ASP D 326 -7.61 24.50 -38.76
C ASP D 326 -7.14 23.22 -38.10
N ALA D 327 -5.88 22.91 -38.36
CA ALA D 327 -5.23 21.67 -37.96
C ALA D 327 -4.99 21.61 -36.47
N ASP D 328 -4.93 22.78 -35.81
CA ASP D 328 -4.76 22.84 -34.36
C ASP D 328 -6.09 22.64 -33.64
N TRP D 329 -7.21 22.62 -34.37
CA TRP D 329 -8.54 22.41 -33.79
C TRP D 329 -9.11 21.09 -34.31
N ILE D 330 -9.01 20.04 -33.49
CA ILE D 330 -9.54 18.73 -33.84
C ILE D 330 -10.15 18.08 -32.62
N ASN D 331 -10.97 17.07 -32.88
CA ASN D 331 -11.66 16.36 -31.81
C ASN D 331 -10.97 15.01 -31.51
N ALA D 332 -11.62 14.18 -30.72
CA ALA D 332 -11.02 12.89 -30.29
C ALA D 332 -10.84 11.95 -31.46
N GLY D 333 -11.76 11.99 -32.43
CA GLY D 333 -11.60 11.25 -33.67
C GLY D 333 -10.70 11.86 -34.73
N LYS D 334 -9.88 12.87 -34.38
CA LYS D 334 -9.01 13.60 -35.33
C LYS D 334 -9.72 14.28 -36.53
N GLN D 335 -10.93 14.78 -36.28
CA GLN D 335 -11.72 15.47 -37.28
C GLN D 335 -11.60 16.93 -36.96
N THR D 336 -11.46 17.77 -37.97
CA THR D 336 -11.51 19.23 -37.76
C THR D 336 -12.88 19.66 -37.23
N ILE D 337 -12.83 20.46 -36.17
CA ILE D 337 -14.00 20.98 -35.45
C ILE D 337 -13.90 22.51 -35.31
N SER D 338 -15.04 23.11 -34.97
CA SER D 338 -15.16 24.54 -34.69
C SER D 338 -15.22 24.71 -33.20
N HIS D 339 -15.42 25.95 -32.76
CA HIS D 339 -15.67 26.18 -31.36
C HIS D 339 -16.62 27.33 -31.09
N LEU D 340 -17.40 27.20 -30.02
CA LEU D 340 -18.45 28.15 -29.69
C LEU D 340 -17.97 29.14 -28.64
N ALA D 341 -18.75 30.22 -28.49
CA ALA D 341 -18.53 31.25 -27.46
C ALA D 341 -18.42 30.60 -26.10
N GLY D 342 -17.42 31.02 -25.34
CA GLY D 342 -17.18 30.51 -24.00
C GLY D 342 -16.21 29.34 -23.95
N SER D 343 -15.46 29.14 -25.04
CA SER D 343 -14.58 28.00 -25.20
C SER D 343 -13.31 28.15 -24.37
N ALA D 344 -12.81 27.02 -23.87
CA ALA D 344 -11.55 27.03 -23.12
C ALA D 344 -10.71 25.85 -23.54
N LEU D 345 -9.43 26.12 -23.76
CA LEU D 345 -8.42 25.11 -24.05
C LEU D 345 -7.59 24.80 -22.80
N PHE D 346 -7.19 23.53 -22.68
CA PHE D 346 -6.38 23.08 -21.54
C PHE D 346 -5.56 21.88 -22.02
N ASP D 347 -4.58 21.47 -21.23
CA ASP D 347 -3.67 20.38 -21.61
C ASP D 347 -4.28 19.03 -21.22
N SER D 348 -3.65 17.93 -21.63
CA SER D 348 -4.24 16.58 -21.42
C SER D 348 -4.27 16.13 -19.97
N ALA D 349 -3.38 16.69 -19.16
CA ALA D 349 -3.34 16.37 -17.72
C ALA D 349 -4.54 16.96 -17.04
N THR D 350 -4.89 18.20 -17.41
CA THR D 350 -6.06 18.86 -16.92
C THR D 350 -7.30 18.21 -17.50
N SER D 351 -7.24 17.86 -18.78
CA SER D 351 -8.39 17.28 -19.43
C SER D 351 -8.85 16.02 -18.70
N PHE D 352 -7.94 15.11 -18.43
CA PHE D 352 -8.33 13.92 -17.69
C PHE D 352 -8.43 14.11 -16.18
N ALA D 353 -7.94 15.23 -15.61
CA ALA D 353 -8.25 15.59 -14.21
C ALA D 353 -9.72 15.94 -14.14
N MET D 354 -10.12 16.84 -15.03
CA MET D 354 -11.51 17.19 -15.30
C MET D 354 -12.40 15.94 -15.49
N ILE D 355 -11.94 14.95 -16.25
CA ILE D 355 -12.76 13.76 -16.51
C ILE D 355 -12.81 12.79 -15.34
N ARG D 356 -11.65 12.39 -14.85
CA ARG D 356 -11.52 11.45 -13.75
C ARG D 356 -12.11 12.00 -12.44
N GLY D 357 -12.09 13.33 -12.28
CA GLY D 357 -12.70 13.98 -11.12
C GLY D 357 -14.20 14.18 -11.18
N GLY D 358 -14.86 13.60 -12.20
CA GLY D 358 -16.32 13.67 -12.38
C GLY D 358 -16.89 15.05 -12.69
N HIS D 359 -16.19 15.89 -13.45
CA HIS D 359 -16.73 17.21 -13.76
C HIS D 359 -17.65 17.24 -14.99
N MET D 360 -17.81 16.13 -15.70
CA MET D 360 -18.83 15.99 -16.76
C MET D 360 -20.16 15.58 -16.14
N ASP D 361 -21.26 16.18 -16.54
CA ASP D 361 -22.55 15.81 -15.97
C ASP D 361 -23.16 14.62 -16.71
N LEU D 362 -22.65 14.35 -17.90
CA LEU D 362 -23.14 13.30 -18.77
C LEU D 362 -22.00 12.88 -19.71
N THR D 363 -21.76 11.57 -19.79
CA THR D 363 -20.73 10.96 -20.63
C THR D 363 -21.44 9.88 -21.45
N MET D 364 -21.43 10.00 -22.77
CA MET D 364 -22.18 9.06 -23.63
C MET D 364 -21.22 8.44 -24.59
N LEU D 365 -21.28 7.12 -24.68
CA LEU D 365 -20.44 6.38 -25.62
C LEU D 365 -21.10 5.08 -26.07
N GLY D 366 -20.51 4.44 -27.06
CA GLY D 366 -20.99 3.19 -27.62
C GLY D 366 -20.42 2.03 -26.84
N ALA D 367 -20.78 0.80 -27.20
CA ALA D 367 -20.28 -0.37 -26.51
C ALA D 367 -20.41 -1.59 -27.40
N LEU D 368 -19.47 -2.50 -27.23
CA LEU D 368 -19.59 -3.80 -27.86
C LEU D 368 -20.51 -4.69 -27.05
N GLU D 369 -20.48 -4.52 -25.72
CA GLU D 369 -21.22 -5.37 -24.77
C GLU D 369 -21.43 -4.56 -23.51
N VAL D 370 -22.64 -4.57 -22.95
CA VAL D 370 -22.93 -3.88 -21.69
C VAL D 370 -23.69 -4.86 -20.78
N ALA D 371 -23.41 -4.81 -19.49
CA ALA D 371 -23.94 -5.81 -18.56
C ALA D 371 -24.82 -5.19 -17.47
N ALA D 372 -25.70 -6.02 -16.91
CA ALA D 372 -26.59 -5.66 -15.79
C ALA D 372 -25.79 -5.26 -14.52
N ASN D 373 -24.60 -5.85 -14.34
CA ASN D 373 -23.52 -5.26 -13.52
C ASN D 373 -23.46 -3.73 -13.58
N GLY D 374 -23.67 -3.19 -14.79
CA GLY D 374 -23.20 -1.86 -15.16
C GLY D 374 -21.81 -1.87 -15.80
N ASP D 375 -21.24 -3.05 -16.04
CA ASP D 375 -19.94 -3.18 -16.69
C ASP D 375 -20.11 -2.93 -18.17
N LEU D 376 -19.04 -2.44 -18.78
CA LEU D 376 -19.04 -1.96 -20.15
C LEU D 376 -17.87 -2.60 -20.84
N ALA D 377 -18.06 -3.12 -22.04
CA ALA D 377 -16.94 -3.61 -22.86
C ALA D 377 -16.88 -2.85 -24.19
N ASN D 378 -15.68 -2.40 -24.58
CA ASN D 378 -15.42 -1.73 -25.87
C ASN D 378 -14.34 -2.36 -26.74
N PHE D 379 -13.79 -3.46 -26.29
CA PHE D 379 -12.74 -4.11 -27.02
C PHE D 379 -13.06 -5.55 -27.28
N MET D 380 -12.72 -6.04 -28.45
CA MET D 380 -13.01 -7.40 -28.78
C MET D 380 -12.00 -8.30 -28.11
N ILE D 381 -12.19 -9.60 -28.22
CA ILE D 381 -11.36 -10.58 -27.56
C ILE D 381 -9.94 -10.24 -27.86
N PRO D 382 -9.08 -10.33 -26.78
CA PRO D 382 -7.70 -9.94 -27.08
C PRO D 382 -7.01 -10.91 -28.01
N GLY D 383 -6.01 -10.38 -28.69
CA GLY D 383 -5.26 -11.16 -29.64
C GLY D 383 -6.11 -11.38 -30.87
N LYS D 384 -7.21 -10.67 -30.97
CA LYS D 384 -8.07 -10.83 -32.11
C LYS D 384 -7.78 -9.62 -32.95
N LEU D 385 -8.27 -8.47 -32.53
CA LEU D 385 -8.05 -7.24 -33.26
C LEU D 385 -7.62 -6.22 -32.24
N VAL D 386 -6.70 -5.35 -32.63
CA VAL D 386 -6.07 -4.36 -31.75
C VAL D 386 -6.63 -2.97 -31.76
N LYS D 387 -7.02 -2.46 -30.60
CA LYS D 387 -7.59 -1.12 -30.57
C LYS D 387 -6.85 -0.06 -29.75
N GLY D 388 -6.58 -0.39 -28.51
CA GLY D 388 -5.97 0.52 -27.59
C GLY D 388 -7.11 1.10 -26.80
N PRO D 389 -6.90 1.40 -25.54
CA PRO D 389 -7.94 1.97 -24.70
C PRO D 389 -8.34 3.40 -24.98
N GLY D 390 -7.47 4.20 -25.60
CA GLY D 390 -7.73 5.60 -25.72
C GLY D 390 -8.06 6.24 -24.38
N GLY D 391 -9.03 7.16 -24.42
CA GLY D 391 -9.58 7.79 -23.22
C GLY D 391 -10.83 7.18 -22.61
N ALA D 392 -11.34 6.11 -23.21
CA ALA D 392 -12.63 5.54 -22.81
C ALA D 392 -12.63 5.00 -21.38
N MET D 393 -11.52 4.38 -20.94
CA MET D 393 -11.44 3.79 -19.60
C MET D 393 -11.50 4.91 -18.60
N ASP D 394 -10.83 6.03 -18.93
CA ASP D 394 -10.84 7.21 -18.05
C ASP D 394 -12.25 7.79 -18.00
N LEU D 395 -12.89 7.90 -19.18
CA LEU D 395 -14.26 8.40 -19.30
C LEU D 395 -15.33 7.62 -18.54
N VAL D 396 -15.31 6.30 -18.56
CA VAL D 396 -16.35 5.51 -17.83
C VAL D 396 -16.08 5.34 -16.31
N SER D 397 -14.87 5.68 -15.86
CA SER D 397 -14.46 5.56 -14.47
C SER D 397 -14.67 6.87 -13.73
N CYS D 398 -15.24 7.85 -14.44
CA CYS D 398 -15.40 9.23 -13.97
C CYS D 398 -16.22 9.36 -12.68
N GLY D 399 -16.97 8.31 -12.33
CA GLY D 399 -17.78 8.30 -11.11
C GLY D 399 -19.10 9.05 -11.31
N THR D 400 -19.44 9.29 -12.57
CA THR D 400 -20.45 10.28 -12.94
C THR D 400 -21.31 9.66 -14.05
N ARG D 401 -22.41 10.31 -14.42
CA ARG D 401 -23.45 9.66 -15.25
C ARG D 401 -22.95 9.19 -16.64
N VAL D 402 -22.92 7.88 -16.83
CA VAL D 402 -22.51 7.25 -18.09
C VAL D 402 -23.74 6.66 -18.75
N VAL D 403 -23.92 6.94 -20.04
CA VAL D 403 -25.08 6.48 -20.78
C VAL D 403 -24.52 5.87 -22.04
N VAL D 404 -24.87 4.61 -22.29
CA VAL D 404 -24.38 3.85 -23.40
C VAL D 404 -25.46 3.92 -24.45
N THR D 405 -25.08 4.27 -25.67
CA THR D 405 -25.99 4.38 -26.81
C THR D 405 -25.49 3.40 -27.89
N THR D 406 -26.21 2.33 -28.10
CA THR D 406 -25.73 1.29 -28.99
C THR D 406 -26.85 0.45 -29.56
N THR D 407 -26.59 -0.24 -30.67
CA THR D 407 -27.61 -1.14 -31.17
C THR D 407 -27.79 -2.34 -30.19
N HIS D 408 -29.03 -2.83 -30.14
CA HIS D 408 -29.45 -3.90 -29.23
C HIS D 408 -28.67 -5.25 -29.37
N CYS D 409 -28.33 -5.61 -30.60
CA CYS D 409 -27.66 -6.89 -30.89
C CYS D 409 -26.59 -6.69 -31.91
N ASN D 410 -25.63 -7.61 -31.93
CA ASN D 410 -24.71 -7.70 -33.05
C ASN D 410 -25.51 -8.02 -34.32
N LYS D 411 -24.94 -7.70 -35.48
CA LYS D 411 -25.53 -8.08 -36.78
C LYS D 411 -25.83 -9.60 -36.88
N ASN D 412 -25.01 -10.37 -36.21
CA ASN D 412 -25.18 -11.78 -35.86
C ASN D 412 -26.54 -12.21 -35.25
N GLY D 413 -27.15 -11.31 -34.49
CA GLY D 413 -28.33 -11.65 -33.67
C GLY D 413 -28.01 -11.82 -32.19
N ASP D 414 -26.72 -12.05 -31.89
CA ASP D 414 -26.26 -12.16 -30.51
C ASP D 414 -26.57 -10.90 -29.72
N PRO D 415 -27.10 -11.06 -28.49
CA PRO D 415 -27.39 -9.87 -27.69
C PRO D 415 -26.12 -9.12 -27.30
N LYS D 416 -26.24 -7.81 -27.20
CA LYS D 416 -25.18 -6.95 -26.66
C LYS D 416 -25.39 -6.59 -25.18
N ILE D 417 -26.62 -6.76 -24.70
CA ILE D 417 -26.90 -6.52 -23.29
C ILE D 417 -26.98 -7.91 -22.68
N VAL D 418 -26.15 -8.19 -21.68
CA VAL D 418 -25.97 -9.55 -21.12
C VAL D 418 -25.81 -9.49 -19.61
N GLU D 419 -25.77 -10.64 -18.96
CA GLU D 419 -25.68 -10.72 -17.49
C GLU D 419 -24.35 -10.18 -17.02
N ARG D 420 -23.30 -10.75 -17.59
CA ARG D 420 -21.92 -10.33 -17.35
C ARG D 420 -21.11 -10.36 -18.63
N CYS D 421 -20.15 -9.45 -18.72
CA CYS D 421 -19.32 -9.33 -19.91
C CYS D 421 -18.49 -10.62 -20.16
N ARG D 422 -18.57 -11.16 -21.37
CA ARG D 422 -17.61 -12.14 -21.90
C ARG D 422 -16.40 -11.44 -22.57
N LEU D 423 -16.62 -10.26 -23.17
CA LEU D 423 -15.50 -9.44 -23.68
C LEU D 423 -14.77 -8.72 -22.53
N PRO D 424 -13.48 -8.41 -22.73
CA PRO D 424 -12.72 -7.58 -21.79
C PRO D 424 -13.42 -6.29 -21.44
N VAL D 425 -13.46 -6.02 -20.14
CA VAL D 425 -14.13 -4.87 -19.58
C VAL D 425 -13.37 -3.56 -19.82
N THR D 426 -14.10 -2.53 -20.20
CA THR D 426 -13.57 -1.16 -20.30
C THR D 426 -13.61 -0.49 -18.93
N GLY D 427 -14.69 -0.71 -18.20
CA GLY D 427 -14.84 -0.21 -16.85
C GLY D 427 -15.92 -0.97 -16.14
N LYS D 428 -15.87 -0.90 -14.81
CA LYS D 428 -16.66 -1.74 -13.90
C LYS D 428 -17.77 -0.94 -13.26
N HIS D 429 -18.97 -1.50 -13.18
CA HIS D 429 -20.08 -0.90 -12.40
C HIS D 429 -20.23 0.60 -12.66
N CYS D 430 -20.22 0.98 -13.94
CA CYS D 430 -20.20 2.40 -14.39
C CYS D 430 -21.38 2.88 -15.24
N VAL D 431 -22.06 1.99 -15.97
CA VAL D 431 -23.18 2.41 -16.84
C VAL D 431 -24.45 2.66 -16.04
N CYS D 432 -25.07 3.82 -16.27
CA CYS D 432 -26.33 4.19 -15.62
C CYS D 432 -27.57 3.88 -16.50
N ARG D 433 -27.45 4.09 -17.81
CA ARG D 433 -28.54 3.95 -18.80
C ARG D 433 -28.01 3.29 -20.08
N ILE D 434 -28.81 2.41 -20.66
CA ILE D 434 -28.54 1.81 -21.96
C ILE D 434 -29.65 2.29 -22.91
N ILE D 435 -29.28 2.89 -24.04
CA ILE D 435 -30.25 3.36 -25.05
C ILE D 435 -29.96 2.55 -26.28
N THR D 436 -30.96 1.82 -26.77
CA THR D 436 -30.86 1.07 -28.01
C THR D 436 -31.99 1.50 -28.90
N GLU D 437 -32.10 0.88 -30.09
CA GLU D 437 -33.15 1.22 -31.05
C GLU D 437 -34.50 0.62 -30.67
N TYR D 438 -34.51 -0.28 -29.68
CA TYR D 438 -35.75 -0.89 -29.20
C TYR D 438 -36.11 -0.56 -27.77
N ALA D 439 -35.15 -0.16 -26.95
CA ALA D 439 -35.39 -0.03 -25.52
C ALA D 439 -34.49 0.97 -24.83
N VAL D 440 -34.99 1.50 -23.69
CA VAL D 440 -34.14 2.17 -22.69
C VAL D 440 -34.14 1.34 -21.39
N PHE D 441 -32.94 1.03 -20.88
CA PHE D 441 -32.76 0.32 -19.63
C PHE D 441 -32.08 1.29 -18.67
N ASP D 442 -32.43 1.19 -17.39
CA ASP D 442 -31.63 1.71 -16.29
C ASP D 442 -30.93 0.60 -15.54
N VAL D 443 -29.75 0.93 -15.02
CA VAL D 443 -29.01 0.06 -14.13
C VAL D 443 -29.25 0.58 -12.74
N VAL D 444 -29.92 -0.24 -11.95
CA VAL D 444 -30.41 0.14 -10.61
C VAL D 444 -30.00 -0.98 -9.68
N ASP D 445 -29.22 -0.64 -8.65
CA ASP D 445 -28.63 -1.62 -7.72
C ASP D 445 -28.19 -2.90 -8.41
N GLY D 446 -27.31 -2.72 -9.40
CA GLY D 446 -26.73 -3.84 -10.16
C GLY D 446 -27.68 -4.74 -10.95
N ARG D 447 -28.85 -4.22 -11.29
CA ARG D 447 -29.84 -4.97 -12.06
C ARG D 447 -30.56 -4.04 -13.03
N LEU D 448 -31.15 -4.66 -14.04
CA LEU D 448 -31.63 -3.97 -15.22
C LEU D 448 -33.14 -3.75 -15.08
N VAL D 449 -33.58 -2.53 -15.40
CA VAL D 449 -35.00 -2.14 -15.33
C VAL D 449 -35.39 -1.54 -16.68
N LEU D 450 -36.40 -2.12 -17.34
CA LEU D 450 -36.89 -1.62 -18.61
C LEU D 450 -37.76 -0.41 -18.38
N LYS D 451 -37.36 0.74 -18.93
CA LYS D 451 -38.13 1.97 -18.77
C LYS D 451 -38.99 2.31 -19.97
N GLU D 452 -38.52 1.94 -21.16
CA GLU D 452 -39.12 2.41 -22.45
C GLU D 452 -38.94 1.37 -23.54
N ILE D 453 -39.85 1.35 -24.50
CA ILE D 453 -39.69 0.51 -25.69
C ILE D 453 -40.16 1.29 -26.88
N ALA D 454 -39.54 1.05 -28.01
CA ALA D 454 -39.89 1.72 -29.26
C ALA D 454 -41.24 1.29 -29.72
N GLU D 455 -41.83 2.12 -30.56
CA GLU D 455 -43.13 1.88 -31.21
C GLU D 455 -43.17 0.52 -31.91
N ASP D 456 -42.07 0.17 -32.59
CA ASP D 456 -41.98 -1.06 -33.40
C ASP D 456 -41.62 -2.40 -32.68
N THR D 457 -41.64 -2.44 -31.34
CA THR D 457 -41.52 -3.70 -30.59
C THR D 457 -42.59 -3.84 -29.50
N THR D 458 -42.47 -4.93 -28.77
CA THR D 458 -43.20 -5.21 -27.58
C THR D 458 -42.16 -5.63 -26.52
N VAL D 459 -42.61 -5.71 -25.28
CA VAL D 459 -41.78 -6.17 -24.18
C VAL D 459 -41.26 -7.60 -24.42
N ASP D 460 -42.15 -8.51 -24.82
CA ASP D 460 -41.79 -9.92 -25.01
C ASP D 460 -40.69 -10.11 -26.06
N GLN D 461 -40.67 -9.25 -27.10
CA GLN D 461 -39.56 -9.31 -28.08
C GLN D 461 -38.29 -8.70 -27.50
N VAL D 462 -38.41 -7.64 -26.72
CA VAL D 462 -37.26 -7.12 -26.01
C VAL D 462 -36.65 -8.27 -25.17
N LYS D 463 -37.46 -9.02 -24.43
CA LYS D 463 -36.94 -10.19 -23.69
C LYS D 463 -36.10 -11.12 -24.54
N LYS D 464 -36.62 -11.45 -25.74
CA LYS D 464 -35.96 -12.37 -26.68
C LYS D 464 -34.64 -11.79 -27.13
N LEU D 465 -34.65 -10.48 -27.35
CA LEU D 465 -33.49 -9.80 -27.88
C LEU D 465 -32.39 -9.52 -26.84
N THR D 466 -32.68 -9.62 -25.54
CA THR D 466 -31.68 -9.34 -24.49
C THR D 466 -31.29 -10.61 -23.69
N GLY D 467 -30.00 -10.72 -23.36
CA GLY D 467 -29.40 -11.90 -22.75
C GLY D 467 -29.45 -11.96 -21.25
N VAL D 468 -30.34 -11.19 -20.66
CA VAL D 468 -30.66 -11.30 -19.25
C VAL D 468 -32.05 -10.80 -19.06
N GLY D 469 -32.59 -11.13 -17.89
CA GLY D 469 -33.87 -10.63 -17.45
C GLY D 469 -33.75 -9.25 -16.81
N PHE D 470 -34.91 -8.67 -16.60
CA PHE D 470 -34.99 -7.30 -16.15
C PHE D 470 -36.35 -7.09 -15.54
N ASP D 471 -36.43 -6.06 -14.71
CA ASP D 471 -37.66 -5.58 -14.11
C ASP D 471 -38.48 -4.89 -15.23
N ALA D 472 -39.71 -5.34 -15.46
CA ALA D 472 -40.55 -4.88 -16.59
C ALA D 472 -41.94 -4.41 -16.14
N ASP D 473 -42.00 -3.82 -14.95
CA ASP D 473 -43.26 -3.48 -14.29
C ASP D 473 -43.82 -2.11 -14.69
N ASN D 474 -42.97 -1.17 -15.09
CA ASN D 474 -43.40 0.16 -15.47
C ASN D 474 -42.67 0.58 -16.73
N VAL D 475 -43.30 0.33 -17.88
CA VAL D 475 -42.71 0.60 -19.20
C VAL D 475 -43.58 1.54 -20.00
N ILE D 476 -42.99 2.63 -20.49
CA ILE D 476 -43.69 3.54 -21.38
C ILE D 476 -43.13 3.44 -22.78
N THR D 477 -43.78 4.12 -23.72
CA THR D 477 -43.33 4.18 -25.11
C THR D 477 -42.21 5.23 -25.27
N MET D 478 -41.13 4.84 -25.93
CA MET D 478 -39.92 5.66 -26.06
C MET D 478 -40.16 6.90 -26.92
N PRO D 479 -39.95 8.13 -26.36
CA PRO D 479 -40.05 9.35 -27.15
C PRO D 479 -38.75 9.67 -27.92
N LEU D 480 -38.84 10.58 -28.90
CA LEU D 480 -37.71 10.96 -29.76
C LEU D 480 -37.66 12.46 -29.90
N ALA D 481 -36.46 13.04 -29.85
CA ALA D 481 -36.27 14.45 -30.27
C ALA D 481 -36.80 14.65 -31.71
N PRO D 482 -37.36 15.84 -32.04
CA PRO D 482 -37.77 16.15 -33.44
C PRO D 482 -36.60 16.14 -34.42
#